data_7KJL
# 
_entry.id   7KJL 
# 
_audit_conform.dict_name       mmcif_pdbx.dic 
_audit_conform.dict_version    5.380 
_audit_conform.dict_location   http://mmcif.pdb.org/dictionaries/ascii/mmcif_pdbx.dic 
# 
loop_
_database_2.database_id 
_database_2.database_code 
_database_2.pdbx_database_accession 
_database_2.pdbx_DOI 
PDB   7KJL         pdb_00007kjl 10.2210/pdb7kjl/pdb 
WWPDB D_1000252575 ?            ?                   
# 
_pdbx_database_status.status_code                     REL 
_pdbx_database_status.status_code_sf                  REL 
_pdbx_database_status.status_code_mr                  ? 
_pdbx_database_status.entry_id                        7KJL 
_pdbx_database_status.recvd_initial_deposition_date   2020-10-26 
_pdbx_database_status.SG_entry                        N 
_pdbx_database_status.deposit_site                    RCSB 
_pdbx_database_status.process_site                    RCSB 
_pdbx_database_status.status_code_cs                  ? 
_pdbx_database_status.status_code_nmr_data            ? 
_pdbx_database_status.methods_development_category    ? 
_pdbx_database_status.pdb_format_compatible           Y 
# 
loop_
_audit_author.name 
_audit_author.pdbx_ordinal 
_audit_author.identifier_ORCID 
'Walton, W.G.'  1 0000-0001-6745-534X 
'Redinbo, M.R.' 2 0000-0003-0814-5346 
'Dangl, J.L.'   3 0000-0003-3199-8654 
# 
_citation.abstract                  ? 
_citation.abstract_id_CAS           ? 
_citation.book_id_ISBN              ? 
_citation.book_publisher            ? 
_citation.book_publisher_city       ? 
_citation.book_title                ? 
_citation.coordinate_linkage        ? 
_citation.country                   UK 
_citation.database_id_Medline       ? 
_citation.details                   ? 
_citation.id                        primary 
_citation.journal_abbrev            'Nat Microbiol' 
_citation.journal_id_ASTM           ? 
_citation.journal_id_CSD            ? 
_citation.journal_id_ISSN           2058-5276 
_citation.journal_full              ? 
_citation.journal_issue             ? 
_citation.journal_volume            7 
_citation.language                  ? 
_citation.page_first                1817 
_citation.page_last                 1833 
_citation.title                     'Diverse MarR bacterial regulators of auxin catabolism in the plant microbiome.' 
_citation.year                      2022 
_citation.database_id_CSD           ? 
_citation.pdbx_database_id_DOI      10.1038/s41564-022-01244-3 
_citation.pdbx_database_id_PubMed   36266335 
_citation.unpublished_flag          ? 
# 
loop_
_citation_author.citation_id 
_citation_author.name 
_citation_author.ordinal 
_citation_author.identifier_ORCID 
primary 'Conway, J.M.'       1  0000-0002-2715-2149 
primary 'Walton, W.G.'       2  ?                   
primary 'Salas-Gonzalez, I.' 3  0000-0002-0347-5058 
primary 'Law, T.F.'          4  ?                   
primary 'Lindberg, C.A.'     5  ?                   
primary 'Crook, L.E.'        6  ?                   
primary 'Kosina, S.M.'       7  0000-0003-2885-1248 
primary 'Fitzpatrick, C.R.'  8  ?                   
primary 'Lietzan, A.D.'      9  0000-0001-6388-2491 
primary 'Northen, T.R.'      10 0000-0001-8404-3259 
primary 'Jones, C.D.'        11 ?                   
primary 'Finkel, O.M.'       12 0000-0003-4770-0402 
primary 'Redinbo, M.R.'      13 0000-0003-0814-5346 
primary 'Dangl, J.L.'        14 0000-0003-3199-8654 
# 
_cell.angle_alpha                  90.000 
_cell.angle_alpha_esd              ? 
_cell.angle_beta                   90.000 
_cell.angle_beta_esd               ? 
_cell.angle_gamma                  90.000 
_cell.angle_gamma_esd              ? 
_cell.entry_id                     7KJL 
_cell.details                      ? 
_cell.formula_units_Z              ? 
_cell.length_a                     54.826 
_cell.length_a_esd                 ? 
_cell.length_b                     113.864 
_cell.length_b_esd                 ? 
_cell.length_c                     116.416 
_cell.length_c_esd                 ? 
_cell.volume                       726751.055 
_cell.volume_esd                   ? 
_cell.Z_PDB                        16 
_cell.reciprocal_angle_alpha       ? 
_cell.reciprocal_angle_beta        ? 
_cell.reciprocal_angle_gamma       ? 
_cell.reciprocal_angle_alpha_esd   ? 
_cell.reciprocal_angle_beta_esd    ? 
_cell.reciprocal_angle_gamma_esd   ? 
_cell.reciprocal_length_a          ? 
_cell.reciprocal_length_b          ? 
_cell.reciprocal_length_c          ? 
_cell.reciprocal_length_a_esd      ? 
_cell.reciprocal_length_b_esd      ? 
_cell.reciprocal_length_c_esd      ? 
_cell.pdbx_unique_axis             ? 
# 
_symmetry.entry_id                         7KJL 
_symmetry.cell_setting                     ? 
_symmetry.Int_Tables_number                22 
_symmetry.space_group_name_Hall            'F 2 2' 
_symmetry.space_group_name_H-M             'F 2 2 2' 
_symmetry.pdbx_full_space_group_name_H-M   ? 
# 
loop_
_entity.id 
_entity.type 
_entity.src_method 
_entity.pdbx_description 
_entity.formula_weight 
_entity.pdbx_number_of_molecules 
_entity.pdbx_ec 
_entity.pdbx_mutation 
_entity.pdbx_fragment 
_entity.details 
1 polymer     man 'Transcriptional regulator, MarR family' 20969.717 1  ? ? ? ? 
2 non-polymer syn '2-HYDROXYBENZOIC ACID'                  138.121   1  ? ? ? ? 
3 non-polymer syn 'SULFATE ION'                            96.063    3  ? ? ? ? 
4 water       nat water                                    18.015    98 ? ? ? ? 
# 
_entity_poly.entity_id                      1 
_entity_poly.type                           'polypeptide(L)' 
_entity_poly.nstd_linkage                   no 
_entity_poly.nstd_monomer                   no 
_entity_poly.pdbx_seq_one_letter_code       
;MHHHHHHSSGVDLGTENLYFQSNAMAEQPPETHRFVDDYLPALLAQASQLISSEFHEVARQHGFSVSEWRVMASLAGSEP
ISIGQLAQVTVTKQPTVTRLLDRMEARGQVERLPHESDRRITLVRITRKGLKAVEHLMELAREHERRVLEPFGLRRAEEL
KQTLRQMIDLHVHVPVEEPEED
;
_entity_poly.pdbx_seq_one_letter_code_can   
;MHHHHHHSSGVDLGTENLYFQSNAMAEQPPETHRFVDDYLPALLAQASQLISSEFHEVARQHGFSVSEWRVMASLAGSEP
ISIGQLAQVTVTKQPTVTRLLDRMEARGQVERLPHESDRRITLVRITRKGLKAVEHLMELAREHERRVLEPFGLRRAEEL
KQTLRQMIDLHVHVPVEEPEED
;
_entity_poly.pdbx_strand_id                 A 
_entity_poly.pdbx_target_identifier         ? 
# 
loop_
_entity_poly_seq.entity_id 
_entity_poly_seq.num 
_entity_poly_seq.mon_id 
_entity_poly_seq.hetero 
1 1   MET n 
1 2   HIS n 
1 3   HIS n 
1 4   HIS n 
1 5   HIS n 
1 6   HIS n 
1 7   HIS n 
1 8   SER n 
1 9   SER n 
1 10  GLY n 
1 11  VAL n 
1 12  ASP n 
1 13  LEU n 
1 14  GLY n 
1 15  THR n 
1 16  GLU n 
1 17  ASN n 
1 18  LEU n 
1 19  TYR n 
1 20  PHE n 
1 21  GLN n 
1 22  SER n 
1 23  ASN n 
1 24  ALA n 
1 25  MET n 
1 26  ALA n 
1 27  GLU n 
1 28  GLN n 
1 29  PRO n 
1 30  PRO n 
1 31  GLU n 
1 32  THR n 
1 33  HIS n 
1 34  ARG n 
1 35  PHE n 
1 36  VAL n 
1 37  ASP n 
1 38  ASP n 
1 39  TYR n 
1 40  LEU n 
1 41  PRO n 
1 42  ALA n 
1 43  LEU n 
1 44  LEU n 
1 45  ALA n 
1 46  GLN n 
1 47  ALA n 
1 48  SER n 
1 49  GLN n 
1 50  LEU n 
1 51  ILE n 
1 52  SER n 
1 53  SER n 
1 54  GLU n 
1 55  PHE n 
1 56  HIS n 
1 57  GLU n 
1 58  VAL n 
1 59  ALA n 
1 60  ARG n 
1 61  GLN n 
1 62  HIS n 
1 63  GLY n 
1 64  PHE n 
1 65  SER n 
1 66  VAL n 
1 67  SER n 
1 68  GLU n 
1 69  TRP n 
1 70  ARG n 
1 71  VAL n 
1 72  MET n 
1 73  ALA n 
1 74  SER n 
1 75  LEU n 
1 76  ALA n 
1 77  GLY n 
1 78  SER n 
1 79  GLU n 
1 80  PRO n 
1 81  ILE n 
1 82  SER n 
1 83  ILE n 
1 84  GLY n 
1 85  GLN n 
1 86  LEU n 
1 87  ALA n 
1 88  GLN n 
1 89  VAL n 
1 90  THR n 
1 91  VAL n 
1 92  THR n 
1 93  LYS n 
1 94  GLN n 
1 95  PRO n 
1 96  THR n 
1 97  VAL n 
1 98  THR n 
1 99  ARG n 
1 100 LEU n 
1 101 LEU n 
1 102 ASP n 
1 103 ARG n 
1 104 MET n 
1 105 GLU n 
1 106 ALA n 
1 107 ARG n 
1 108 GLY n 
1 109 GLN n 
1 110 VAL n 
1 111 GLU n 
1 112 ARG n 
1 113 LEU n 
1 114 PRO n 
1 115 HIS n 
1 116 GLU n 
1 117 SER n 
1 118 ASP n 
1 119 ARG n 
1 120 ARG n 
1 121 ILE n 
1 122 THR n 
1 123 LEU n 
1 124 VAL n 
1 125 ARG n 
1 126 ILE n 
1 127 THR n 
1 128 ARG n 
1 129 LYS n 
1 130 GLY n 
1 131 LEU n 
1 132 LYS n 
1 133 ALA n 
1 134 VAL n 
1 135 GLU n 
1 136 HIS n 
1 137 LEU n 
1 138 MET n 
1 139 GLU n 
1 140 LEU n 
1 141 ALA n 
1 142 ARG n 
1 143 GLU n 
1 144 HIS n 
1 145 GLU n 
1 146 ARG n 
1 147 ARG n 
1 148 VAL n 
1 149 LEU n 
1 150 GLU n 
1 151 PRO n 
1 152 PHE n 
1 153 GLY n 
1 154 LEU n 
1 155 ARG n 
1 156 ARG n 
1 157 ALA n 
1 158 GLU n 
1 159 GLU n 
1 160 LEU n 
1 161 LYS n 
1 162 GLN n 
1 163 THR n 
1 164 LEU n 
1 165 ARG n 
1 166 GLN n 
1 167 MET n 
1 168 ILE n 
1 169 ASP n 
1 170 LEU n 
1 171 HIS n 
1 172 VAL n 
1 173 HIS n 
1 174 VAL n 
1 175 PRO n 
1 176 VAL n 
1 177 GLU n 
1 178 GLU n 
1 179 PRO n 
1 180 GLU n 
1 181 GLU n 
1 182 ASP n 
# 
_entity_src_gen.entity_id                          1 
_entity_src_gen.pdbx_src_id                        1 
_entity_src_gen.pdbx_alt_source_flag               sample 
_entity_src_gen.pdbx_seq_type                      'Biological sequence' 
_entity_src_gen.pdbx_beg_seq_num                   1 
_entity_src_gen.pdbx_end_seq_num                   182 
_entity_src_gen.gene_src_common_name               ? 
_entity_src_gen.gene_src_genus                     ? 
_entity_src_gen.pdbx_gene_src_gene                 Vapar_1489 
_entity_src_gen.gene_src_species                   ? 
_entity_src_gen.gene_src_strain                    ? 
_entity_src_gen.gene_src_tissue                    ? 
_entity_src_gen.gene_src_tissue_fraction           ? 
_entity_src_gen.gene_src_details                   ? 
_entity_src_gen.pdbx_gene_src_fragment             ? 
_entity_src_gen.pdbx_gene_src_scientific_name      'Variovorax paradoxus' 
_entity_src_gen.pdbx_gene_src_ncbi_taxonomy_id     34073 
_entity_src_gen.pdbx_gene_src_variant              ? 
_entity_src_gen.pdbx_gene_src_cell_line            ? 
_entity_src_gen.pdbx_gene_src_atcc                 ? 
_entity_src_gen.pdbx_gene_src_organ                ? 
_entity_src_gen.pdbx_gene_src_organelle            ? 
_entity_src_gen.pdbx_gene_src_cell                 ? 
_entity_src_gen.pdbx_gene_src_cellular_location    ? 
_entity_src_gen.host_org_common_name               ? 
_entity_src_gen.pdbx_host_org_scientific_name      'Escherichia coli' 
_entity_src_gen.pdbx_host_org_ncbi_taxonomy_id     562 
_entity_src_gen.host_org_genus                     ? 
_entity_src_gen.pdbx_host_org_gene                 ? 
_entity_src_gen.pdbx_host_org_organ                ? 
_entity_src_gen.host_org_species                   ? 
_entity_src_gen.pdbx_host_org_tissue               ? 
_entity_src_gen.pdbx_host_org_tissue_fraction      ? 
_entity_src_gen.pdbx_host_org_strain               ? 
_entity_src_gen.pdbx_host_org_variant              ? 
_entity_src_gen.pdbx_host_org_cell_line            ? 
_entity_src_gen.pdbx_host_org_atcc                 ? 
_entity_src_gen.pdbx_host_org_culture_collection   ? 
_entity_src_gen.pdbx_host_org_cell                 ? 
_entity_src_gen.pdbx_host_org_organelle            ? 
_entity_src_gen.pdbx_host_org_cellular_location    ? 
_entity_src_gen.pdbx_host_org_vector_type          ? 
_entity_src_gen.pdbx_host_org_vector               ? 
_entity_src_gen.host_org_details                   ? 
_entity_src_gen.expression_system_id               ? 
_entity_src_gen.plasmid_name                       ? 
_entity_src_gen.plasmid_details                    ? 
_entity_src_gen.pdbx_description                   ? 
# 
_struct_ref.id                         1 
_struct_ref.db_name                    UNP 
_struct_ref.db_code                    C5CSP2_VARPS 
_struct_ref.pdbx_db_accession          C5CSP2 
_struct_ref.pdbx_db_isoform            ? 
_struct_ref.entity_id                  1 
_struct_ref.pdbx_seq_one_letter_code   
;MAEQPPETHRFVDDYLPALLAQASQLISSEFHEVARQHGFSVSEWRVMASLAGSEPISIGQLAQVTVTKQPTVTRLLDRM
EARGQVERLPHESDRRITLVRITRKGLKAVEHLMELAREHERRVLEPFGLRRAEELKQTLRQMIDLHVHVPVEEPEED
;
_struct_ref.pdbx_align_begin           1 
# 
_struct_ref_seq.align_id                      1 
_struct_ref_seq.ref_id                        1 
_struct_ref_seq.pdbx_PDB_id_code              7KJL 
_struct_ref_seq.pdbx_strand_id                A 
_struct_ref_seq.seq_align_beg                 25 
_struct_ref_seq.pdbx_seq_align_beg_ins_code   ? 
_struct_ref_seq.seq_align_end                 182 
_struct_ref_seq.pdbx_seq_align_end_ins_code   ? 
_struct_ref_seq.pdbx_db_accession             C5CSP2 
_struct_ref_seq.db_align_beg                  1 
_struct_ref_seq.pdbx_db_align_beg_ins_code    ? 
_struct_ref_seq.db_align_end                  158 
_struct_ref_seq.pdbx_db_align_end_ins_code    ? 
_struct_ref_seq.pdbx_auth_seq_align_beg       1 
_struct_ref_seq.pdbx_auth_seq_align_end       158 
# 
loop_
_struct_ref_seq_dif.align_id 
_struct_ref_seq_dif.pdbx_pdb_id_code 
_struct_ref_seq_dif.mon_id 
_struct_ref_seq_dif.pdbx_pdb_strand_id 
_struct_ref_seq_dif.seq_num 
_struct_ref_seq_dif.pdbx_pdb_ins_code 
_struct_ref_seq_dif.pdbx_seq_db_name 
_struct_ref_seq_dif.pdbx_seq_db_accession_code 
_struct_ref_seq_dif.db_mon_id 
_struct_ref_seq_dif.pdbx_seq_db_seq_num 
_struct_ref_seq_dif.details 
_struct_ref_seq_dif.pdbx_auth_seq_num 
_struct_ref_seq_dif.pdbx_ordinal 
1 7KJL MET A 1  ? UNP C5CSP2 ? ? 'initiating methionine' -23 1  
1 7KJL HIS A 2  ? UNP C5CSP2 ? ? 'expression tag'        -22 2  
1 7KJL HIS A 3  ? UNP C5CSP2 ? ? 'expression tag'        -21 3  
1 7KJL HIS A 4  ? UNP C5CSP2 ? ? 'expression tag'        -20 4  
1 7KJL HIS A 5  ? UNP C5CSP2 ? ? 'expression tag'        -19 5  
1 7KJL HIS A 6  ? UNP C5CSP2 ? ? 'expression tag'        -18 6  
1 7KJL HIS A 7  ? UNP C5CSP2 ? ? 'expression tag'        -17 7  
1 7KJL SER A 8  ? UNP C5CSP2 ? ? 'expression tag'        -16 8  
1 7KJL SER A 9  ? UNP C5CSP2 ? ? 'expression tag'        -15 9  
1 7KJL GLY A 10 ? UNP C5CSP2 ? ? 'expression tag'        -14 10 
1 7KJL VAL A 11 ? UNP C5CSP2 ? ? 'expression tag'        -13 11 
1 7KJL ASP A 12 ? UNP C5CSP2 ? ? 'expression tag'        -12 12 
1 7KJL LEU A 13 ? UNP C5CSP2 ? ? 'expression tag'        -11 13 
1 7KJL GLY A 14 ? UNP C5CSP2 ? ? 'expression tag'        -10 14 
1 7KJL THR A 15 ? UNP C5CSP2 ? ? 'expression tag'        -9  15 
1 7KJL GLU A 16 ? UNP C5CSP2 ? ? 'expression tag'        -8  16 
1 7KJL ASN A 17 ? UNP C5CSP2 ? ? 'expression tag'        -7  17 
1 7KJL LEU A 18 ? UNP C5CSP2 ? ? 'expression tag'        -6  18 
1 7KJL TYR A 19 ? UNP C5CSP2 ? ? 'expression tag'        -5  19 
1 7KJL PHE A 20 ? UNP C5CSP2 ? ? 'expression tag'        -4  20 
1 7KJL GLN A 21 ? UNP C5CSP2 ? ? 'expression tag'        -3  21 
1 7KJL SER A 22 ? UNP C5CSP2 ? ? 'expression tag'        -2  22 
1 7KJL ASN A 23 ? UNP C5CSP2 ? ? 'expression tag'        -1  23 
1 7KJL ALA A 24 ? UNP C5CSP2 ? ? 'expression tag'        0   24 
# 
loop_
_chem_comp.id 
_chem_comp.type 
_chem_comp.mon_nstd_flag 
_chem_comp.name 
_chem_comp.pdbx_synonyms 
_chem_comp.formula 
_chem_comp.formula_weight 
ALA 'L-peptide linking' y ALANINE                 ?                'C3 H7 N O2'     89.093  
ARG 'L-peptide linking' y ARGININE                ?                'C6 H15 N4 O2 1' 175.209 
ASN 'L-peptide linking' y ASPARAGINE              ?                'C4 H8 N2 O3'    132.118 
ASP 'L-peptide linking' y 'ASPARTIC ACID'         ?                'C4 H7 N O4'     133.103 
GLN 'L-peptide linking' y GLUTAMINE               ?                'C5 H10 N2 O3'   146.144 
GLU 'L-peptide linking' y 'GLUTAMIC ACID'         ?                'C5 H9 N O4'     147.129 
GLY 'peptide linking'   y GLYCINE                 ?                'C2 H5 N O2'     75.067  
HIS 'L-peptide linking' y HISTIDINE               ?                'C6 H10 N3 O2 1' 156.162 
HOH non-polymer         . WATER                   ?                'H2 O'           18.015  
ILE 'L-peptide linking' y ISOLEUCINE              ?                'C6 H13 N O2'    131.173 
LEU 'L-peptide linking' y LEUCINE                 ?                'C6 H13 N O2'    131.173 
LYS 'L-peptide linking' y LYSINE                  ?                'C6 H15 N2 O2 1' 147.195 
MET 'L-peptide linking' y METHIONINE              ?                'C5 H11 N O2 S'  149.211 
PHE 'L-peptide linking' y PHENYLALANINE           ?                'C9 H11 N O2'    165.189 
PRO 'L-peptide linking' y PROLINE                 ?                'C5 H9 N O2'     115.130 
SAL non-polymer         . '2-HYDROXYBENZOIC ACID' 'SALICYLIC ACID' 'C7 H6 O3'       138.121 
SER 'L-peptide linking' y SERINE                  ?                'C3 H7 N O3'     105.093 
SO4 non-polymer         . 'SULFATE ION'           ?                'O4 S -2'        96.063  
THR 'L-peptide linking' y THREONINE               ?                'C4 H9 N O3'     119.119 
TRP 'L-peptide linking' y TRYPTOPHAN              ?                'C11 H12 N2 O2'  204.225 
TYR 'L-peptide linking' y TYROSINE                ?                'C9 H11 N O3'    181.189 
VAL 'L-peptide linking' y VALINE                  ?                'C5 H11 N O2'    117.146 
# 
_exptl.absorpt_coefficient_mu     ? 
_exptl.absorpt_correction_T_max   ? 
_exptl.absorpt_correction_T_min   ? 
_exptl.absorpt_correction_type    ? 
_exptl.absorpt_process_details    ? 
_exptl.entry_id                   7KJL 
_exptl.crystals_number            1 
_exptl.details                    ? 
_exptl.method                     'X-RAY DIFFRACTION' 
_exptl.method_details             ? 
# 
_exptl_crystal.colour                      ? 
_exptl_crystal.density_diffrn              ? 
_exptl_crystal.density_Matthews            2.17 
_exptl_crystal.density_method              ? 
_exptl_crystal.density_percent_sol         43.22 
_exptl_crystal.description                 ? 
_exptl_crystal.F_000                       ? 
_exptl_crystal.id                          1 
_exptl_crystal.preparation                 ? 
_exptl_crystal.size_max                    ? 
_exptl_crystal.size_mid                    ? 
_exptl_crystal.size_min                    ? 
_exptl_crystal.size_rad                    ? 
_exptl_crystal.colour_lustre               ? 
_exptl_crystal.colour_modifier             ? 
_exptl_crystal.colour_primary              ? 
_exptl_crystal.density_meas                ? 
_exptl_crystal.density_meas_esd            ? 
_exptl_crystal.density_meas_gt             ? 
_exptl_crystal.density_meas_lt             ? 
_exptl_crystal.density_meas_temp           ? 
_exptl_crystal.density_meas_temp_esd       ? 
_exptl_crystal.density_meas_temp_gt        ? 
_exptl_crystal.density_meas_temp_lt        ? 
_exptl_crystal.pdbx_crystal_image_url      ? 
_exptl_crystal.pdbx_crystal_image_format   ? 
_exptl_crystal.pdbx_mosaicity              ? 
_exptl_crystal.pdbx_mosaicity_esd          ? 
# 
_exptl_crystal_grow.apparatus       ? 
_exptl_crystal_grow.atmosphere      ? 
_exptl_crystal_grow.crystal_id      1 
_exptl_crystal_grow.details         ? 
_exptl_crystal_grow.method          'VAPOR DIFFUSION, SITTING DROP' 
_exptl_crystal_grow.method_ref      ? 
_exptl_crystal_grow.pH              8.5 
_exptl_crystal_grow.pressure        ? 
_exptl_crystal_grow.pressure_esd    ? 
_exptl_crystal_grow.seeding         ? 
_exptl_crystal_grow.seeding_ref     ? 
_exptl_crystal_grow.temp            293 
_exptl_crystal_grow.temp_details    ? 
_exptl_crystal_grow.temp_esd        ? 
_exptl_crystal_grow.time            ? 
_exptl_crystal_grow.pdbx_details    '0.2 M Lithium Sulfate, 0.1 M Tris: HCl, pH 8.5, 25 % (w/v) PEG 3350' 
_exptl_crystal_grow.pdbx_pH_range   ? 
# 
_diffrn.ambient_environment              ? 
_diffrn.ambient_temp                     100 
_diffrn.ambient_temp_details             ? 
_diffrn.ambient_temp_esd                 ? 
_diffrn.crystal_id                       1 
_diffrn.crystal_support                  ? 
_diffrn.crystal_treatment                ? 
_diffrn.details                          ? 
_diffrn.id                               1 
_diffrn.ambient_pressure                 ? 
_diffrn.ambient_pressure_esd             ? 
_diffrn.ambient_pressure_gt              ? 
_diffrn.ambient_pressure_lt              ? 
_diffrn.ambient_temp_gt                  ? 
_diffrn.ambient_temp_lt                  ? 
_diffrn.pdbx_serial_crystal_experiment   N 
# 
_diffrn_detector.details                      ? 
_diffrn_detector.detector                     PIXEL 
_diffrn_detector.diffrn_id                    1 
_diffrn_detector.type                         'DECTRIS PILATUS3 6M' 
_diffrn_detector.area_resol_mean              ? 
_diffrn_detector.dtime                        ? 
_diffrn_detector.pdbx_frames_total            ? 
_diffrn_detector.pdbx_collection_time_total   ? 
_diffrn_detector.pdbx_collection_date         2019-12-15 
_diffrn_detector.pdbx_frequency               ? 
# 
_diffrn_radiation.collimation                      ? 
_diffrn_radiation.diffrn_id                        1 
_diffrn_radiation.filter_edge                      ? 
_diffrn_radiation.inhomogeneity                    ? 
_diffrn_radiation.monochromator                    ? 
_diffrn_radiation.polarisn_norm                    ? 
_diffrn_radiation.polarisn_ratio                   ? 
_diffrn_radiation.probe                            ? 
_diffrn_radiation.type                             ? 
_diffrn_radiation.xray_symbol                      ? 
_diffrn_radiation.wavelength_id                    1 
_diffrn_radiation.pdbx_monochromatic_or_laue_m_l   M 
_diffrn_radiation.pdbx_wavelength_list             ? 
_diffrn_radiation.pdbx_wavelength                  ? 
_diffrn_radiation.pdbx_diffrn_protocol             'SINGLE WAVELENGTH' 
_diffrn_radiation.pdbx_analyzer                    ? 
_diffrn_radiation.pdbx_scattering_type             x-ray 
# 
_diffrn_radiation_wavelength.id           1 
_diffrn_radiation_wavelength.wavelength   1.03320 
_diffrn_radiation_wavelength.wt           1.0 
# 
_diffrn_source.current                     ? 
_diffrn_source.details                     ? 
_diffrn_source.diffrn_id                   1 
_diffrn_source.power                       ? 
_diffrn_source.size                        ? 
_diffrn_source.source                      SYNCHROTRON 
_diffrn_source.target                      ? 
_diffrn_source.type                        'APS BEAMLINE 23-ID-D' 
_diffrn_source.voltage                     ? 
_diffrn_source.take-off_angle              ? 
_diffrn_source.pdbx_wavelength_list        1.03320 
_diffrn_source.pdbx_wavelength             ? 
_diffrn_source.pdbx_synchrotron_beamline   23-ID-D 
_diffrn_source.pdbx_synchrotron_site       APS 
# 
_reflns.B_iso_Wilson_estimate            27.02 
_reflns.entry_id                         7KJL 
_reflns.data_reduction_details           ? 
_reflns.data_reduction_method            ? 
_reflns.d_resolution_high                1.6 
_reflns.d_resolution_low                 40.70 
_reflns.details                          ? 
_reflns.limit_h_max                      ? 
_reflns.limit_h_min                      ? 
_reflns.limit_k_max                      ? 
_reflns.limit_k_min                      ? 
_reflns.limit_l_max                      ? 
_reflns.limit_l_min                      ? 
_reflns.number_all                       ? 
_reflns.number_obs                       24031 
_reflns.observed_criterion               ? 
_reflns.observed_criterion_F_max         ? 
_reflns.observed_criterion_F_min         ? 
_reflns.observed_criterion_I_max         ? 
_reflns.observed_criterion_I_min         ? 
_reflns.observed_criterion_sigma_F       ? 
_reflns.observed_criterion_sigma_I       ? 
_reflns.percent_possible_obs             99.13 
_reflns.R_free_details                   ? 
_reflns.Rmerge_F_all                     ? 
_reflns.Rmerge_F_obs                     ? 
_reflns.Friedel_coverage                 ? 
_reflns.number_gt                        ? 
_reflns.threshold_expression             ? 
_reflns.pdbx_redundancy                  2.0 
_reflns.pdbx_Rmerge_I_obs                ? 
_reflns.pdbx_Rmerge_I_all                ? 
_reflns.pdbx_Rsym_value                  ? 
_reflns.pdbx_netI_over_av_sigmaI         ? 
_reflns.pdbx_netI_over_sigmaI            22.68 
_reflns.pdbx_res_netI_over_av_sigmaI_2   ? 
_reflns.pdbx_res_netI_over_sigmaI_2      ? 
_reflns.pdbx_chi_squared                 ? 
_reflns.pdbx_scaling_rejects             ? 
_reflns.pdbx_d_res_high_opt              ? 
_reflns.pdbx_d_res_low_opt               ? 
_reflns.pdbx_d_res_opt_method            ? 
_reflns.phase_calculation_details        ? 
_reflns.pdbx_Rrim_I_all                  ? 
_reflns.pdbx_Rpim_I_all                  ? 
_reflns.pdbx_d_opt                       ? 
_reflns.pdbx_number_measured_all         ? 
_reflns.pdbx_diffrn_id                   1 
_reflns.pdbx_ordinal                     1 
_reflns.pdbx_CC_half                     1 
_reflns.pdbx_CC_star                     ? 
_reflns.pdbx_R_split                     ? 
# 
_reflns_shell.d_res_high                  1.6 
_reflns_shell.d_res_low                   1.657 
_reflns_shell.meanI_over_sigI_all         ? 
_reflns_shell.meanI_over_sigI_obs         ? 
_reflns_shell.number_measured_all         ? 
_reflns_shell.number_measured_obs         ? 
_reflns_shell.number_possible             ? 
_reflns_shell.number_unique_all           ? 
_reflns_shell.number_unique_obs           2237 
_reflns_shell.percent_possible_all        ? 
_reflns_shell.percent_possible_obs        ? 
_reflns_shell.Rmerge_F_all                ? 
_reflns_shell.Rmerge_F_obs                ? 
_reflns_shell.Rmerge_I_all                ? 
_reflns_shell.Rmerge_I_obs                ? 
_reflns_shell.meanI_over_sigI_gt          ? 
_reflns_shell.meanI_over_uI_all           ? 
_reflns_shell.meanI_over_uI_gt            ? 
_reflns_shell.number_measured_gt          ? 
_reflns_shell.number_unique_gt            ? 
_reflns_shell.percent_possible_gt         ? 
_reflns_shell.Rmerge_F_gt                 ? 
_reflns_shell.Rmerge_I_gt                 ? 
_reflns_shell.pdbx_redundancy             ? 
_reflns_shell.pdbx_Rsym_value             ? 
_reflns_shell.pdbx_chi_squared            ? 
_reflns_shell.pdbx_netI_over_sigmaI_all   ? 
_reflns_shell.pdbx_netI_over_sigmaI_obs   ? 
_reflns_shell.pdbx_Rrim_I_all             ? 
_reflns_shell.pdbx_Rpim_I_all             ? 
_reflns_shell.pdbx_rejects                ? 
_reflns_shell.pdbx_ordinal                1 
_reflns_shell.pdbx_diffrn_id              1 
_reflns_shell.pdbx_CC_half                0.554 
_reflns_shell.pdbx_CC_star                ? 
_reflns_shell.pdbx_R_split                ? 
# 
_refine.aniso_B[1][1]                            ? 
_refine.aniso_B[1][2]                            ? 
_refine.aniso_B[1][3]                            ? 
_refine.aniso_B[2][2]                            ? 
_refine.aniso_B[2][3]                            ? 
_refine.aniso_B[3][3]                            ? 
_refine.B_iso_max                                ? 
_refine.B_iso_mean                               33.58 
_refine.B_iso_min                                ? 
_refine.correlation_coeff_Fo_to_Fc               ? 
_refine.correlation_coeff_Fo_to_Fc_free          ? 
_refine.details                                  ? 
_refine.diff_density_max                         ? 
_refine.diff_density_max_esd                     ? 
_refine.diff_density_min                         ? 
_refine.diff_density_min_esd                     ? 
_refine.diff_density_rms                         ? 
_refine.diff_density_rms_esd                     ? 
_refine.entry_id                                 7KJL 
_refine.pdbx_refine_id                           'X-RAY DIFFRACTION' 
_refine.ls_abs_structure_details                 ? 
_refine.ls_abs_structure_Flack                   ? 
_refine.ls_abs_structure_Flack_esd               ? 
_refine.ls_abs_structure_Rogers                  ? 
_refine.ls_abs_structure_Rogers_esd              ? 
_refine.ls_d_res_high                            1.60 
_refine.ls_d_res_low                             40.70 
_refine.ls_extinction_coef                       ? 
_refine.ls_extinction_coef_esd                   ? 
_refine.ls_extinction_expression                 ? 
_refine.ls_extinction_method                     ? 
_refine.ls_goodness_of_fit_all                   ? 
_refine.ls_goodness_of_fit_all_esd               ? 
_refine.ls_goodness_of_fit_obs                   ? 
_refine.ls_goodness_of_fit_obs_esd               ? 
_refine.ls_hydrogen_treatment                    ? 
_refine.ls_matrix_type                           ? 
_refine.ls_number_constraints                    ? 
_refine.ls_number_parameters                     ? 
_refine.ls_number_reflns_all                     ? 
_refine.ls_number_reflns_obs                     24031 
_refine.ls_number_reflns_R_free                  1998 
_refine.ls_number_reflns_R_work                  22033 
_refine.ls_number_restraints                     ? 
_refine.ls_percent_reflns_obs                    99.14 
_refine.ls_percent_reflns_R_free                 8.31 
_refine.ls_R_factor_all                          ? 
_refine.ls_R_factor_obs                          0.1892 
_refine.ls_R_factor_R_free                       0.2162 
_refine.ls_R_factor_R_free_error                 ? 
_refine.ls_R_factor_R_free_error_details         ? 
_refine.ls_R_factor_R_work                       0.1868 
_refine.ls_R_Fsqd_factor_obs                     ? 
_refine.ls_R_I_factor_obs                        ? 
_refine.ls_redundancy_reflns_all                 ? 
_refine.ls_redundancy_reflns_obs                 ? 
_refine.ls_restrained_S_all                      ? 
_refine.ls_restrained_S_obs                      ? 
_refine.ls_shift_over_esd_max                    ? 
_refine.ls_shift_over_esd_mean                   ? 
_refine.ls_structure_factor_coef                 ? 
_refine.ls_weighting_details                     ? 
_refine.ls_weighting_scheme                      ? 
_refine.ls_wR_factor_all                         ? 
_refine.ls_wR_factor_obs                         ? 
_refine.ls_wR_factor_R_free                      ? 
_refine.ls_wR_factor_R_work                      ? 
_refine.occupancy_max                            ? 
_refine.occupancy_min                            ? 
_refine.solvent_model_details                    'FLAT BULK SOLVENT MODEL' 
_refine.solvent_model_param_bsol                 ? 
_refine.solvent_model_param_ksol                 ? 
_refine.pdbx_R_complete                          ? 
_refine.ls_R_factor_gt                           ? 
_refine.ls_goodness_of_fit_gt                    ? 
_refine.ls_goodness_of_fit_ref                   ? 
_refine.ls_shift_over_su_max                     ? 
_refine.ls_shift_over_su_max_lt                  ? 
_refine.ls_shift_over_su_mean                    ? 
_refine.ls_shift_over_su_mean_lt                 ? 
_refine.pdbx_ls_sigma_I                          ? 
_refine.pdbx_ls_sigma_F                          1.35 
_refine.pdbx_ls_sigma_Fsqd                       ? 
_refine.pdbx_data_cutoff_high_absF               ? 
_refine.pdbx_data_cutoff_high_rms_absF           ? 
_refine.pdbx_data_cutoff_low_absF                ? 
_refine.pdbx_isotropic_thermal_model             ? 
_refine.pdbx_ls_cross_valid_method               'FREE R-VALUE' 
_refine.pdbx_method_to_determine_struct          'MOLECULAR REPLACEMENT' 
_refine.pdbx_starting_model                      7KFO 
_refine.pdbx_stereochemistry_target_values       'GeoStd + Monomer Library + CDL v1.2' 
_refine.pdbx_R_Free_selection_details            ? 
_refine.pdbx_stereochem_target_val_spec_case     ? 
_refine.pdbx_overall_ESU_R                       ? 
_refine.pdbx_overall_ESU_R_Free                  ? 
_refine.pdbx_solvent_vdw_probe_radii             1.1100 
_refine.pdbx_solvent_ion_probe_radii             ? 
_refine.pdbx_solvent_shrinkage_radii             0.9000 
_refine.pdbx_real_space_R                        ? 
_refine.pdbx_density_correlation                 ? 
_refine.pdbx_pd_number_of_powder_patterns        ? 
_refine.pdbx_pd_number_of_points                 ? 
_refine.pdbx_pd_meas_number_of_points            ? 
_refine.pdbx_pd_proc_ls_prof_R_factor            ? 
_refine.pdbx_pd_proc_ls_prof_wR_factor           ? 
_refine.pdbx_pd_Marquardt_correlation_coeff      ? 
_refine.pdbx_pd_Fsqrd_R_factor                   ? 
_refine.pdbx_pd_ls_matrix_band_width             ? 
_refine.pdbx_overall_phase_error                 22.4240 
_refine.pdbx_overall_SU_R_free_Cruickshank_DPI   ? 
_refine.pdbx_overall_SU_R_free_Blow_DPI          ? 
_refine.pdbx_overall_SU_R_Blow_DPI               ? 
_refine.pdbx_TLS_residual_ADP_flag               ? 
_refine.pdbx_diffrn_id                           1 
_refine.overall_SU_B                             ? 
_refine.overall_SU_ML                            0.1747 
_refine.overall_SU_R_Cruickshank_DPI             ? 
_refine.overall_SU_R_free                        ? 
_refine.overall_FOM_free_R_set                   ? 
_refine.overall_FOM_work_R_set                   ? 
_refine.pdbx_average_fsc_overall                 ? 
_refine.pdbx_average_fsc_work                    ? 
_refine.pdbx_average_fsc_free                    ? 
# 
_refine_hist.pdbx_refine_id                   'X-RAY DIFFRACTION' 
_refine_hist.cycle_id                         LAST 
_refine_hist.details                          ? 
_refine_hist.d_res_high                       1.60 
_refine_hist.d_res_low                        40.70 
_refine_hist.number_atoms_solvent             98 
_refine_hist.number_atoms_total               1248 
_refine_hist.number_reflns_all                ? 
_refine_hist.number_reflns_obs                ? 
_refine_hist.number_reflns_R_free             ? 
_refine_hist.number_reflns_R_work             ? 
_refine_hist.R_factor_all                     ? 
_refine_hist.R_factor_obs                     ? 
_refine_hist.R_factor_R_free                  ? 
_refine_hist.R_factor_R_work                  ? 
_refine_hist.pdbx_number_residues_total       ? 
_refine_hist.pdbx_B_iso_mean_ligand           ? 
_refine_hist.pdbx_B_iso_mean_solvent          ? 
_refine_hist.pdbx_number_atoms_protein        1125 
_refine_hist.pdbx_number_atoms_nucleic_acid   0 
_refine_hist.pdbx_number_atoms_ligand         25 
_refine_hist.pdbx_number_atoms_lipid          ? 
_refine_hist.pdbx_number_atoms_carb           ? 
_refine_hist.pdbx_pseudo_atom_details         ? 
# 
loop_
_refine_ls_restr.pdbx_refine_id 
_refine_ls_restr.criterion 
_refine_ls_restr.dev_ideal 
_refine_ls_restr.dev_ideal_target 
_refine_ls_restr.number 
_refine_ls_restr.rejects 
_refine_ls_restr.type 
_refine_ls_restr.weight 
_refine_ls_restr.pdbx_restraint_function 
'X-RAY DIFFRACTION' ? 0.0058  ? 1279 ? f_bond_d           ? ? 
'X-RAY DIFFRACTION' ? 0.7456  ? 1740 ? f_angle_d          ? ? 
'X-RAY DIFFRACTION' ? 0.0478  ? 189  ? f_chiral_restr     ? ? 
'X-RAY DIFFRACTION' ? 0.0040  ? 233  ? f_plane_restr      ? ? 
'X-RAY DIFFRACTION' ? 30.6160 ? 184  ? f_dihedral_angle_d ? ? 
# 
loop_
_refine_ls_shell.pdbx_refine_id 
_refine_ls_shell.d_res_high 
_refine_ls_shell.d_res_low 
_refine_ls_shell.number_reflns_all 
_refine_ls_shell.number_reflns_obs 
_refine_ls_shell.number_reflns_R_free 
_refine_ls_shell.number_reflns_R_work 
_refine_ls_shell.percent_reflns_obs 
_refine_ls_shell.percent_reflns_R_free 
_refine_ls_shell.R_factor_all 
_refine_ls_shell.R_factor_obs 
_refine_ls_shell.R_factor_R_free 
_refine_ls_shell.R_factor_R_free_error 
_refine_ls_shell.R_factor_R_work 
_refine_ls_shell.redundancy_reflns_all 
_refine_ls_shell.redundancy_reflns_obs 
_refine_ls_shell.wR_factor_all 
_refine_ls_shell.wR_factor_obs 
_refine_ls_shell.wR_factor_R_free 
_refine_ls_shell.wR_factor_R_work 
_refine_ls_shell.pdbx_R_complete 
_refine_ls_shell.pdbx_total_number_of_bins_used 
_refine_ls_shell.pdbx_phase_error 
_refine_ls_shell.pdbx_fsc_work 
_refine_ls_shell.pdbx_fsc_free 
'X-RAY DIFFRACTION' 1.60 1.64  . . 136 1433 91.92  . . . 0.3155 . 0.3096 . . . . . . . . . . . 
'X-RAY DIFFRACTION' 1.64 1.68  . . 132 1543 97.33  . . . 0.3241 . 0.2806 . . . . . . . . . . . 
'X-RAY DIFFRACTION' 1.68 1.73  . . 148 1535 99.41  . . . 0.2729 . 0.2613 . . . . . . . . . . . 
'X-RAY DIFFRACTION' 1.73 1.79  . . 138 1578 99.94  . . . 0.2587 . 0.2237 . . . . . . . . . . . 
'X-RAY DIFFRACTION' 1.79 1.85  . . 143 1577 100.00 . . . 0.2322 . 0.2200 . . . . . . . . . . . 
'X-RAY DIFFRACTION' 1.85 1.93  . . 141 1562 100.00 . . . 0.2152 . 0.2042 . . . . . . . . . . . 
'X-RAY DIFFRACTION' 1.93 2.02  . . 140 1590 99.88  . . . 0.2396 . 0.1979 . . . . . . . . . . . 
'X-RAY DIFFRACTION' 2.02 2.12  . . 147 1558 100.00 . . . 0.2219 . 0.1969 . . . . . . . . . . . 
'X-RAY DIFFRACTION' 2.12 2.26  . . 141 1593 100.00 . . . 0.1957 . 0.1841 . . . . . . . . . . . 
'X-RAY DIFFRACTION' 2.26 2.43  . . 142 1579 100.00 . . . 0.1974 . 0.1901 . . . . . . . . . . . 
'X-RAY DIFFRACTION' 2.43 2.67  . . 145 1593 99.89  . . . 0.2404 . 0.1917 . . . . . . . . . . . 
'X-RAY DIFFRACTION' 2.67 3.06  . . 145 1608 99.94  . . . 0.2179 . 0.1832 . . . . . . . . . . . 
'X-RAY DIFFRACTION' 3.06 3.85  . . 148 1599 99.83  . . . 0.1958 . 0.1678 . . . . . . . . . . . 
'X-RAY DIFFRACTION' 3.86 40.70 . . 152 1685 99.78  . . . 0.2095 . 0.1734 . . . . . . . . . . . 
# 
_struct.entry_id                     7KJL 
_struct.title                        
'Crystal structure of the MarR family transcriptional regulator from Variovorax paradoxus bound to Salicylic acid' 
_struct.pdbx_model_details           ? 
_struct.pdbx_formula_weight          ? 
_struct.pdbx_formula_weight_method   ? 
_struct.pdbx_model_type_details      ? 
_struct.pdbx_CASP_flag               N 
# 
_struct_keywords.entry_id        7KJL 
_struct_keywords.text            'Transcriptional Regulator, Ligand Binding, DNA BINDING PROTEIN' 
_struct_keywords.pdbx_keywords   'DNA BINDING PROTEIN' 
# 
loop_
_struct_asym.id 
_struct_asym.pdbx_blank_PDB_chainid_flag 
_struct_asym.pdbx_modified 
_struct_asym.entity_id 
_struct_asym.details 
A N N 1 ? 
B N N 2 ? 
C N N 3 ? 
D N N 3 ? 
E N N 3 ? 
F N N 4 ? 
# 
loop_
_struct_conf.conf_type_id 
_struct_conf.id 
_struct_conf.pdbx_PDB_helix_id 
_struct_conf.beg_label_comp_id 
_struct_conf.beg_label_asym_id 
_struct_conf.beg_label_seq_id 
_struct_conf.pdbx_beg_PDB_ins_code 
_struct_conf.end_label_comp_id 
_struct_conf.end_label_asym_id 
_struct_conf.end_label_seq_id 
_struct_conf.pdbx_end_PDB_ins_code 
_struct_conf.beg_auth_comp_id 
_struct_conf.beg_auth_asym_id 
_struct_conf.beg_auth_seq_id 
_struct_conf.end_auth_comp_id 
_struct_conf.end_auth_asym_id 
_struct_conf.end_auth_seq_id 
_struct_conf.pdbx_PDB_helix_class 
_struct_conf.details 
_struct_conf.pdbx_PDB_helix_length 
HELX_P HELX_P1 AA1 ARG A 34  ? ASP A 38  ? ARG A 10  ASP A 14  5 ? 5  
HELX_P HELX_P2 AA2 TYR A 39  ? HIS A 62  ? TYR A 15  HIS A 38  1 ? 24 
HELX_P HELX_P3 AA3 SER A 65  ? ALA A 76  ? SER A 41  ALA A 52  1 ? 12 
HELX_P HELX_P4 AA4 ILE A 83  ? VAL A 91  ? ILE A 59  VAL A 67  1 ? 9  
HELX_P HELX_P5 AA5 LYS A 93  ? ARG A 107 ? LYS A 69  ARG A 83  1 ? 15 
HELX_P HELX_P6 AA6 THR A 127 ? GLU A 150 ? THR A 103 GLU A 126 1 ? 24 
HELX_P HELX_P7 AA7 PHE A 152 ? VAL A 172 ? PHE A 128 VAL A 148 1 ? 21 
# 
_struct_conf_type.id          HELX_P 
_struct_conf_type.criteria    ? 
_struct_conf_type.reference   ? 
# 
_struct_sheet.id               AA1 
_struct_sheet.type             ? 
_struct_sheet.number_strands   3 
_struct_sheet.details          ? 
# 
loop_
_struct_sheet_order.sheet_id 
_struct_sheet_order.range_id_1 
_struct_sheet_order.range_id_2 
_struct_sheet_order.offset 
_struct_sheet_order.sense 
AA1 1 2 ? anti-parallel 
AA1 2 3 ? anti-parallel 
# 
loop_
_struct_sheet_range.sheet_id 
_struct_sheet_range.id 
_struct_sheet_range.beg_label_comp_id 
_struct_sheet_range.beg_label_asym_id 
_struct_sheet_range.beg_label_seq_id 
_struct_sheet_range.pdbx_beg_PDB_ins_code 
_struct_sheet_range.end_label_comp_id 
_struct_sheet_range.end_label_asym_id 
_struct_sheet_range.end_label_seq_id 
_struct_sheet_range.pdbx_end_PDB_ins_code 
_struct_sheet_range.beg_auth_comp_id 
_struct_sheet_range.beg_auth_asym_id 
_struct_sheet_range.beg_auth_seq_id 
_struct_sheet_range.end_auth_comp_id 
_struct_sheet_range.end_auth_asym_id 
_struct_sheet_range.end_auth_seq_id 
AA1 1 ILE A 81  ? SER A 82  ? ILE A 57 SER A 58  
AA1 2 THR A 122 ? ILE A 126 ? THR A 98 ILE A 102 
AA1 3 VAL A 110 ? PRO A 114 ? VAL A 86 PRO A 90  
# 
loop_
_pdbx_struct_sheet_hbond.sheet_id 
_pdbx_struct_sheet_hbond.range_id_1 
_pdbx_struct_sheet_hbond.range_id_2 
_pdbx_struct_sheet_hbond.range_1_label_atom_id 
_pdbx_struct_sheet_hbond.range_1_label_comp_id 
_pdbx_struct_sheet_hbond.range_1_label_asym_id 
_pdbx_struct_sheet_hbond.range_1_label_seq_id 
_pdbx_struct_sheet_hbond.range_1_PDB_ins_code 
_pdbx_struct_sheet_hbond.range_1_auth_atom_id 
_pdbx_struct_sheet_hbond.range_1_auth_comp_id 
_pdbx_struct_sheet_hbond.range_1_auth_asym_id 
_pdbx_struct_sheet_hbond.range_1_auth_seq_id 
_pdbx_struct_sheet_hbond.range_2_label_atom_id 
_pdbx_struct_sheet_hbond.range_2_label_comp_id 
_pdbx_struct_sheet_hbond.range_2_label_asym_id 
_pdbx_struct_sheet_hbond.range_2_label_seq_id 
_pdbx_struct_sheet_hbond.range_2_PDB_ins_code 
_pdbx_struct_sheet_hbond.range_2_auth_atom_id 
_pdbx_struct_sheet_hbond.range_2_auth_comp_id 
_pdbx_struct_sheet_hbond.range_2_auth_asym_id 
_pdbx_struct_sheet_hbond.range_2_auth_seq_id 
AA1 1 2 N ILE A 81  ? N ILE A 57 O VAL A 124 ? O VAL A 100 
AA1 2 3 O LEU A 123 ? O LEU A 99 N LEU A 113 ? N LEU A 89  
# 
loop_
_struct_site.id 
_struct_site.pdbx_evidence_code 
_struct_site.pdbx_auth_asym_id 
_struct_site.pdbx_auth_comp_id 
_struct_site.pdbx_auth_seq_id 
_struct_site.pdbx_auth_ins_code 
_struct_site.pdbx_num_residues 
_struct_site.details 
AC1 Software A SAL 201 ? 11 'binding site for residue SAL A 201' 
AC2 Software A SO4 202 ? 12 'binding site for residue SO4 A 202' 
AC3 Software A SO4 203 ? 4  'binding site for residue SO4 A 203' 
AC4 Software A SO4 204 ? 8  'binding site for residue SO4 A 204' 
# 
loop_
_struct_site_gen.id 
_struct_site_gen.site_id 
_struct_site_gen.pdbx_num_res 
_struct_site_gen.label_comp_id 
_struct_site_gen.label_asym_id 
_struct_site_gen.label_seq_id 
_struct_site_gen.pdbx_auth_ins_code 
_struct_site_gen.auth_comp_id 
_struct_site_gen.auth_asym_id 
_struct_site_gen.auth_seq_id 
_struct_site_gen.label_atom_id 
_struct_site_gen.label_alt_id 
_struct_site_gen.symmetry 
_struct_site_gen.details 
1  AC1 11 TYR A 39  ? TYR A 15  . ? 2_565  ? 
2  AC1 11 PRO A 41  ? PRO A 17  . ? 2_565  ? 
3  AC1 11 ALA A 42  ? ALA A 18  . ? 2_565  ? 
4  AC1 11 ALA A 45  ? ALA A 21  . ? 2_565  ? 
5  AC1 11 SER A 52  ? SER A 28  . ? 1_555  ? 
6  AC1 11 TRP A 69  ? TRP A 45  . ? 1_555  ? 
7  AC1 11 ARG A 70  ? ARG A 46  . ? 1_555  ? 
8  AC1 11 SER A 74  ? SER A 50  . ? 1_555  ? 
9  AC1 11 VAL A 89  ? VAL A 65  . ? 1_555  ? 
10 AC1 11 HOH F .   ? HOH A 311 . ? 1_555  ? 
11 AC1 11 HOH F .   ? HOH A 323 . ? 1_555  ? 
12 AC2 12 ARG A 125 ? ARG A 101 . ? 1_555  ? 
13 AC2 12 ARG A 125 ? ARG A 101 . ? 14_555 ? 
14 AC2 12 THR A 127 ? THR A 103 . ? 14_555 ? 
15 AC2 12 THR A 127 ? THR A 103 . ? 1_555  ? 
16 AC2 12 ARG A 128 ? ARG A 104 . ? 14_555 ? 
17 AC2 12 ARG A 128 ? ARG A 104 . ? 1_555  ? 
18 AC2 12 HOH F .   ? HOH A 309 . ? 1_555  ? 
19 AC2 12 HOH F .   ? HOH A 309 . ? 14_555 ? 
20 AC2 12 HOH F .   ? HOH A 346 . ? 1_555  ? 
21 AC2 12 HOH F .   ? HOH A 346 . ? 14_555 ? 
22 AC2 12 HOH F .   ? HOH A 375 . ? 14_555 ? 
23 AC2 12 HOH F .   ? HOH A 375 . ? 1_555  ? 
24 AC3 4  SER A 53  ? SER A 29  . ? 1_555  ? 
25 AC3 4  HIS A 56  ? HIS A 32  . ? 1_555  ? 
26 AC3 4  ARG A 60  ? ARG A 36  . ? 1_555  ? 
27 AC3 4  ARG A 99  ? ARG A 75  . ? 3_556  ? 
28 AC4 8  ARG A 60  ? ARG A 36  . ? 3_556  ? 
29 AC4 8  SER A 65  ? SER A 41  . ? 3_556  ? 
30 AC4 8  VAL A 66  ? VAL A 42  . ? 3_556  ? 
31 AC4 8  ARG A 103 ? ARG A 79  . ? 1_555  ? 
32 AC4 8  HOH F .   ? HOH A 315 . ? 1_555  ? 
33 AC4 8  HOH F .   ? HOH A 319 . ? 1_555  ? 
34 AC4 8  HOH F .   ? HOH A 369 . ? 1_555  ? 
35 AC4 8  HOH F .   ? HOH A 376 . ? 1_555  ? 
# 
_atom_sites.entry_id                    7KJL 
_atom_sites.Cartn_transf_matrix[1][1]   ? 
_atom_sites.Cartn_transf_matrix[1][2]   ? 
_atom_sites.Cartn_transf_matrix[1][3]   ? 
_atom_sites.Cartn_transf_matrix[2][1]   ? 
_atom_sites.Cartn_transf_matrix[2][2]   ? 
_atom_sites.Cartn_transf_matrix[2][3]   ? 
_atom_sites.Cartn_transf_matrix[3][1]   ? 
_atom_sites.Cartn_transf_matrix[3][2]   ? 
_atom_sites.Cartn_transf_matrix[3][3]   ? 
_atom_sites.Cartn_transf_vector[1]      ? 
_atom_sites.Cartn_transf_vector[2]      ? 
_atom_sites.Cartn_transf_vector[3]      ? 
_atom_sites.fract_transf_matrix[1][1]   -0.01815986 
_atom_sites.fract_transf_matrix[1][2]   -0.00125415 
_atom_sites.fract_transf_matrix[1][3]   0.00115938 
_atom_sites.fract_transf_matrix[2][1]   -0.00006533 
_atom_sites.fract_transf_matrix[2][2]   0.00645257 
_atom_sites.fract_transf_matrix[2][3]   0.00595681 
_atom_sites.fract_transf_matrix[3][1]   -0.00080180 
_atom_sites.fract_transf_matrix[3][2]   0.00579691 
_atom_sites.fract_transf_matrix[3][3]   -0.00628816 
_atom_sites.fract_transf_vector[1]      0.081154 
_atom_sites.fract_transf_vector[2]      0.407051 
_atom_sites.fract_transf_vector[3]      0.378800 
_atom_sites.solution_primary            ? 
_atom_sites.solution_secondary          ? 
_atom_sites.solution_hydrogens          ? 
_atom_sites.special_details             ? 
# 
loop_
_atom_type.symbol 
_atom_type.scat_dispersion_real 
_atom_type.scat_dispersion_imag 
_atom_type.scat_Cromer_Mann_a1 
_atom_type.scat_Cromer_Mann_a2 
_atom_type.scat_Cromer_Mann_a3 
_atom_type.scat_Cromer_Mann_a4 
_atom_type.scat_Cromer_Mann_b1 
_atom_type.scat_Cromer_Mann_b2 
_atom_type.scat_Cromer_Mann_b3 
_atom_type.scat_Cromer_Mann_b4 
_atom_type.scat_Cromer_Mann_c 
_atom_type.scat_source 
_atom_type.scat_dispersion_source 
C   ? ? 3.54356 2.42580 ? ? 25.62398 1.50364  ? ? 0.0 
;2-Gaussian fit: Grosse-Kunstleve RW, Sauter NK, Adams PD: Newsletter of the IUCr Commission on Crystallographic Computing 2004, 3, 22-31.
;
? 
H   ? ? ?       ?       ? ? ?        ?        ? ? ?   ? ? 
N   ? ? 4.01032 2.96436 ? ? 19.97189 1.75589  ? ? 0.0 
;2-Gaussian fit: Grosse-Kunstleve RW, Sauter NK, Adams PD: Newsletter of the IUCr Commission on Crystallographic Computing 2004, 3, 22-31.
;
? 
O   ? ? 4.49882 3.47563 ? ? 15.80542 1.70748  ? ? 0.0 
;2-Gaussian fit: Grosse-Kunstleve RW, Sauter NK, Adams PD: Newsletter of the IUCr Commission on Crystallographic Computing 2004, 3, 22-31.
;
? 
O1- ? ? 5.12366 3.84317 ? ? 3.49406  27.47979 ? ? 0.0 
;2-Gaussian fit: Grosse-Kunstleve RW, Sauter NK, Adams PD: Newsletter of the IUCr Commission on Crystallographic Computing 2004, 3, 22-31.
;
? 
S   ? ? 9.55732 6.39887 ? ? 1.23737  29.19336 ? ? 0.0 
;2-Gaussian fit: Grosse-Kunstleve RW, Sauter NK, Adams PD: Newsletter of the IUCr Commission on Crystallographic Computing 2004, 3, 22-31.
;
? 
# 
loop_
_atom_site.group_PDB 
_atom_site.id 
_atom_site.type_symbol 
_atom_site.label_atom_id 
_atom_site.label_alt_id 
_atom_site.label_comp_id 
_atom_site.label_asym_id 
_atom_site.label_entity_id 
_atom_site.label_seq_id 
_atom_site.pdbx_PDB_ins_code 
_atom_site.Cartn_x 
_atom_site.Cartn_y 
_atom_site.Cartn_z 
_atom_site.occupancy 
_atom_site.B_iso_or_equiv 
_atom_site.pdbx_formal_charge 
_atom_site.auth_seq_id 
_atom_site.auth_comp_id 
_atom_site.auth_asym_id 
_atom_site.auth_atom_id 
_atom_site.pdbx_PDB_model_num 
ATOM   1    N N     . ARG A 1 34  ? 14.98473  15.84013  24.87832  1.000 52.31923  ? 10  ARG A N     1 
ATOM   2    C CA    . ARG A 1 34  ? 14.58000  16.30787  23.55521  1.000 39.49361  ? 10  ARG A CA    1 
ATOM   3    C C     . ARG A 1 34  ? 13.24321  15.68978  23.13530  1.000 35.95607  ? 10  ARG A C     1 
ATOM   4    O O     . ARG A 1 34  ? 13.12115  14.47816  22.97667  1.000 35.73400  ? 10  ARG A O     1 
ATOM   5    C CB    . ARG A 1 34  ? 15.65990  15.99191  22.52542  1.000 38.38924  ? 10  ARG A CB    1 
ATOM   6    C CG    . ARG A 1 34  ? 15.45087  16.67798  21.19791  1.000 44.39704  ? 10  ARG A CG    1 
ATOM   7    C CD    . ARG A 1 34  ? 16.49755  16.26149  20.19604  1.000 52.83237  ? 10  ARG A CD    1 
ATOM   8    N NE    . ARG A 1 34  ? 16.18127  16.77159  18.86648  1.000 43.36716  ? 10  ARG A NE    1 
ATOM   9    C CZ    . ARG A 1 34  ? 16.59847  16.20801  17.73980  1.000 58.10117  ? 10  ARG A CZ    1 
ATOM   10   N NH1   . ARG A 1 34  ? 17.34741  15.11112  17.77997  1.000 58.42261  ? 10  ARG A NH1   1 
ATOM   11   N NH2   . ARG A 1 34  ? 16.26220  16.73668  16.57374  1.000 44.39928  ? 10  ARG A NH2   1 
ATOM   12   N N     . PHE A 1 35  ? 12.25324  16.55823  22.93512  1.000 32.82337  ? 11  PHE A N     1 
ATOM   13   C CA    . PHE A 1 35  ? 10.87146  16.11476  22.78576  1.000 32.39883  ? 11  PHE A CA    1 
ATOM   14   C C     . PHE A 1 35  ? 10.72341  15.08782  21.67199  1.000 24.57917  ? 11  PHE A C     1 
ATOM   15   O O     . PHE A 1 35  ? 10.04141  14.06821  21.83019  1.000 27.38809  ? 11  PHE A O     1 
ATOM   16   C CB    . PHE A 1 35  ? 9.98423   17.33034  22.51889  1.000 30.60133  ? 11  PHE A CB    1 
ATOM   17   C CG    . PHE A 1 35  ? 8.60757   16.98696  22.03498  1.000 29.89331  ? 11  PHE A CG    1 
ATOM   18   C CD1   . PHE A 1 35  ? 7.60544   16.63704  22.92301  1.000 37.67007  ? 11  PHE A CD1   1 
ATOM   19   C CD2   . PHE A 1 35  ? 8.31834   17.01986  20.68226  1.000 26.66377  ? 11  PHE A CD2   1 
ATOM   20   C CE1   . PHE A 1 35  ? 6.33547   16.32619  22.46459  1.000 33.89280  ? 11  PHE A CE1   1 
ATOM   21   C CE2   . PHE A 1 35  ? 7.05510   16.70280  20.22346  1.000 27.28902  ? 11  PHE A CE2   1 
ATOM   22   C CZ    . PHE A 1 35  ? 6.06606   16.36172  21.11206  1.000 29.30512  ? 11  PHE A CZ    1 
ATOM   23   N N     . VAL A 1 36  ? 11.34083  15.35043  20.51950  1.000 24.69156  ? 12  VAL A N     1 
ATOM   24   C CA    . VAL A 1 36  ? 11.02924  14.53990  19.34357  1.000 22.44612  ? 12  VAL A CA    1 
ATOM   25   C C     . VAL A 1 36  ? 11.61275  13.13266  19.44714  1.000 27.48428  ? 12  VAL A C     1 
ATOM   26   O O     . VAL A 1 36  ? 11.12579  12.21394  18.77904  1.000 26.60802  ? 12  VAL A O     1 
ATOM   27   C CB    . VAL A 1 36  ? 11.51010  15.27993  18.07568  1.000 25.98544  ? 12  VAL A CB    1 
ATOM   28   C CG1   . VAL A 1 36  ? 13.02438  15.17034  17.90876  1.000 27.95923  ? 12  VAL A CG1   1 
ATOM   29   C CG2   . VAL A 1 36  ? 10.80404  14.76787  16.82041  1.000 26.46046  ? 12  VAL A CG2   1 
ATOM   30   N N     . ASP A 1 37  ? 12.61451  12.92444  20.30627  1.000 26.06131  ? 13  ASP A N     1 
ATOM   31   C CA    . ASP A 1 37  ? 13.31163  11.63924  20.34441  1.000 31.02479  ? 13  ASP A CA    1 
ATOM   32   C C     . ASP A 1 37  ? 12.40618  10.49589  20.78111  1.000 25.14180  ? 13  ASP A C     1 
ATOM   33   O O     . ASP A 1 37  ? 12.65348  9.33970   20.41614  1.000 28.40251  ? 13  ASP A O     1 
ATOM   34   C CB    . ASP A 1 37  ? 14.51344  11.71281  21.29022  1.000 34.66973  ? 13  ASP A CB    1 
ATOM   35   C CG    . ASP A 1 37  ? 15.67431  12.49857  20.71013  1.000 48.80235  ? 13  ASP A CG    1 
ATOM   36   O OD1   . ASP A 1 37  ? 15.78671  12.57884  19.46757  1.000 41.52813  ? 13  ASP A OD1   1 
ATOM   37   O OD2   . ASP A 1 37  ? 16.48663  13.01557  21.50832  1.000 47.23827  ? 13  ASP A OD2   1 
ATOM   38   N N     A ASP A 1 38  ? 11.37366  10.78483  21.57581  0.556 26.76969  ? 14  ASP A N     1 
ATOM   39   N N     B ASP A 1 38  ? 11.36665  10.77925  21.56524  0.444 26.80580  ? 14  ASP A N     1 
ATOM   40   C CA    A ASP A 1 38  ? 10.48681  9.74457   22.08220  0.556 30.55007  ? 14  ASP A CA    1 
ATOM   41   C CA    B ASP A 1 38  ? 10.48593  9.72451   22.05274  0.444 30.53804  ? 14  ASP A CA    1 
ATOM   42   C C     A ASP A 1 38  ? 9.02255   10.04586  21.77970  0.556 31.11557  ? 14  ASP A C     1 
ATOM   43   C C     B ASP A 1 38  ? 9.02075   10.05208  21.78607  0.444 31.10677  ? 14  ASP A C     1 
ATOM   44   O O     A ASP A 1 38  ? 8.13387   9.51498   22.44893  0.556 33.53828  ? 14  ASP A O     1 
ATOM   45   O O     B ASP A 1 38  ? 8.13104   9.55534   22.47833  0.444 33.56040  ? 14  ASP A O     1 
ATOM   46   C CB    A ASP A 1 38  ? 10.69342  9.55258   23.58829  0.556 35.04864  ? 14  ASP A CB    1 
ATOM   47   C CB    B ASP A 1 38  ? 10.71867  9.46661   23.54233  0.444 35.04906  ? 14  ASP A CB    1 
ATOM   48   C CG    A ASP A 1 38  ? 10.17432  8.21527   24.08468  0.556 36.43296  ? 14  ASP A CG    1 
ATOM   49   C CG    B ASP A 1 38  ? 10.21502  10.59667  24.41564  0.444 36.32141  ? 14  ASP A CG    1 
ATOM   50   O OD1   A ASP A 1 38  ? 10.45270  7.18184   23.43680  0.556 39.13563  ? 14  ASP A OD1   1 
ATOM   51   O OD1   B ASP A 1 38  ? 10.11623  11.73799  23.91818  0.444 43.40866  ? 14  ASP A OD1   1 
ATOM   52   O OD2   A ASP A 1 38  ? 9.49137   8.20226   25.12975  0.556 46.08930  ? 14  ASP A OD2   1 
ATOM   53   O OD2   B ASP A 1 38  ? 9.92305   10.34768  25.60648  0.444 44.02450  ? 14  ASP A OD2   1 
ATOM   54   N N     . TYR A 1 39  ? 8.75026   10.87707  20.78000  1.000 23.59003  ? 15  TYR A N     1 
ATOM   55   C CA    . TYR A 1 39  ? 7.38462   11.24259  20.43101  1.000 23.34667  ? 15  TYR A CA    1 
ATOM   56   C C     . TYR A 1 39  ? 6.85652   10.25276  19.39112  1.000 22.46349  ? 15  TYR A C     1 
ATOM   57   O O     . TYR A 1 39  ? 7.38078   10.18701  18.27703  1.000 21.99852  ? 15  TYR A O     1 
ATOM   58   C CB    . TYR A 1 39  ? 7.36823   12.67321  19.89950  1.000 23.15147  ? 15  TYR A CB    1 
ATOM   59   C CG    . TYR A 1 39  ? 6.00069   13.19815  19.51997  1.000 23.52196  ? 15  TYR A CG    1 
ATOM   60   C CD1   . TYR A 1 39  ? 4.93120   13.15108  20.41304  1.000 24.47822  ? 15  TYR A CD1   1 
ATOM   61   C CD2   . TYR A 1 39  ? 5.78889   13.75771  18.27087  1.000 24.72065  ? 15  TYR A CD2   1 
ATOM   62   C CE1   . TYR A 1 39  ? 3.69426   13.62601  20.05926  1.000 22.01566  ? 15  TYR A CE1   1 
ATOM   63   C CE2   . TYR A 1 39  ? 4.55802   14.24994  17.91041  1.000 22.35767  ? 15  TYR A CE2   1 
ATOM   64   C CZ    . TYR A 1 39  ? 3.51579   14.18869  18.80665  1.000 22.50132  ? 15  TYR A CZ    1 
ATOM   65   O OH    . TYR A 1 39  ? 2.28797   14.66424  18.42198  1.000 30.45493  ? 15  TYR A OH    1 
ATOM   66   N N     . LEU A 1 40  ? 5.84110   9.47165   19.76372  1.000 23.25703  ? 16  LEU A N     1 
ATOM   67   C CA    . LEU A 1 40  ? 5.39190   8.37047   18.90589  1.000 22.11405  ? 16  LEU A CA    1 
ATOM   68   C C     . LEU A 1 40  ? 5.12869   8.78274   17.46479  1.000 20.72956  ? 16  LEU A C     1 
ATOM   69   O O     . LEU A 1 40  ? 5.61454   8.08783   16.55741  1.000 21.36234  ? 16  LEU A O     1 
ATOM   70   C CB    . LEU A 1 40  ? 4.13520   7.71896   19.50115  1.000 26.96547  ? 16  LEU A CB    1 
ATOM   71   C CG    . LEU A 1 40  ? 3.52439   6.63386   18.60351  1.000 25.79674  ? 16  LEU A CG    1 
ATOM   72   C CD1   . LEU A 1 40  ? 4.46880   5.43978   18.45859  1.000 28.28583  ? 16  LEU A CD1   1 
ATOM   73   C CD2   . LEU A 1 40  ? 2.14209   6.19574   19.10860  1.000 30.59112  ? 16  LEU A CD2   1 
ATOM   74   N N     . PRO A 1 41  ? 4.35929   9.83878   17.17624  1.000 19.44563  ? 17  PRO A N     1 
ATOM   75   C CA    . PRO A 1 41  ? 4.10313   10.17340  15.76202  1.000 22.04269  ? 17  PRO A CA    1 
ATOM   76   C C     . PRO A 1 41  ? 5.37587   10.44565  14.97993  1.000 21.93285  ? 17  PRO A C     1 
ATOM   77   O O     . PRO A 1 41  ? 5.46261   10.07884  13.80042  1.000 19.48389  ? 17  PRO A O     1 
ATOM   78   C CB    . PRO A 1 41  ? 3.21002   11.41473  15.84655  1.000 23.52341  ? 17  PRO A CB    1 
ATOM   79   C CG    . PRO A 1 41  ? 2.55272   11.32284  17.21623  1.000 23.45329  ? 17  PRO A CG    1 
ATOM   80   C CD    . PRO A 1 41  ? 3.62319   10.72897  18.10037  1.000 23.80941  ? 17  PRO A CD    1 
ATOM   81   N N     . ALA A 1 42  ? 6.38119   11.07405  15.60709  1.000 18.28468  ? 18  ALA A N     1 
ATOM   82   C CA    . ALA A 1 42  ? 7.63751   11.28333  14.89499  1.000 17.18753  ? 18  ALA A CA    1 
ATOM   83   C C     . ALA A 1 42  ? 8.37435   9.96640   14.66011  1.000 19.13951  ? 18  ALA A C     1 
ATOM   84   O O     . ALA A 1 42  ? 8.96137   9.75316   13.58750  1.000 20.30806  ? 18  ALA A O     1 
ATOM   85   C CB    . ALA A 1 42  ? 8.52053   12.26531  15.67036  1.000 19.41947  ? 18  ALA A CB    1 
ATOM   86   N N     . LEU A 1 43  ? 8.34526   9.05901   15.64279  1.000 20.01923  ? 19  LEU A N     1 
ATOM   87   C CA    . LEU A 1 43  ? 8.99073   7.76349   15.45236  1.000 18.11010  ? 19  LEU A CA    1 
ATOM   88   C C     . LEU A 1 43  ? 8.32186   6.96931   14.33720  1.000 17.79165  ? 19  LEU A C     1 
ATOM   89   O O     . LEU A 1 43  ? 9.00325   6.38931   13.48170  1.000 19.52053  ? 19  LEU A O     1 
ATOM   90   C CB    . LEU A 1 43  ? 8.97078   6.96069   16.75579  1.000 20.38155  ? 19  LEU A CB    1 
ATOM   91   C CG    . LEU A 1 43  ? 9.69992   7.56882   17.95071  1.000 23.63906  ? 19  LEU A CG    1 
ATOM   92   C CD1   . LEU A 1 43  ? 9.41422   6.73760   19.20306  1.000 25.53958  ? 19  LEU A CD1   1 
ATOM   93   C CD2   . LEU A 1 43  ? 11.18854  7.61751   17.66816  1.000 25.47749  ? 19  LEU A CD2   1 
ATOM   94   N N     . LEU A 1 44  ? 6.98980   6.94965   14.31829  1.000 18.29492  ? 20  LEU A N     1 
ATOM   95   C CA    . LEU A 1 44  ? 6.27385   6.23468   13.26313  1.000 20.22902  ? 20  LEU A CA    1 
ATOM   96   C C     . LEU A 1 44  ? 6.58073   6.82652   11.89877  1.000 19.17713  ? 20  LEU A C     1 
ATOM   97   O O     . LEU A 1 44  ? 6.82095   6.08972   10.92596  1.000 18.63018  ? 20  LEU A O     1 
ATOM   98   C CB    . LEU A 1 44  ? 4.76083   6.28238   13.51598  1.000 23.75778  ? 20  LEU A CB    1 
ATOM   99   C CG    . LEU A 1 44  ? 4.16094   5.45263   14.64326  1.000 24.96286  ? 20  LEU A CG    1 
ATOM   100  C CD1   . LEU A 1 44  ? 2.71667   5.90807   14.86817  1.000 25.67309  ? 20  LEU A CD1   1 
ATOM   101  C CD2   . LEU A 1 44  ? 4.22558   3.98225   14.28124  1.000 22.43818  ? 20  LEU A CD2   1 
ATOM   102  N N     . ALA A 1 45  ? 6.55352   8.16293   11.79286  1.000 17.31420  ? 21  ALA A N     1 
ATOM   103  C CA    . ALA A 1 45  ? 6.75828   8.77617   10.48595  1.000 18.35799  ? 21  ALA A CA    1 
ATOM   104  C C     . ALA A 1 45  ? 8.15767   8.50761   9.95736   1.000 20.37548  ? 21  ALA A C     1 
ATOM   105  O O     . ALA A 1 45  ? 8.32904   8.21728   8.76348   1.000 19.59170  ? 21  ALA A O     1 
ATOM   106  C CB    . ALA A 1 45  ? 6.49440   10.28657  10.55284  1.000 18.94412  ? 21  ALA A CB    1 
ATOM   107  N N     . GLN A 1 46  ? 9.17852   8.61268   10.82479  1.000 19.07941  ? 22  GLN A N     1 
ATOM   108  C CA    . GLN A 1 46  ? 10.54001  8.36095   10.36103  1.000 17.82800  ? 22  GLN A CA    1 
ATOM   109  C C     . GLN A 1 46  ? 10.74605  6.89457   9.98910   1.000 17.83835  ? 22  GLN A C     1 
ATOM   110  O O     . GLN A 1 46  ? 11.36407  6.58003   8.95804   1.000 19.76929  ? 22  GLN A O     1 
ATOM   111  C CB    . GLN A 1 46  ? 11.53853  8.75071   11.44435  1.000 18.15214  ? 22  GLN A CB    1 
ATOM   112  C CG    . GLN A 1 46  ? 11.56103  10.21171  11.76212  1.000 22.67777  ? 22  GLN A CG    1 
ATOM   113  C CD    . GLN A 1 46  ? 12.41065  10.46683  12.98260  1.000 27.69913  ? 22  GLN A CD    1 
ATOM   114  O OE1   . GLN A 1 46  ? 13.64735  10.32282  12.94714  1.000 25.20981  ? 22  GLN A OE1   1 
ATOM   115  N NE2   . GLN A 1 46  ? 11.75837  10.80398  14.08157  1.000 27.99444  ? 22  GLN A NE2   1 
ATOM   116  N N     . ALA A 1 47  ? 10.28019  5.97596   10.83791  1.000 19.42112  ? 23  ALA A N     1 
ATOM   117  C CA    . ALA A 1 47  ? 10.44290  4.55524   10.52023  1.000 17.85597  ? 23  ALA A CA    1 
ATOM   118  C C     . ALA A 1 47  ? 9.76703   4.20758   9.19988   1.000 20.19657  ? 23  ALA A C     1 
ATOM   119  O O     . ALA A 1 47  ? 10.33561  3.50636   8.34999   1.000 20.90413  ? 23  ALA A O     1 
ATOM   120  C CB    . ALA A 1 47  ? 9.88142   3.69538   11.64622  1.000 19.11707  ? 23  ALA A CB    1 
ATOM   121  N N     . SER A 1 48  ? 8.53836   4.69580   9.01508   1.000 19.16089  ? 24  SER A N     1 
ATOM   122  C CA    . SER A 1 48  ? 7.81551   4.43059   7.77790   1.000 20.94854  ? 24  SER A CA    1 
ATOM   123  C C     . SER A 1 48  ? 8.55461   4.99136   6.57542   1.000 20.77301  ? 24  SER A C     1 
ATOM   124  O O     . SER A 1 48  ? 8.71876   4.30117   5.56503   1.000 21.40557  ? 24  SER A O     1 
ATOM   125  C CB    . SER A 1 48  ? 6.40779   5.02201   7.88837   1.000 20.93256  ? 24  SER A CB    1 
ATOM   126  O OG    . SER A 1 48  ? 5.74454   4.97894   6.63300   1.000 21.22010  ? 24  SER A OG    1 
ATOM   127  N N     . GLN A 1 49  ? 9.04366   6.23971   6.66589   1.000 19.19897  ? 25  GLN A N     1 
ATOM   128  C CA    . GLN A 1 49  ? 9.75147   6.80224   5.52613   1.000 18.47573  ? 25  GLN A CA    1 
ATOM   129  C C     . GLN A 1 49  ? 10.99905  5.98830   5.19635   1.000 20.96572  ? 25  GLN A C     1 
ATOM   130  O O     . GLN A 1 49  ? 11.26188  5.67359   4.03080   1.000 23.60035  ? 25  GLN A O     1 
ATOM   131  C CB    . GLN A 1 49  ? 10.10231  8.26996   5.79742   1.000 20.39663  ? 25  GLN A CB    1 
ATOM   132  C CG    . GLN A 1 49  ? 10.88847  8.93847   4.67257   1.000 26.15066  ? 25  GLN A CG    1 
ATOM   133  C CD    . GLN A 1 49  ? 12.38857  8.75650   4.81229   1.000 30.67674  ? 25  GLN A CD    1 
ATOM   134  O OE1   . GLN A 1 49  ? 12.95970  8.97222   5.88881   1.000 29.92155  ? 25  GLN A OE1   1 
ATOM   135  N NE2   . GLN A 1 49  ? 13.03599  8.35624   3.72756   1.000 35.94487  ? 25  GLN A NE2   1 
ATOM   136  N N     . LEU A 1 50  ? 11.78369  5.62380   6.21364   1.000 20.54089  ? 26  LEU A N     1 
ATOM   137  C CA    . LEU A 1 50  ? 13.04925  4.95670   5.92116   1.000 23.18089  ? 26  LEU A CA    1 
ATOM   138  C C     . LEU A 1 50  ? 12.80141  3.57951   5.29977   1.000 24.96441  ? 26  LEU A C     1 
ATOM   139  O O     . LEU A 1 50  ? 13.38692  3.23158   4.24808   1.000 26.43915  ? 26  LEU A O     1 
ATOM   140  C CB    . LEU A 1 50  ? 13.88693  4.86479   7.20375   1.000 22.61342  ? 26  LEU A CB    1 
ATOM   141  C CG    . LEU A 1 50  ? 14.37444  6.21249   7.75326   1.000 22.68998  ? 26  LEU A CG    1 
ATOM   142  C CD1   . LEU A 1 50  ? 14.77417  6.12665   9.22846   1.000 23.59696  ? 26  LEU A CD1   1 
ATOM   143  C CD2   . LEU A 1 50  ? 15.54007  6.71907   6.91378   1.000 29.12075  ? 26  LEU A CD2   1 
ATOM   144  N N     . ILE A 1 51  ? 11.87777  2.80905   5.89645   1.000 23.43365  ? 27  ILE A N     1 
ATOM   145  C CA    . ILE A 1 51  ? 11.60675  1.45773   5.40021   1.000 23.25581  ? 27  ILE A CA    1 
ATOM   146  C C     . ILE A 1 51  ? 11.00462  1.50057   3.99573   1.000 27.98152  ? 27  ILE A C     1 
ATOM   147  O O     . ILE A 1 51  ? 11.41685  0.73966   3.11042   1.000 33.69060  ? 27  ILE A O     1 
ATOM   148  C CB    . ILE A 1 51  ? 10.70020  0.69501   6.38841   1.000 24.63972  ? 27  ILE A CB    1 
ATOM   149  C CG1   . ILE A 1 51  ? 11.41176  0.48609   7.72753   1.000 29.29107  ? 27  ILE A CG1   1 
ATOM   150  C CG2   . ILE A 1 51  ? 10.29622  -0.66280  5.82506   1.000 34.79706  ? 27  ILE A CG2   1 
ATOM   151  C CD1   . ILE A 1 51  ? 12.81639  0.00682   7.56583   1.000 38.44540  ? 27  ILE A CD1   1 
ATOM   152  N N     . SER A 1 52  ? 9.99773   2.35725   3.76968   1.000 24.99371  ? 28  SER A N     1 
ATOM   153  C CA    . SER A 1 52  ? 9.34987   2.39022   2.46098   1.000 24.01893  ? 28  SER A CA    1 
ATOM   154  C C     . SER A 1 52  ? 10.29316  2.92570   1.37941   1.000 29.03238  ? 28  SER A C     1 
ATOM   155  O O     . SER A 1 52  ? 10.30550  2.40762   0.24648   1.000 30.47136  ? 28  SER A O     1 
ATOM   156  C CB    . SER A 1 52  ? 8.06232   3.22699   2.53547   1.000 29.01972  ? 28  SER A CB    1 
ATOM   157  O OG    . SER A 1 52  ? 6.99121   2.49667   3.13273   1.000 29.01316  ? 28  SER A OG    1 
ATOM   158  N N     A SER A 1 53  ? 11.08682  3.95939   1.69149   0.543 25.59223  ? 29  SER A N     1 
ATOM   159  N N     B SER A 1 53  ? 11.09401  3.95170   1.69675   0.457 25.58832  ? 29  SER A N     1 
ATOM   160  C CA    A SER A 1 53  ? 11.99166  4.50827   0.68901   0.543 28.84896  ? 29  SER A CA    1 
ATOM   161  C CA    B SER A 1 53  ? 11.99977  4.51155   0.69992   0.457 28.90581  ? 29  SER A CA    1 
ATOM   162  C C     A SER A 1 53  ? 12.98813  3.46615   0.20567   0.543 28.68951  ? 29  SER A C     1 
ATOM   163  C C     B SER A 1 53  ? 12.98945  3.46660   0.20652   0.457 28.71456  ? 29  SER A C     1 
ATOM   164  O O     A SER A 1 53  ? 13.35779  3.46688   -0.97955  0.543 26.99837  ? 29  SER A O     1 
ATOM   165  O O     B SER A 1 53  ? 13.35734  3.46069   -0.97847  0.457 27.09997  ? 29  SER A O     1 
ATOM   166  C CB    A SER A 1 53  ? 12.71895  5.72746   1.25551   0.543 28.08131  ? 29  SER A CB    1 
ATOM   167  C CB    B SER A 1 53  ? 12.73177  5.71931   1.28516   0.457 28.11014  ? 29  SER A CB    1 
ATOM   168  O OG    A SER A 1 53  ? 11.86782  6.86157   1.30326   0.543 29.84385  ? 29  SER A OG    1 
ATOM   169  O OG    B SER A 1 53  ? 13.92207  5.33325   1.95280   0.457 35.85242  ? 29  SER A OG    1 
ATOM   170  N N     . GLU A 1 54  ? 13.43306  2.56906   1.09249   1.000 29.38322  ? 30  GLU A N     1 
ATOM   171  C CA    . GLU A 1 54  ? 14.32007  1.48664   0.65017   1.000 23.53980  ? 30  GLU A CA    1 
ATOM   172  C C     . GLU A 1 54  ? 13.70049  0.67849   -0.49342  1.000 29.98320  ? 30  GLU A C     1 
ATOM   173  O O     . GLU A 1 54  ? 14.35017  0.41023   -1.51355  1.000 29.19213  ? 30  GLU A O     1 
ATOM   174  C CB    . GLU A 1 54  ? 14.65900  0.57130   1.82806   1.000 30.58613  ? 30  GLU A CB    1 
ATOM   175  C CG    . GLU A 1 54  ? 15.59668  1.22866   2.81827   1.000 33.23242  ? 30  GLU A CG    1 
ATOM   176  C CD    . GLU A 1 54  ? 16.16987  0.26625   3.83711   1.000 49.55587  ? 30  GLU A CD    1 
ATOM   177  O OE1   . GLU A 1 54  ? 15.71773  -0.89870  3.90195   1.000 37.85509  ? 30  GLU A OE1   1 
ATOM   178  O OE2   . GLU A 1 54  ? 17.08776  0.68611   4.57006   1.000 46.06786  ? 30  GLU A OE2   1 
ATOM   179  N N     . PHE A 1 55  ? 12.45012  0.26005   -0.33256  1.000 27.19482  ? 31  PHE A N     1 
ATOM   180  C CA    . PHE A 1 55  ? 11.83740  -0.55962  -1.36937  1.000 22.75258  ? 31  PHE A CA    1 
ATOM   181  C C     . PHE A 1 55  ? 11.47449  0.25541   -2.61099  1.000 28.25400  ? 31  PHE A C     1 
ATOM   182  O O     . PHE A 1 55  ? 11.36152  -0.31473  -3.71627  1.000 25.08703  ? 31  PHE A O     1 
ATOM   183  C CB    . PHE A 1 55  ? 10.59706  -1.27362  -0.82719  1.000 24.94281  ? 31  PHE A CB    1 
ATOM   184  C CG    . PHE A 1 55  ? 10.10321  -2.34391  -1.74195  1.000 22.46058  ? 31  PHE A CG    1 
ATOM   185  C CD1   . PHE A 1 55  ? 10.84201  -3.50014  -1.91781  1.000 24.76683  ? 31  PHE A CD1   1 
ATOM   186  C CD2   . PHE A 1 55  ? 8.93074   -2.17555  -2.46833  1.000 33.92478  ? 31  PHE A CD2   1 
ATOM   187  C CE1   . PHE A 1 55  ? 10.42571  -4.49394  -2.81011  1.000 27.74451  ? 31  PHE A CE1   1 
ATOM   188  C CE2   . PHE A 1 55  ? 8.49945   -3.16098  -3.34229  1.000 26.53484  ? 31  PHE A CE2   1 
ATOM   189  C CZ    . PHE A 1 55  ? 9.24181   -4.31653  -3.51258  1.000 29.93274  ? 31  PHE A CZ    1 
ATOM   190  N N     . HIS A 1 56  ? 11.26652  1.56959   -2.45564  1.000 25.62363  ? 32  HIS A N     1 
ATOM   191  C CA    . HIS A 1 56  ? 10.85882  2.38468   -3.60936  1.000 25.31817  ? 32  HIS A CA    1 
ATOM   192  C C     . HIS A 1 56  ? 11.86750  2.32298   -4.74636  1.000 25.62082  ? 32  HIS A C     1 
ATOM   193  O O     . HIS A 1 56  ? 11.49103  2.36427   -5.92828  1.000 24.72786  ? 32  HIS A O     1 
ATOM   194  C CB    . HIS A 1 56  ? 10.65504  3.83041   -3.17909  1.000 27.03830  ? 32  HIS A CB    1 
ATOM   195  C CG    . HIS A 1 56  ? 9.47629   4.01734   -2.29305  1.000 33.00177  ? 32  HIS A CG    1 
ATOM   196  N ND1   . HIS A 1 56  ? 9.25870   5.17654   -1.58068  1.000 35.97071  ? 32  HIS A ND1   1 
ATOM   197  C CD2   . HIS A 1 56  ? 8.44754   3.19046   -1.99798  1.000 27.69412  ? 32  HIS A CD2   1 
ATOM   198  C CE1   . HIS A 1 56  ? 8.14138   5.05566   -0.88858  1.000 31.66073  ? 32  HIS A CE1   1 
ATOM   199  N NE2   . HIS A 1 56  ? 7.62967   3.86307   -1.12246  1.000 32.35849  ? 32  HIS A NE2   1 
ATOM   200  N N     A GLU A 1 57  ? 13.15708  2.27056   -4.41588  0.434 29.97866  ? 33  GLU A N     1 
ATOM   201  N N     B GLU A 1 57  ? 13.15752  2.25658   -4.42279  0.566 29.94056  ? 33  GLU A N     1 
ATOM   202  C CA    A GLU A 1 57  ? 14.17661  2.14751   -5.44977  0.434 29.90339  ? 33  GLU A CA    1 
ATOM   203  C CA    B GLU A 1 57  ? 14.15611  2.16322   -5.47949  0.566 29.90396  ? 33  GLU A CA    1 
ATOM   204  C C     A GLU A 1 57  ? 13.93659  0.90201   -6.29211  0.434 27.45636  ? 33  GLU A C     1 
ATOM   205  C C     B GLU A 1 57  ? 13.95312  0.89529   -6.29979  0.566 27.39761  ? 33  GLU A C     1 
ATOM   206  O O     A GLU A 1 57  ? 13.99873  0.94027   -7.52929  0.434 30.49799  ? 33  GLU A O     1 
ATOM   207  O O     B GLU A 1 57  ? 14.04001  0.91662   -7.53628  0.566 30.49231  ? 33  GLU A O     1 
ATOM   208  C CB    A GLU A 1 57  ? 15.56161  2.11323   -4.80234  0.434 35.26840  ? 33  GLU A CB    1 
ATOM   209  C CB    B GLU A 1 57  ? 15.55932  2.22218   -4.87241  0.566 35.33021  ? 33  GLU A CB    1 
ATOM   210  C CG    A GLU A 1 57  ? 16.69093  1.84478   -5.76885  0.434 38.13641  ? 33  GLU A CG    1 
ATOM   211  C CG    B GLU A 1 57  ? 15.71364  3.31931   -3.82116  0.566 36.91634  ? 33  GLU A CG    1 
ATOM   212  C CD    A GLU A 1 57  ? 17.11731  3.08865   -6.51585  0.434 40.84308  ? 33  GLU A CD    1 
ATOM   213  C CD    B GLU A 1 57  ? 17.16107  3.57701   -3.44360  0.566 44.26135  ? 33  GLU A CD    1 
ATOM   214  O OE1   A GLU A 1 57  ? 18.19073  3.64080   -6.19212  0.434 49.66836  ? 33  GLU A OE1   1 
ATOM   215  O OE1   B GLU A 1 57  ? 18.02330  2.73921   -3.78027  0.566 55.96238  ? 33  GLU A OE1   1 
ATOM   216  O OE2   A GLU A 1 57  ? 16.37873  3.51535   -7.42621  0.434 40.90414  ? 33  GLU A OE2   1 
ATOM   217  O OE2   B GLU A 1 57  ? 17.43696  4.62066   -2.81432  0.566 56.59746  ? 33  GLU A OE2   1 
ATOM   218  N N     . VAL A 1 58  ? 13.63457  -0.21562  -5.62734  1.000 27.19187  ? 34  VAL A N     1 
ATOM   219  C CA    . VAL A 1 58  ? 13.35850  -1.46307  -6.33203  1.000 24.81471  ? 34  VAL A CA    1 
ATOM   220  C C     . VAL A 1 58  ? 12.12092  -1.31572  -7.20145  1.000 26.41327  ? 34  VAL A C     1 
ATOM   221  O O     . VAL A 1 58  ? 12.08440  -1.74957  -8.36501  1.000 24.53123  ? 34  VAL A O     1 
ATOM   222  C CB    . VAL A 1 58  ? 13.17666  -2.60739  -5.31836  1.000 28.32014  ? 34  VAL A CB    1 
ATOM   223  C CG1   . VAL A 1 58  ? 12.86636  -3.91583  -6.02970  1.000 25.80599  ? 34  VAL A CG1   1 
ATOM   224  C CG2   . VAL A 1 58  ? 14.40304  -2.73450  -4.43451  1.000 32.92067  ? 34  VAL A CG2   1 
ATOM   225  N N     . ALA A 1 59  ? 11.06331  -0.74123  -6.62566  1.000 22.87432  ? 35  ALA A N     1 
ATOM   226  C CA    . ALA A 1 59  ? 9.82559   -0.62288  -7.38649  1.000 22.63099  ? 35  ALA A CA    1 
ATOM   227  C C     . ALA A 1 59  ? 10.05903  0.17838   -8.65839  1.000 20.44816  ? 35  ALA A C     1 
ATOM   228  O O     . ALA A 1 59  ? 9.59554   -0.21108  -9.73971  1.000 22.09747  ? 35  ALA A O     1 
ATOM   229  C CB    . ALA A 1 59  ? 8.71900   -0.00135  -6.52626  1.000 21.67239  ? 35  ALA A CB    1 
ATOM   230  N N     A ARG A 1 60  ? 10.79944  1.28610   -8.56369  0.710 22.67094  ? 36  ARG A N     1 
ATOM   231  N N     B ARG A 1 60  ? 10.80527  1.28330   -8.55645  0.290 22.72497  ? 36  ARG A N     1 
ATOM   232  C CA    A ARG A 1 60  ? 11.04580  2.08757   -9.76053  0.710 22.22792  ? 36  ARG A CA    1 
ATOM   233  C CA    B ARG A 1 60  ? 11.06114  2.11388   -9.72971  0.290 22.42558  ? 36  ARG A CA    1 
ATOM   234  C C     A ARG A 1 60  ? 11.90323  1.33379   -10.76211 0.710 25.04251  ? 36  ARG A C     1 
ATOM   235  C C     B ARG A 1 60  ? 11.95066  1.40513   -10.74311 0.290 25.02517  ? 36  ARG A C     1 
ATOM   236  O O     A ARG A 1 60  ? 11.67219  1.42493   -11.97623 0.710 23.48883  ? 36  ARG A O     1 
ATOM   237  O O     B ARG A 1 60  ? 11.78680  1.60771   -11.95251 0.290 23.72330  ? 36  ARG A O     1 
ATOM   238  C CB    A ARG A 1 60  ? 11.70830  3.41125   -9.39622  0.710 23.50652  ? 36  ARG A CB    1 
ATOM   239  C CB    B ARG A 1 60  ? 11.69116  3.44264   -9.31134  0.290 23.68356  ? 36  ARG A CB    1 
ATOM   240  C CG    A ARG A 1 60  ? 10.78945  4.31819   -8.63360  0.710 22.56857  ? 36  ARG A CG    1 
ATOM   241  C CG    B ARG A 1 60  ? 10.71544  4.40431   -8.65371  0.290 22.90642  ? 36  ARG A CG    1 
ATOM   242  C CD    A ARG A 1 60  ? 11.37076  5.70469   -8.47464  0.710 26.88518  ? 36  ARG A CD    1 
ATOM   243  C CD    B ARG A 1 60  ? 11.34190  5.77741   -8.44391  0.290 26.95974  ? 36  ARG A CD    1 
ATOM   244  N NE    A ARG A 1 60  ? 10.66658  6.40231   -7.41153  0.710 24.25004  ? 36  ARG A NE    1 
ATOM   245  N NE    B ARG A 1 60  ? 12.44627  5.72991   -7.48845  0.290 26.49743  ? 36  ARG A NE    1 
ATOM   246  C CZ    A ARG A 1 60  ? 11.12594  6.56609   -6.17514  0.710 27.93725  ? 36  ARG A CZ    1 
ATOM   247  C CZ    B ARG A 1 60  ? 12.32764  6.01789   -6.19649  0.290 27.73823  ? 36  ARG A CZ    1 
ATOM   248  N NH1   A ARG A 1 60  ? 10.38330  7.20665   -5.28672  0.710 28.85796  ? 36  ARG A NH1   1 
ATOM   249  N NH1   B ARG A 1 60  ? 13.38291  5.94439   -5.40049  0.290 30.62490  ? 36  ARG A NH1   1 
ATOM   250  N NH2   A ARG A 1 60  ? 12.31137  6.08403   -5.81907  0.710 26.23233  ? 36  ARG A NH2   1 
ATOM   251  N NH2   B ARG A 1 60  ? 11.15434  6.38206   -5.70025  0.290 29.59186  ? 36  ARG A NH2   1 
ATOM   252  N N     . GLN A 1 61  ? 12.90080  0.58460   -10.27888 1.000 24.25043  ? 37  GLN A N     1 
ATOM   253  C CA    . GLN A 1 61  ? 13.69265  -0.21449  -11.20876 1.000 27.63889  ? 37  GLN A CA    1 
ATOM   254  C C     . GLN A 1 61  ? 12.83594  -1.23085  -11.94883 1.000 29.93035  ? 37  GLN A C     1 
ATOM   255  O O     . GLN A 1 61  ? 13.23082  -1.69898  -13.02902 1.000 31.07665  ? 37  GLN A O     1 
ATOM   256  C CB    . GLN A 1 61  ? 14.83220  -0.91228  -10.46514 1.000 33.22851  ? 37  GLN A CB    1 
ATOM   257  C CG    . GLN A 1 61  ? 15.91828  0.04523   -10.04131 1.000 40.58878  ? 37  GLN A CG    1 
ATOM   258  C CD    . GLN A 1 61  ? 16.89634  -0.56232  -9.06061  1.000 52.02135  ? 37  GLN A CD    1 
ATOM   259  O OE1   . GLN A 1 61  ? 16.98606  -1.78356  -8.92978  1.000 53.93632  ? 37  GLN A OE1   1 
ATOM   260  N NE2   . GLN A 1 61  ? 17.64045  0.29186   -8.36309  1.000 55.08352  ? 37  GLN A NE2   1 
ATOM   261  N N     . HIS A 1 62  ? 11.67344  -1.58089  -11.39886 1.000 25.32148  ? 38  HIS A N     1 
ATOM   262  C CA    . HIS A 1 62  ? 10.73207  -2.46030  -12.07349 1.000 22.38668  ? 38  HIS A CA    1 
ATOM   263  C C     . HIS A 1 62  ? 9.61874   -1.70563  -12.79881 1.000 26.76408  ? 38  HIS A C     1 
ATOM   264  O O     . HIS A 1 62  ? 8.62692   -2.32263  -13.20475 1.000 27.00479  ? 38  HIS A O     1 
ATOM   265  C CB    . HIS A 1 62  ? 10.15152  -3.45750  -11.07302 1.000 27.41622  ? 38  HIS A CB    1 
ATOM   266  C CG    . HIS A 1 62  ? 11.13145  -4.51217  -10.65731 1.000 26.73543  ? 38  HIS A CG    1 
ATOM   267  N ND1   . HIS A 1 62  ? 12.15113  -4.27481  -9.76205  1.000 32.17918  ? 38  HIS A ND1   1 
ATOM   268  C CD2   . HIS A 1 62  ? 11.27917  -5.79756  -11.06193 1.000 33.11378  ? 38  HIS A CD2   1 
ATOM   269  C CE1   . HIS A 1 62  ? 12.86946  -5.37577  -9.61092  1.000 33.59775  ? 38  HIS A CE1   1 
ATOM   270  N NE2   . HIS A 1 62  ? 12.35733  -6.31455  -10.38459 1.000 41.74812  ? 38  HIS A NE2   1 
ATOM   271  N N     . GLY A 1 63  ? 9.76844   -0.39388  -12.98753 1.000 23.42790  ? 39  GLY A N     1 
ATOM   272  C CA    . GLY A 1 63  ? 8.83098   0.38957   -13.76165 1.000 22.99327  ? 39  GLY A CA    1 
ATOM   273  C C     . GLY A 1 63  ? 7.61931   0.92105   -13.02310 1.000 24.90578  ? 39  GLY A C     1 
ATOM   274  O O     . GLY A 1 63  ? 6.72383   1.48203   -13.66710 1.000 27.07864  ? 39  GLY A O     1 
ATOM   275  N N     . PHE A 1 64  ? 7.56197   0.78787   -11.70121 1.000 22.84505  ? 40  PHE A N     1 
ATOM   276  C CA    . PHE A 1 64  ? 6.43350   1.26435   -10.90823 1.000 21.73226  ? 40  PHE A CA    1 
ATOM   277  C C     . PHE A 1 64  ? 6.75538   2.58814   -10.23827 1.000 22.80139  ? 40  PHE A C     1 
ATOM   278  O O     . PHE A 1 64  ? 7.83032   2.75525   -9.66595  1.000 23.21827  ? 40  PHE A O     1 
ATOM   279  C CB    . PHE A 1 64  ? 6.08231   0.27180   -9.79262  1.000 20.02002  ? 40  PHE A CB    1 
ATOM   280  C CG    . PHE A 1 64  ? 5.36750   -0.95027  -10.26673 1.000 23.93072  ? 40  PHE A CG    1 
ATOM   281  C CD1   . PHE A 1 64  ? 6.04908   -1.94680  -10.93481 1.000 25.83048  ? 40  PHE A CD1   1 
ATOM   282  C CD2   . PHE A 1 64  ? 4.02385   -1.12600  -9.99238  1.000 27.70029  ? 40  PHE A CD2   1 
ATOM   283  C CE1   . PHE A 1 64  ? 5.38964   -3.09595  -11.36517 1.000 31.22443  ? 40  PHE A CE1   1 
ATOM   284  C CE2   . PHE A 1 64  ? 3.35100   -2.27602  -10.41434 1.000 29.83725  ? 40  PHE A CE2   1 
ATOM   285  C CZ    . PHE A 1 64  ? 4.04015   -3.25539  -11.10563 1.000 30.43244  ? 40  PHE A CZ    1 
ATOM   286  N N     . SER A 1 65  ? 5.79230   3.50536   -10.24851 1.000 21.06609  ? 41  SER A N     1 
ATOM   287  C CA    . SER A 1 65  ? 5.85160   4.61058   -9.31018  1.000 22.11998  ? 41  SER A CA    1 
ATOM   288  C C     . SER A 1 65  ? 5.42993   4.13302   -7.92324  1.000 21.71892  ? 41  SER A C     1 
ATOM   289  O O     . SER A 1 65  ? 4.86373   3.04530   -7.76121  1.000 23.56201  ? 41  SER A O     1 
ATOM   290  C CB    . SER A 1 65  ? 4.94026   5.74902   -9.76025  1.000 28.03326  ? 41  SER A CB    1 
ATOM   291  O OG    . SER A 1 65  ? 3.57864   5.44119   -9.45051  1.000 25.37075  ? 41  SER A OG    1 
ATOM   292  N N     . VAL A 1 66  ? 5.71022   4.96012   -6.91440  1.000 20.57990  ? 42  VAL A N     1 
ATOM   293  C CA    . VAL A 1 66  ? 5.31968   4.61830   -5.54643  1.000 20.30579  ? 42  VAL A CA    1 
ATOM   294  C C     . VAL A 1 66  ? 3.81956   4.37130   -5.46240  1.000 21.23682  ? 42  VAL A C     1 
ATOM   295  O O     . VAL A 1 66  ? 3.36361   3.37407   -4.88190  1.000 21.43460  ? 42  VAL A O     1 
ATOM   296  C CB    . VAL A 1 66  ? 5.75279   5.72258   -4.56809  1.000 23.54597  ? 42  VAL A CB    1 
ATOM   297  C CG1   . VAL A 1 66  ? 5.18232   5.44344   -3.16752  1.000 23.13025  ? 42  VAL A CG1   1 
ATOM   298  C CG2   . VAL A 1 66  ? 7.27298   5.82279   -4.52391  1.000 28.12828  ? 42  VAL A CG2   1 
ATOM   299  N N     A SER A 1 67  ? 3.02600   5.27515   -6.04081  0.625 23.62299  ? 43  SER A N     1 
ATOM   300  N N     B SER A 1 67  ? 3.02389   5.27601   -6.03834  0.375 23.58433  ? 43  SER A N     1 
ATOM   301  C CA    A SER A 1 67  ? 1.58100   5.15219   -5.88398  0.625 22.25874  ? 43  SER A CA    1 
ATOM   302  C CA    B SER A 1 67  ? 1.57515   5.15614   -5.89819  0.375 22.33556  ? 43  SER A CA    1 
ATOM   303  C C     A SER A 1 67  ? 1.02539   3.98299   -6.68637  0.625 22.17550  ? 43  SER A C     1 
ATOM   304  C C     B SER A 1 67  ? 1.03848   3.96489   -6.67866  0.375 22.14766  ? 43  SER A C     1 
ATOM   305  O O     A SER A 1 67  ? 0.09106   3.31656   -6.22928  0.625 21.97047  ? 43  SER A O     1 
ATOM   306  O O     B SER A 1 67  ? 0.11340   3.28541   -6.22044  0.375 21.93756  ? 43  SER A O     1 
ATOM   307  C CB    A SER A 1 67  ? 0.89054   6.46665   -6.26808  0.625 23.35165  ? 43  SER A CB    1 
ATOM   308  C CB    B SER A 1 67  ? 0.88652   6.44328   -6.35102  0.375 23.34941  ? 43  SER A CB    1 
ATOM   309  O OG    A SER A 1 67  ? 1.27477   7.51878   -5.38519  0.625 24.54419  ? 43  SER A OG    1 
ATOM   310  O OG    B SER A 1 67  ? 1.12448   6.67613   -7.72366  0.375 24.79751  ? 43  SER A OG    1 
ATOM   311  N N     . GLU A 1 68  ? 1.59556   3.70350   -7.86485  1.000 20.47653  ? 44  GLU A N     1 
ATOM   312  C CA    . GLU A 1 68  ? 1.18682   2.52657   -8.62612  1.000 18.69136  ? 44  GLU A CA    1 
ATOM   313  C C     . GLU A 1 68  ? 1.45453   1.25560   -7.83335  1.000 19.62903  ? 44  GLU A C     1 
ATOM   314  O O     . GLU A 1 68  ? 0.61622   0.34196   -7.78406  1.000 21.93060  ? 44  GLU A O     1 
ATOM   315  C CB    . GLU A 1 68  ? 1.94276   2.49264   -9.95263  1.000 23.70683  ? 44  GLU A CB    1 
ATOM   316  C CG    . GLU A 1 68  ? 1.46651   3.54872   -10.95515 1.000 26.71538  ? 44  GLU A CG    1 
ATOM   317  C CD    . GLU A 1 68  ? 2.50292   3.87557   -12.02351 1.000 36.96603  ? 44  GLU A CD    1 
ATOM   318  O OE1   . GLU A 1 68  ? 3.55084   3.19226   -12.09119 1.000 32.26655  ? 44  GLU A OE1   1 
ATOM   319  O OE2   . GLU A 1 68  ? 2.26322   4.82857   -12.79833 1.000 47.09870  ? 44  GLU A OE2   1 
ATOM   320  N N     . TRP A 1 69  ? 2.63646   1.17513   -7.21638  1.000 19.52351  ? 45  TRP A N     1 
ATOM   321  C CA    . TRP A 1 69  ? 2.95487   0.02730   -6.37869  1.000 18.90573  ? 45  TRP A CA    1 
ATOM   322  C C     . TRP A 1 69  ? 1.96758   -0.09033  -5.22434  1.000 19.97527  ? 45  TRP A C     1 
ATOM   323  O O     . TRP A 1 69  ? 1.44343   -1.17252  -4.96569  1.000 19.30617  ? 45  TRP A O     1 
ATOM   324  C CB    . TRP A 1 69  ? 4.40016   0.12533   -5.86848  1.000 20.56042  ? 45  TRP A CB    1 
ATOM   325  C CG    . TRP A 1 69  ? 4.63952   -0.57388  -4.55056  1.000 19.21682  ? 45  TRP A CG    1 
ATOM   326  C CD1   . TRP A 1 69  ? 4.90719   0.01964   -3.36021  1.000 20.77272  ? 45  TRP A CD1   1 
ATOM   327  C CD2   . TRP A 1 69  ? 4.65246   -1.98719  -4.30962  1.000 20.41462  ? 45  TRP A CD2   1 
ATOM   328  N NE1   . TRP A 1 69  ? 5.05400   -0.93163  -2.37138  1.000 24.98472  ? 45  TRP A NE1   1 
ATOM   329  C CE2   . TRP A 1 69  ? 4.91414   -2.17409  -2.93530  1.000 21.25185  ? 45  TRP A CE2   1 
ATOM   330  C CE3   . TRP A 1 69  ? 4.44717   -3.11083  -5.11572  1.000 20.93349  ? 45  TRP A CE3   1 
ATOM   331  C CZ2   . TRP A 1 69  ? 4.97992   -3.43645  -2.34858  1.000 23.44334  ? 45  TRP A CZ2   1 
ATOM   332  C CZ3   . TRP A 1 69  ? 4.52854   -4.37425  -4.52820  1.000 21.19018  ? 45  TRP A CZ3   1 
ATOM   333  C CH2   . TRP A 1 69  ? 4.79572   -4.52445  -3.16299  1.000 22.08410  ? 45  TRP A CH2   1 
ATOM   334  N N     . ARG A 1 70  ? 1.69451   1.01356   -4.51601  1.000 18.32739  ? 46  ARG A N     1 
ATOM   335  C CA    . ARG A 1 70  ? 0.78857   0.91077   -3.37239  1.000 18.21360  ? 46  ARG A CA    1 
ATOM   336  C C     . ARG A 1 70  ? -0.59391  0.45037   -3.80673  1.000 20.70505  ? 46  ARG A C     1 
ATOM   337  O O     . ARG A 1 70  ? -1.20814  -0.39153  -3.14302  1.000 20.64699  ? 46  ARG A O     1 
ATOM   338  C CB    . ARG A 1 70  ? 0.69850   2.24203   -2.63519  1.000 20.89980  ? 46  ARG A CB    1 
ATOM   339  C CG    . ARG A 1 70  ? 2.00435   2.61629   -1.97436  1.000 19.72822  ? 46  ARG A CG    1 
ATOM   340  C CD    . ARG A 1 70  ? 1.76861   3.76881   -1.02243  1.000 23.90909  ? 46  ARG A CD    1 
ATOM   341  N NE    . ARG A 1 70  ? 2.96912   4.08820   -0.26677  1.000 26.10336  ? 46  ARG A NE    1 
ATOM   342  C CZ    . ARG A 1 70  ? 2.99562   4.98576   0.71069   1.000 31.33526  ? 46  ARG A CZ    1 
ATOM   343  N NH1   . ARG A 1 70  ? 1.87789   5.62678   1.03796   1.000 31.13499  ? 46  ARG A NH1   1 
ATOM   344  N NH2   . ARG A 1 70  ? 4.12725   5.23251   1.36644   1.000 29.90683  ? 46  ARG A NH2   1 
ATOM   345  N N     . VAL A 1 71  ? -1.09018  0.97607   -4.92748  1.000 19.97288  ? 47  VAL A N     1 
ATOM   346  C CA    . VAL A 1 71  ? -2.41469  0.56387   -5.39833  1.000 22.03878  ? 47  VAL A CA    1 
ATOM   347  C C     . VAL A 1 71  ? -2.42366  -0.91571  -5.75317  1.000 21.80378  ? 47  VAL A C     1 
ATOM   348  O O     . VAL A 1 71  ? -3.31162  -1.67349  -5.33074  1.000 23.04738  ? 47  VAL A O     1 
ATOM   349  C CB    . VAL A 1 71  ? -2.86574  1.42941   -6.58700  1.000 20.88686  ? 47  VAL A CB    1 
ATOM   350  C CG1   . VAL A 1 71  ? -4.03530  0.73692   -7.33111  1.000 21.78127  ? 47  VAL A CG1   1 
ATOM   351  C CG2   . VAL A 1 71  ? -3.30050  2.79142   -6.07358  1.000 21.41803  ? 47  VAL A CG2   1 
ATOM   352  N N     A MET A 1 72  ? -1.45246  -1.36262  -6.55047  0.530 19.92394  ? 48  MET A N     1 
ATOM   353  N N     B MET A 1 72  ? -1.44616  -1.35105  -6.54551  0.470 19.89897  ? 48  MET A N     1 
ATOM   354  C CA    A MET A 1 72  ? -1.52178  -2.75239  -6.99534  0.530 21.62633  ? 48  MET A CA    1 
ATOM   355  C CA    B MET A 1 72  ? -1.47603  -2.73234  -7.00500  0.470 21.70693  ? 48  MET A CA    1 
ATOM   356  C C     A MET A 1 72  ? -1.27950  -3.71220  -5.83673  0.530 24.08177  ? 48  MET A C     1 
ATOM   357  C C     B MET A 1 72  ? -1.28073  -3.69289  -5.84006  0.470 23.99807  ? 48  MET A C     1 
ATOM   358  O O     A MET A 1 72  ? -1.94188  -4.75061  -5.73891  0.530 25.09998  ? 48  MET A O     1 
ATOM   359  O O     B MET A 1 72  ? -1.98656  -4.70101  -5.73431  0.470 24.99901  ? 48  MET A O     1 
ATOM   360  C CB    A MET A 1 72  ? -0.54701  -2.99453  -8.14691  0.530 23.92621  ? 48  MET A CB    1 
ATOM   361  C CB    B MET A 1 72  ? -0.42802  -2.92861  -8.09837  0.470 23.86125  ? 48  MET A CB    1 
ATOM   362  C CG    A MET A 1 72  ? -1.19490  -2.76728  -9.51419  0.530 30.30027  ? 48  MET A CG    1 
ATOM   363  C CG    B MET A 1 72  ? -0.75653  -2.12522  -9.36266  0.470 24.84184  ? 48  MET A CG    1 
ATOM   364  S SD    A MET A 1 72  ? -0.12233  -3.22635  -10.88874 0.530 34.45007  ? 48  MET A SD    1 
ATOM   365  S SD    B MET A 1 72  ? -0.33503  -3.08899  -10.81963 0.470 35.71979  ? 48  MET A SD    1 
ATOM   366  C CE    A MET A 1 72  ? 0.35575   -1.59347  -11.45076 0.530 25.57928  ? 48  MET A CE    1 
ATOM   367  C CE    B MET A 1 72  ? -0.39425  -4.68078  -10.02776 0.470 33.63672  ? 48  MET A CE    1 
ATOM   368  N N     . ALA A 1 73  ? -0.35448  -3.37970  -4.93140  1.000 21.42334  ? 49  ALA A N     1 
ATOM   369  C CA    . ALA A 1 73  ? -0.13425  -4.23839  -3.77372  1.000 22.20806  ? 49  ALA A CA    1 
ATOM   370  C C     . ALA A 1 73  ? -1.34760  -4.27606  -2.86512  1.000 24.47337  ? 49  ALA A C     1 
ATOM   371  O O     . ALA A 1 73  ? -1.61375  -5.31175  -2.23454  1.000 25.36033  ? 49  ALA A O     1 
ATOM   372  C CB    . ALA A 1 73  ? 1.08590   -3.75630  -2.97976  1.000 23.21051  ? 49  ALA A CB    1 
ATOM   373  N N     . SER A 1 74  ? -2.08087  -3.16436  -2.76294  1.000 20.92794  ? 50  SER A N     1 
ATOM   374  C CA    . SER A 1 74  ? -3.23996  -3.15598  -1.88312  1.000 20.56473  ? 50  SER A CA    1 
ATOM   375  C C     . SER A 1 74  ? -4.42639  -3.87156  -2.49356  1.000 24.22787  ? 50  SER A C     1 
ATOM   376  O O     . SER A 1 74  ? -5.29156  -4.34497  -1.74969  1.000 27.35658  ? 50  SER A O     1 
ATOM   377  C CB    . SER A 1 74  ? -3.63131  -1.74453  -1.48565  1.000 23.34665  ? 50  SER A CB    1 
ATOM   378  O OG    . SER A 1 74  ? -2.52981  -1.01004  -0.95641  1.000 22.60040  ? 50  SER A OG    1 
ATOM   379  N N     . LEU A 1 75  ? -4.48511  -3.95587  -3.81529  1.000 21.57301  ? 51  LEU A N     1 
ATOM   380  C CA    . LEU A 1 75  ? -5.59075  -4.67113  -4.45250  1.000 23.40978  ? 51  LEU A CA    1 
ATOM   381  C C     . LEU A 1 75  ? -5.29922  -6.15032  -4.65211  1.000 31.93796  ? 51  LEU A C     1 
ATOM   382  O O     . LEU A 1 75  ? -6.24022  -6.93045  -4.83616  1.000 27.79860  ? 51  LEU A O     1 
ATOM   383  C CB    . LEU A 1 75  ? -5.93526  -4.00888  -5.78953  1.000 20.88041  ? 51  LEU A CB    1 
ATOM   384  C CG    . LEU A 1 75  ? -6.53213  -2.60751  -5.65954  1.000 25.76518  ? 51  LEU A CG    1 
ATOM   385  C CD1   . LEU A 1 75  ? -6.72686  -1.94407  -7.01100  1.000 23.79660  ? 51  LEU A CD1   1 
ATOM   386  C CD2   . LEU A 1 75  ? -7.83223  -2.62184  -4.86610  1.000 27.25124  ? 51  LEU A CD2   1 
ATOM   387  N N     . ALA A 1 76  ? -4.03406  -6.55714  -4.59020  1.000 26.22060  ? 52  ALA A N     1 
ATOM   388  C CA    . ALA A 1 76  ? -3.68065  -7.94493  -4.87237  1.000 29.37363  ? 52  ALA A CA    1 
ATOM   389  C C     . ALA A 1 76  ? -4.32169  -8.88177  -3.85379  1.000 31.27878  ? 52  ALA A C     1 
ATOM   390  O O     . ALA A 1 76  ? -4.16496  -8.71039  -2.64345  1.000 31.81605  ? 52  ALA A O     1 
ATOM   391  C CB    . ALA A 1 76  ? -2.16141  -8.11751  -4.87282  1.000 27.77008  ? 52  ALA A CB    1 
ATOM   392  N N     . GLY A 1 77  ? -5.05224  -9.88332  -4.34851  1.000 34.03468  ? 53  GLY A N     1 
ATOM   393  C CA    . GLY A 1 77  ? -5.71509  -10.80131 -3.44420  1.000 35.21802  ? 53  GLY A CA    1 
ATOM   394  C C     . GLY A 1 77  ? -6.93299  -10.25286 -2.74095  1.000 38.93403  ? 53  GLY A C     1 
ATOM   395  O O     . GLY A 1 77  ? -7.43326  -10.89661 -1.81171  1.000 42.32798  ? 53  GLY A O     1 
ATOM   396  N N     . SER A 1 78  ? -7.42735  -9.08842  -3.14835  1.000 33.67183  ? 54  SER A N     1 
ATOM   397  C CA    . SER A 1 78  ? -8.58821  -8.46442  -2.53325  1.000 33.36502  ? 54  SER A CA    1 
ATOM   398  C C     . SER A 1 78  ? -9.83735  -8.65843  -3.38300  1.000 28.74953  ? 54  SER A C     1 
ATOM   399  O O     . SER A 1 78  ? -9.77558  -8.70966  -4.61303  1.000 31.13211  ? 54  SER A O     1 
ATOM   400  C CB    . SER A 1 78  ? -8.36357  -6.96151  -2.32963  1.000 32.75837  ? 54  SER A CB    1 
ATOM   401  O OG    . SER A 1 78  ? -9.35558  -6.40139  -1.48894  1.000 34.32043  ? 54  SER A OG    1 
ATOM   402  N N     . GLU A 1 79  ? -10.97848 -8.74148  -2.70674  1.000 37.99025  ? 55  GLU A N     1 
ATOM   403  C CA    . GLU A 1 79  ? -12.23948 -8.44519  -3.35427  1.000 42.09198  ? 55  GLU A CA    1 
ATOM   404  C C     . GLU A 1 79  ? -12.28001 -6.95880  -3.70737  1.000 33.17555  ? 55  GLU A C     1 
ATOM   405  O O     . GLU A 1 79  ? -11.50120 -6.16535  -3.17345  1.000 34.40708  ? 55  GLU A O     1 
ATOM   406  C CB    . GLU A 1 79  ? -13.40425 -8.79843  -2.43553  1.000 40.29814  ? 55  GLU A CB    1 
ATOM   407  C CG    . GLU A 1 79  ? -13.40713 -8.00530  -1.13392  1.000 56.11392  ? 55  GLU A CG    1 
ATOM   408  C CD    . GLU A 1 79  ? -14.29607 -8.62044  -0.06534  1.000 86.11755  ? 55  GLU A CD    1 
ATOM   409  O OE1   . GLU A 1 79  ? -13.76121 -9.31329  0.82954   1.000 84.20194  ? 55  GLU A OE1   1 
ATOM   410  O OE2   . GLU A 1 79  ? -15.52689 -8.40701  -0.11602  1.000 80.45926  ? 55  GLU A OE2   1 
ATOM   411  N N     . PRO A 1 80  ? -13.17240 -6.55546  -4.60850  1.000 33.55600  ? 56  PRO A N     1 
ATOM   412  C CA    . PRO A 1 80  ? -13.27046 -5.13006  -4.94939  1.000 30.79125  ? 56  PRO A CA    1 
ATOM   413  C C     . PRO A 1 80  ? -13.54409 -4.28296  -3.71409  1.000 36.52031  ? 56  PRO A C     1 
ATOM   414  O O     . PRO A 1 80  ? -14.34266 -4.64814  -2.84791  1.000 36.73745  ? 56  PRO A O     1 
ATOM   415  C CB    . PRO A 1 80  ? -14.43711 -5.08084  -5.94137  1.000 34.94421  ? 56  PRO A CB    1 
ATOM   416  C CG    . PRO A 1 80  ? -14.48108 -6.46764  -6.52665  1.000 33.88603  ? 56  PRO A CG    1 
ATOM   417  C CD    . PRO A 1 80  ? -14.10540 -7.37915  -5.39590  1.000 36.39117  ? 56  PRO A CD    1 
ATOM   418  N N     . ILE A 1 81  ? -12.86544 -3.13795  -3.63425  1.000 31.41429  ? 57  ILE A N     1 
ATOM   419  C CA    . ILE A 1 81  ? -13.02382 -2.22817  -2.50741  1.000 31.96358  ? 57  ILE A CA    1 
ATOM   420  C C     . ILE A 1 81  ? -13.38132 -0.85014  -3.04208  1.000 23.22159  ? 57  ILE A C     1 
ATOM   421  O O     . ILE A 1 81  ? -13.15687 -0.53240  -4.21014  1.000 26.39054  ? 57  ILE A O     1 
ATOM   422  C CB    . ILE A 1 81  ? -11.76143 -2.15030  -1.61429  1.000 27.08083  ? 57  ILE A CB    1 
ATOM   423  C CG1   . ILE A 1 81  ? -10.54677 -1.65941  -2.41532  1.000 27.35367  ? 57  ILE A CG1   1 
ATOM   424  C CG2   . ILE A 1 81  ? -11.46742 -3.49271  -0.96348  1.000 31.42619  ? 57  ILE A CG2   1 
ATOM   425  C CD1   . ILE A 1 81  ? -9.30704  -1.39639  -1.53585  1.000 27.53468  ? 57  ILE A CD1   1 
ATOM   426  N N     . SER A 1 82  ? -13.94515 -0.02418  -2.16251  1.000 27.65022  ? 58  SER A N     1 
ATOM   427  C CA    . SER A 1 82  ? -14.32850 1.31712   -2.55946  1.000 25.94314  ? 58  SER A CA    1 
ATOM   428  C C     . SER A 1 82  ? -13.09312 2.18291   -2.77844  1.000 26.82794  ? 58  SER A C     1 
ATOM   429  O O     . SER A 1 82  ? -12.00838 1.91259   -2.24437  1.000 26.34896  ? 58  SER A O     1 
ATOM   430  C CB    . SER A 1 82  ? -15.22986 1.95896   -1.50565  1.000 27.67695  ? 58  SER A CB    1 
ATOM   431  O OG    . SER A 1 82  ? -14.49274 2.38996   -0.36702  1.000 30.16843  ? 58  SER A OG    1 
ATOM   432  N N     . ILE A 1 83  ? -13.28126 3.24651   -3.56084  1.000 25.97792  ? 59  ILE A N     1 
ATOM   433  C CA    . ILE A 1 83  ? -12.20380 4.21508   -3.77119  1.000 27.40391  ? 59  ILE A CA    1 
ATOM   434  C C     . ILE A 1 83  ? -11.74513 4.80136   -2.44185  1.000 27.27453  ? 59  ILE A C     1 
ATOM   435  O O     . ILE A 1 83  ? -10.54909 5.04311   -2.23646  1.000 25.31641  ? 59  ILE A O     1 
ATOM   436  C CB    . ILE A 1 83  ? -12.64654 5.32097   -4.74853  1.000 31.99239  ? 59  ILE A CB    1 
ATOM   437  C CG1   . ILE A 1 83  ? -13.16928 4.70733   -6.04962  1.000 39.85320  ? 59  ILE A CG1   1 
ATOM   438  C CG2   . ILE A 1 83  ? -11.49497 6.30433   -5.01313  1.000 33.68040  ? 59  ILE A CG2   1 
ATOM   439  C CD1   . ILE A 1 83  ? -12.21566 3.73916   -6.69125  1.000 38.29396  ? 59  ILE A CD1   1 
ATOM   440  N N     . GLY A 1 84  ? -12.68389 5.06824   -1.52475  1.000 25.99243  ? 60  GLY A N     1 
ATOM   441  C CA    . GLY A 1 84  ? -12.29998 5.60117   -0.22483  1.000 29.81859  ? 60  GLY A CA    1 
ATOM   442  C C     . GLY A 1 84  ? -11.44917 4.63493   0.58036   1.000 26.73987  ? 60  GLY A C     1 
ATOM   443  O O     . GLY A 1 84  ? -10.46282 5.03710   1.22106   1.000 22.73963  ? 60  GLY A O     1 
ATOM   444  N N     . GLN A 1 85  ? -11.80743 3.34457   0.55201   1.000 25.93367  ? 61  GLN A N     1 
ATOM   445  C CA    . GLN A 1 85  ? -10.99429 2.33316   1.22116   1.000 24.79026  ? 61  GLN A CA    1 
ATOM   446  C C     . GLN A 1 85  ? -9.60618  2.25209   0.60146   1.000 21.30662  ? 61  GLN A C     1 
ATOM   447  O O     . GLN A 1 85  ? -8.60243  2.12906   1.32038   1.000 25.84779  ? 61  GLN A O     1 
ATOM   448  C CB    . GLN A 1 85  ? -11.67846 0.96150   1.17006   1.000 28.47515  ? 61  GLN A CB    1 
ATOM   449  C CG    . GLN A 1 85  ? -12.96769 0.88307   1.97243   1.000 34.04492  ? 61  GLN A CG    1 
ATOM   450  C CD    . GLN A 1 85  ? -13.70168 -0.43435  1.77195   1.000 33.60786  ? 61  GLN A CD    1 
ATOM   451  O OE1   . GLN A 1 85  ? -14.03737 -0.82160  0.64428   1.000 34.79146  ? 61  GLN A OE1   1 
ATOM   452  N NE2   . GLN A 1 85  ? -13.94071 -1.13971  2.86783   1.000 48.46775  ? 61  GLN A NE2   1 
ATOM   453  N N     . LEU A 1 86  ? -9.53145  2.31606   -0.73256  1.000 23.33044  ? 62  LEU A N     1 
ATOM   454  C CA    . LEU A 1 86  ? -8.23530  2.27830   -1.40106  1.000 19.51187  ? 62  LEU A CA    1 
ATOM   455  C C     . LEU A 1 86  ? -7.38926  3.47645   -0.99543  1.000 20.20746  ? 62  LEU A C     1 
ATOM   456  O O     . LEU A 1 86  ? -6.18098  3.34077   -0.73229  1.000 21.88114  ? 62  LEU A O     1 
ATOM   457  C CB    . LEU A 1 86  ? -8.42336  2.24320   -2.92075  1.000 20.58830  ? 62  LEU A CB    1 
ATOM   458  C CG    . LEU A 1 86  ? -7.11683  2.12064   -3.71983  1.000 22.71557  ? 62  LEU A CG    1 
ATOM   459  C CD1   . LEU A 1 86  ? -6.42557  0.80374   -3.42366  1.000 21.89486  ? 62  LEU A CD1   1 
ATOM   460  C CD2   . LEU A 1 86  ? -7.37520  2.26973   -5.23802  1.000 22.38122  ? 62  LEU A CD2   1 
ATOM   461  N N     . ALA A 1 87  ? -8.00642  4.65937   -0.93645  1.000 20.32381  ? 63  ALA A N     1 
ATOM   462  C CA    . ALA A 1 87  ? -7.28142  5.85115   -0.50452  1.000 21.00869  ? 63  ALA A CA    1 
ATOM   463  C C     . ALA A 1 87  ? -6.76029  5.68754   0.91528   1.000 22.36736  ? 63  ALA A C     1 
ATOM   464  O O     . ALA A 1 87  ? -5.62785  6.08822   1.21726   1.000 23.29809  ? 63  ALA A O     1 
ATOM   465  C CB    . ALA A 1 87  ? -8.17995  7.08503   -0.60873  1.000 23.29595  ? 63  ALA A CB    1 
ATOM   466  N N     A GLN A 1 88  ? -7.56822  5.10934   1.81171   0.680 20.50792  ? 64  GLN A N     1 
ATOM   467  N N     B GLN A 1 88  ? -7.56214  5.07870   1.79552   0.320 20.61664  ? 64  GLN A N     1 
ATOM   468  C CA    A GLN A 1 88  ? -7.09504  4.92449   3.18567   0.680 22.65622  ? 64  GLN A CA    1 
ATOM   469  C CA    B GLN A 1 88  ? -7.13623  4.91873   3.18490   0.320 22.76905  ? 64  GLN A CA    1 
ATOM   470  C C     A GLN A 1 88  ? -5.90027  3.97693   3.23674   0.680 21.44207  ? 64  GLN A C     1 
ATOM   471  C C     B GLN A 1 88  ? -5.96669  3.94266   3.31139   0.320 21.28776  ? 64  GLN A C     1 
ATOM   472  O O     A GLN A 1 88  ? -4.84845  4.30480   3.81090   0.680 22.19745  ? 64  GLN A O     1 
ATOM   473  O O     B GLN A 1 88  ? -4.99059  4.22501   4.02004   0.320 23.07252  ? 64  GLN A O     1 
ATOM   474  C CB    A GLN A 1 88  ? -8.22620  4.40281   4.07468   0.680 25.04791  ? 64  GLN A CB    1 
ATOM   475  C CB    B GLN A 1 88  ? -8.32159  4.46544   4.03934   0.320 24.72964  ? 64  GLN A CB    1 
ATOM   476  C CG    A GLN A 1 88  ? -7.82611  4.30030   5.56217   0.680 26.97005  ? 64  GLN A CG    1 
ATOM   477  C CG    B GLN A 1 88  ? -7.99000  4.28685   5.51614   0.320 27.07226  ? 64  GLN A CG    1 
ATOM   478  C CD    A GLN A 1 88  ? -7.22427  2.94546   5.91852   0.680 25.41012  ? 64  GLN A CD    1 
ATOM   479  C CD    B GLN A 1 88  ? -7.45322  5.55200   6.15199   0.320 25.07073  ? 64  GLN A CD    1 
ATOM   480  O OE1   A GLN A 1 88  ? -7.76072  1.90450   5.53917   0.680 27.05463  ? 64  GLN A OE1   1 
ATOM   481  O OE1   B GLN A 1 88  ? -7.86882  6.66152   5.81290   0.320 27.09298  ? 64  GLN A OE1   1 
ATOM   482  N NE2   A GLN A 1 88  ? -6.11077  2.95083   6.67230   0.680 20.82185  ? 64  GLN A NE2   1 
ATOM   483  N NE2   B GLN A 1 88  ? -6.52516  5.39119   7.08270   0.320 21.90234  ? 64  GLN A NE2   1 
ATOM   484  N N     . VAL A 1 89  ? -6.03463  2.79604   2.62743   1.000 19.83600  ? 65  VAL A N     1 
ATOM   485  C CA    . VAL A 1 89  ? -4.97894  1.78909   2.77950   1.000 18.38053  ? 65  VAL A CA    1 
ATOM   486  C C     . VAL A 1 89  ? -3.69712  2.20628   2.06309   1.000 21.06623  ? 65  VAL A C     1 
ATOM   487  O O     . VAL A 1 89  ? -2.59686  1.88277   2.53269   1.000 21.95383  ? 65  VAL A O     1 
ATOM   488  C CB    . VAL A 1 89  ? -5.45278  0.39061   2.32121   1.000 22.35587  ? 65  VAL A CB    1 
ATOM   489  C CG1   . VAL A 1 89  ? -5.71583  0.34248   0.80104   1.000 24.63380  ? 65  VAL A CG1   1 
ATOM   490  C CG2   . VAL A 1 89  ? -4.42933  -0.68424  2.72223   1.000 27.14572  ? 65  VAL A CG2   1 
ATOM   491  N N     . THR A 1 90  ? -3.79695  2.93896   0.94717   1.000 20.81843  ? 66  THR A N     1 
ATOM   492  C CA    . THR A 1 90  ? -2.58830  3.39197   0.25099   1.000 19.17409  ? 66  THR A CA    1 
ATOM   493  C C     . THR A 1 90  ? -2.06085  4.71522   0.79816   1.000 22.18871  ? 66  THR A C     1 
ATOM   494  O O     . THR A 1 90  ? -1.04156  5.20780   0.30084   1.000 24.67191  ? 66  THR A O     1 
ATOM   495  C CB    . THR A 1 90  ? -2.83781  3.54910   -1.25918  1.000 19.79043  ? 66  THR A CB    1 
ATOM   496  O OG1   . THR A 1 90  ? -3.79180  4.59524   -1.47210  1.000 20.70627  ? 66  THR A OG1   1 
ATOM   497  C CG2   . THR A 1 90  ? -3.35583  2.24314   -1.87807  1.000 20.95401  ? 66  THR A CG2   1 
ATOM   498  N N     . VAL A 1 91  ? -2.73326  5.30015   1.79046   1.000 19.69777  ? 67  VAL A N     1 
ATOM   499  C CA    . VAL A 1 91  ? -2.34817  6.58315   2.38250   1.000 21.03887  ? 67  VAL A CA    1 
ATOM   500  C C     . VAL A 1 91  ? -2.17668  7.63583   1.29639   1.000 26.38961  ? 67  VAL A C     1 
ATOM   501  O O     . VAL A 1 91  ? -1.19276  8.39164   1.28263   1.000 27.45452  ? 67  VAL A O     1 
ATOM   502  C CB    . VAL A 1 91  ? -1.06791  6.44693   3.22731   1.000 24.38490  ? 67  VAL A CB    1 
ATOM   503  C CG1   . VAL A 1 91  ? -0.95605  7.62340   4.16362   1.000 28.80897  ? 67  VAL A CG1   1 
ATOM   504  C CG2   . VAL A 1 91  ? -1.09766  5.14904   4.00383   1.000 26.05190  ? 67  VAL A CG2   1 
ATOM   505  N N     . THR A 1 92  ? -3.15685  7.72235   0.39987   1.000 20.76016  ? 68  THR A N     1 
ATOM   506  C CA    . THR A 1 92  ? -3.11740  8.63274   -0.73404  1.000 24.16667  ? 68  THR A CA    1 
ATOM   507  C C     . THR A 1 92  ? -4.42540  9.40428   -0.76716  1.000 25.95128  ? 68  THR A C     1 
ATOM   508  O O     . THR A 1 92  ? -5.49463  8.82411   -0.54942  1.000 29.30564  ? 68  THR A O     1 
ATOM   509  C CB    . THR A 1 92  ? -2.89474  7.85551   -2.05290  1.000 25.91091  ? 68  THR A CB    1 
ATOM   510  O OG1   . THR A 1 92  ? -1.68781  7.08976   -1.96440  1.000 31.45983  ? 68  THR A OG1   1 
ATOM   511  C CG2   . THR A 1 92  ? -2.80061  8.78982   -3.26176  1.000 27.64267  ? 68  THR A CG2   1 
ATOM   512  N N     . LYS A 1 93  ? -4.34490  10.71286  -1.02502  1.000 23.41215  ? 69  LYS A N     1 
ATOM   513  C CA    . LYS A 1 93  ? -5.55595  11.52487  -1.06694  1.000 27.89202  ? 69  LYS A CA    1 
ATOM   514  C C     . LYS A 1 93  ? -6.49603  11.00934  -2.14947  1.000 30.15351  ? 69  LYS A C     1 
ATOM   515  O O     . LYS A 1 93  ? -6.05330  10.57575  -3.21292  1.000 26.28805  ? 69  LYS A O     1 
ATOM   516  C CB    . LYS A 1 93  ? -5.20534  12.99356  -1.33004  1.000 33.64885  ? 69  LYS A CB    1 
ATOM   517  C CG    . LYS A 1 93  ? -5.08746  13.82241  -0.06041  1.000 47.63091  ? 69  LYS A CG    1 
ATOM   518  C CD    . LYS A 1 93  ? -6.44242  14.39404  0.33394   1.000 64.42510  ? 69  LYS A CD    1 
ATOM   519  C CE    . LYS A 1 93  ? -6.88745  15.47448  -0.64358  1.000 53.46222  ? 69  LYS A CE    1 
ATOM   520  N NZ    . LYS A 1 93  ? -8.36232  15.52467  -0.75922  1.000 36.70107  ? 69  LYS A NZ    1 
ATOM   521  N N     . GLN A 1 94  ? -7.80169  11.07356  -1.88279  1.000 25.14168  ? 70  GLN A N     1 
ATOM   522  C CA    . GLN A 1 94  ? -8.75145  10.44299  -2.79792  1.000 28.82881  ? 70  GLN A CA    1 
ATOM   523  C C     . GLN A 1 94  ? -8.73315  11.05844  -4.19174  1.000 27.88744  ? 70  GLN A C     1 
ATOM   524  O O     . GLN A 1 94  ? -8.79039  10.29504  -5.17058  1.000 30.06246  ? 70  GLN A O     1 
ATOM   525  C CB    . GLN A 1 94  ? -10.16786 10.47157  -2.20351  1.000 31.72346  ? 70  GLN A CB    1 
ATOM   526  C CG    . GLN A 1 94  ? -11.20014 9.72483   -3.04173  1.000 44.70589  ? 70  GLN A CG    1 
ATOM   527  C CD    . GLN A 1 94  ? -12.41936 9.28632   -2.24095  1.000 50.32350  ? 70  GLN A CD    1 
ATOM   528  O OE1   . GLN A 1 94  ? -12.32105 8.97878   -1.05255  1.000 52.85763  ? 70  GLN A OE1   1 
ATOM   529  N NE2   . GLN A 1 94  ? -13.57602 9.25272   -2.89631  1.000 55.21582  ? 70  GLN A NE2   1 
ATOM   530  N N     . PRO A 1 95  ? -8.63917  12.37859  -4.36826  1.000 30.26444  ? 71  PRO A N     1 
ATOM   531  C CA    . PRO A 1 95  ? -8.54961  12.91786  -5.74372  1.000 26.84069  ? 71  PRO A CA    1 
ATOM   532  C C     . PRO A 1 95  ? -7.31228  12.44396  -6.49940  1.000 25.45190  ? 71  PRO A C     1 
ATOM   533  O O     . PRO A 1 95  ? -7.36502  12.21381  -7.72673  1.000 29.86228  ? 71  PRO A O     1 
ATOM   534  C CB    . PRO A 1 95  ? -8.53653  14.43813  -5.52220  1.000 35.33655  ? 71  PRO A CB    1 
ATOM   535  C CG    . PRO A 1 95  ? -9.18630  14.63249  -4.15263  1.000 37.49363  ? 71  PRO A CG    1 
ATOM   536  C CD    . PRO A 1 95  ? -8.75063  13.43782  -3.34798  1.000 29.88992  ? 71  PRO A CD    1 
ATOM   537  N N     . THR A 1 96  ? -6.19954  12.25736  -5.78116  1.000 22.96285  ? 72  THR A N     1 
ATOM   538  C CA    . THR A 1 96  ? -4.99188  11.71680  -6.38596  1.000 24.44357  ? 72  THR A CA    1 
ATOM   539  C C     . THR A 1 96  ? -5.20454  10.27140  -6.82015  1.000 24.05942  ? 72  THR A C     1 
ATOM   540  O O     . THR A 1 96  ? -4.81271  9.87878   -7.93177  1.000 25.52896  ? 72  THR A O     1 
ATOM   541  C CB    . THR A 1 96  ? -3.83716  11.83209  -5.39696  1.000 27.80112  ? 72  THR A CB    1 
ATOM   542  O OG1   . THR A 1 96  ? -3.63761  13.22476  -5.08719  1.000 27.58911  ? 72  THR A OG1   1 
ATOM   543  C CG2   . THR A 1 96  ? -2.57524  11.21041  -5.98387  1.000 29.42168  ? 72  THR A CG2   1 
ATOM   544  N N     A VAL A 1 97  ? -5.81791  9.46461   -5.94852  0.785 24.81257  ? 73  VAL A N     1 
ATOM   545  N N     B VAL A 1 97  ? -5.84136  9.46622   -5.96770  0.215 24.97515  ? 73  VAL A N     1 
ATOM   546  C CA    A VAL A 1 97  ? -6.14030  8.07909   -6.29517  0.785 23.56110  ? 73  VAL A CA    1 
ATOM   547  C CA    B VAL A 1 97  ? -6.09981  8.07639   -6.33059  0.215 23.64712  ? 73  VAL A CA    1 
ATOM   548  C C     A VAL A 1 97  ? -7.03765  8.02576   -7.52176  0.785 23.50233  ? 73  VAL A C     1 
ATOM   549  C C     B VAL A 1 97  ? -7.06552  7.98994   -7.50410  0.215 23.63059  ? 73  VAL A C     1 
ATOM   550  O O     A VAL A 1 97  ? -6.88486  7.15100   -8.37615  0.785 24.33735  ? 73  VAL A O     1 
ATOM   551  O O     B VAL A 1 97  ? -6.96070  7.07860   -8.33015  0.215 24.39932  ? 73  VAL A O     1 
ATOM   552  C CB    A VAL A 1 97  ? -6.79906  7.36023   -5.10041  0.785 26.29021  ? 73  VAL A CB    1 
ATOM   553  C CB    B VAL A 1 97  ? -6.62141  7.28590   -5.11405  0.215 26.71532  ? 73  VAL A CB    1 
ATOM   554  C CG1   A VAL A 1 97  ? -7.38436  6.00892   -5.54499  0.785 26.33056  ? 73  VAL A CG1   1 
ATOM   555  C CG1   B VAL A 1 97  ? -5.86733  7.68604   -3.85602  0.215 27.86635  ? 73  VAL A CG1   1 
ATOM   556  C CG2   A VAL A 1 97  ? -5.79329  7.16673   -3.98075  0.785 28.35626  ? 73  VAL A CG2   1 
ATOM   557  C CG2   B VAL A 1 97  ? -8.11320  7.49303   -4.94441  0.215 26.48825  ? 73  VAL A CG2   1 
ATOM   558  N N     . THR A 1 98  ? -8.01579  8.92263   -7.60933  1.000 23.62102  ? 74  THR A N     1 
ATOM   559  C CA    . THR A 1 98  ? -8.93941  8.86907   -8.74255  1.000 26.83790  ? 74  THR A CA    1 
ATOM   560  C C     . THR A 1 98  ? -8.21760  9.13488   -10.05945 1.000 25.80362  ? 74  THR A C     1 
ATOM   561  O O     . THR A 1 98  ? -8.43244  8.41281   -11.04682 1.000 23.71245  ? 74  THR A O     1 
ATOM   562  C CB    . THR A 1 98  ? -10.08813 9.85262   -8.55113  1.000 33.12139  ? 74  THR A CB    1 
ATOM   563  O OG1   . THR A 1 98  ? -10.87976 9.42244   -7.43920  1.000 38.54171  ? 74  THR A OG1   1 
ATOM   564  C CG2   . THR A 1 98  ? -10.96564 9.86998   -9.79897  1.000 34.34155  ? 74  THR A CG2   1 
ATOM   565  N N     . ARG A 1 99  ? -7.33162  10.14147  -10.09180 1.000 24.27854  ? 75  ARG A N     1 
ATOM   566  C CA    . ARG A 1 99  ? -6.55391  10.36275  -11.32156 1.000 22.29616  ? 75  ARG A CA    1 
ATOM   567  C C     . ARG A 1 99  ? -5.63955  9.16732   -11.63605 1.000 21.85919  ? 75  ARG A C     1 
ATOM   568  O O     . ARG A 1 99  ? -5.50271  8.72374   -12.80951 1.000 23.17290  ? 75  ARG A O     1 
ATOM   569  C CB    . ARG A 1 99  ? -5.74815  11.65626  -11.18007 1.000 23.98308  ? 75  ARG A CB    1 
ATOM   570  C CG    . ARG A 1 99  ? -6.63616  12.87904  -11.15837 1.000 26.58577  ? 75  ARG A CG    1 
ATOM   571  C CD    . ARG A 1 99  ? -5.90362  14.07594  -10.54231 1.000 33.06153  ? 75  ARG A CD    1 
ATOM   572  N NE    . ARG A 1 99  ? -6.57694  15.32693  -10.87322 1.000 48.51539  ? 75  ARG A NE    1 
ATOM   573  C CZ    . ARG A 1 99  ? -7.65372  15.78408  -10.24284 1.000 55.24689  ? 75  ARG A CZ    1 
ATOM   574  N NH1   . ARG A 1 99  ? -8.20555  16.93158  -10.61396 1.000 64.69105  ? 75  ARG A NH1   1 
ATOM   575  N NH2   . ARG A 1 99  ? -8.18043  15.09326  -9.24276  1.000 48.21325  ? 75  ARG A NH2   1 
ATOM   576  N N     . LEU A 1 100 ? -5.03709  8.60108   -10.58215 1.000 21.46602  ? 76  LEU A N     1 
ATOM   577  C CA    . LEU A 1 100 ? -4.18470  7.43159   -10.76004 1.000 21.84284  ? 76  LEU A CA    1 
ATOM   578  C C     . LEU A 1 100 ? -4.96507  6.28533   -11.38074 1.000 21.05990  ? 76  LEU A C     1 
ATOM   579  O O     . LEU A 1 100 ? -4.50597  5.65022   -12.33233 1.000 22.14265  ? 76  LEU A O     1 
ATOM   580  C CB    . LEU A 1 100 ? -3.59172  7.01983   -9.40940  1.000 21.46674  ? 76  LEU A CB    1 
ATOM   581  C CG    . LEU A 1 100 ? -2.68147  5.79678   -9.39842  1.000 28.86309  ? 76  LEU A CG    1 
ATOM   582  C CD1   . LEU A 1 100 ? -1.51066  5.96647   -10.36246 1.000 30.85138  ? 76  LEU A CD1   1 
ATOM   583  C CD2   . LEU A 1 100 ? -2.17970  5.55232   -7.98728  1.000 30.87475  ? 76  LEU A CD2   1 
ATOM   584  N N     . LEU A 1 101 ? -6.16228  6.02550   -10.86332 1.000 22.62823  ? 77  LEU A N     1 
ATOM   585  C CA    . LEU A 1 101 ? -6.97801  4.95047   -11.40278 1.000 21.14153  ? 77  LEU A CA    1 
ATOM   586  C C     . LEU A 1 101 ? -7.39097  5.24084   -12.83644 1.000 22.43652  ? 77  LEU A C     1 
ATOM   587  O O     . LEU A 1 101 ? -7.49662  4.31127   -13.63475 1.000 23.08244  ? 77  LEU A O     1 
ATOM   588  C CB    . LEU A 1 101 ? -8.21382  4.74349   -10.52924 1.000 21.56619  ? 77  LEU A CB    1 
ATOM   589  C CG    . LEU A 1 101 ? -7.95766  4.21660   -9.12177  1.000 22.80430  ? 77  LEU A CG    1 
ATOM   590  C CD1   . LEU A 1 101 ? -9.29871  4.02107   -8.43759  1.000 24.42917  ? 77  LEU A CD1   1 
ATOM   591  C CD2   . LEU A 1 101 ? -7.17345  2.89946   -9.16089  1.000 21.25526  ? 77  LEU A CD2   1 
ATOM   592  N N     . ASP A 1 102 ? -7.63752  6.50830   -13.18438 1.000 22.36073  ? 78  ASP A N     1 
ATOM   593  C CA    . ASP A 1 102 ? -7.93614  6.81048   -14.58540 1.000 25.88944  ? 78  ASP A CA    1 
ATOM   594  C C     . ASP A 1 102 ? -6.84494  6.24398   -15.48470 1.000 25.31785  ? 78  ASP A C     1 
ATOM   595  O O     . ASP A 1 102 ? -7.11779  5.52983   -16.47511 1.000 25.78678  ? 78  ASP A O     1 
ATOM   596  C CB    . ASP A 1 102 ? -8.06324  8.31933   -14.81185 1.000 24.00263  ? 78  ASP A CB    1 
ATOM   597  C CG    . ASP A 1 102 ? -9.33343  8.90723   -14.23252 1.000 26.73504  ? 78  ASP A CG    1 
ATOM   598  O OD1   . ASP A 1 102 ? -10.28324 8.14607   -13.97508 1.000 30.15530  ? 78  ASP A OD1   1 
ATOM   599  O OD2   . ASP A 1 102 ? -9.37042  10.14719  -14.02504 1.000 34.68717  ? 78  ASP A OD2   1 
ATOM   600  N N     A ARG A 1 103 ? -5.58304  6.53578   -15.15788 0.643 23.93901  ? 79  ARG A N     1 
ATOM   601  N N     B ARG A 1 103 ? -5.58648  6.52702   -15.13001 0.357 23.96498  ? 79  ARG A N     1 
ATOM   602  C CA    A ARG A 1 103 ? -4.54954  6.03313   -16.06620 0.643 22.04015  ? 79  ARG A CA    1 
ATOM   603  C CA    B ARG A 1 103 ? -4.49896  6.08212   -16.00133 0.357 22.16759  ? 79  ARG A CA    1 
ATOM   604  C C     A ARG A 1 103 ? -4.27861  4.53825   -15.89406 0.643 23.85388  ? 79  ARG A C     1 
ATOM   605  C C     B ARG A 1 103 ? -4.19663  4.58618   -15.86468 0.357 23.93490  ? 79  ARG A C     1 
ATOM   606  O O     A ARG A 1 103 ? -3.96477  3.85849   -16.87916 0.643 24.25021  ? 79  ARG A O     1 
ATOM   607  O O     B ARG A 1 103 ? -3.80647  3.94983   -16.85129 0.357 24.35607  ? 79  ARG A O     1 
ATOM   608  C CB    A ARG A 1 103 ? -3.24446  6.81470   -15.92666 0.643 27.45481  ? 79  ARG A CB    1 
ATOM   609  C CB    B ARG A 1 103 ? -3.24501  6.92699   -15.75506 0.357 27.29840  ? 79  ARG A CB    1 
ATOM   610  C CG    A ARG A 1 103 ? -2.93047  7.33097   -14.54981 0.643 25.59885  ? 79  ARG A CG    1 
ATOM   611  C CG    B ARG A 1 103 ? -2.24826  6.37756   -14.74535 0.357 26.15908  ? 79  ARG A CG    1 
ATOM   612  C CD    A ARG A 1 103 ? -1.84065  8.35289   -14.70286 0.643 24.05365  ? 79  ARG A CD    1 
ATOM   613  C CD    B ARG A 1 103 ? -0.97096  7.20914   -14.80584 0.357 29.21150  ? 79  ARG A CD    1 
ATOM   614  N NE    A ARG A 1 103 ? -1.31231  8.81126   -13.42821 0.643 27.49865  ? 79  ARG A NE    1 
ATOM   615  N NE    B ARG A 1 103 ? 0.00906   6.86498   -13.77712 0.357 26.60116  ? 79  ARG A NE    1 
ATOM   616  C CZ    A ARG A 1 103 ? -0.33560  8.21171   -12.75696 0.643 28.78402  ? 79  ARG A CZ    1 
ATOM   617  C CZ    B ARG A 1 103 ? 0.15861   7.54420   -12.64330 0.357 27.40635  ? 79  ARG A CZ    1 
ATOM   618  N NH1   A ARG A 1 103 ? 0.08132   8.73852   -11.61560 0.643 26.96845  ? 79  ARG A NH1   1 
ATOM   619  N NH1   B ARG A 1 103 ? -0.62193  8.58544   -12.38433 0.357 29.27899  ? 79  ARG A NH1   1 
ATOM   620  N NH2   A ARG A 1 103 ? 0.23052   7.10151   -13.22363 0.643 26.81119  ? 79  ARG A NH2   1 
ATOM   621  N NH2   B ARG A 1 103 ? 1.07809   7.17999   -11.76199 0.357 32.59028  ? 79  ARG A NH2   1 
ATOM   622  N N     . MET A 1 104 ? -4.37334  4.00214   -14.67577 1.000 23.02192  ? 80  MET A N     1 
ATOM   623  C CA    . MET A 1 104 ? -4.12009  2.56692   -14.50824 1.000 20.97963  ? 80  MET A CA    1 
ATOM   624  C C     . MET A 1 104 ? -5.21282  1.72273   -15.16835 1.000 24.43178  ? 80  MET A C     1 
ATOM   625  O O     . MET A 1 104 ? -4.93222  0.62985   -15.68354 1.000 25.27349  ? 80  MET A O     1 
ATOM   626  C CB    . MET A 1 104 ? -4.00182  2.20398   -13.02305 1.000 22.97756  ? 80  MET A CB    1 
ATOM   627  C CG    . MET A 1 104 ? -2.81357  2.86865   -12.28661 1.000 23.62315  ? 80  MET A CG    1 
ATOM   628  S SD    . MET A 1 104 ? -2.72947  2.44355   -10.52256 1.000 26.51865  ? 80  MET A SD    1 
ATOM   629  C CE    . MET A 1 104 ? -2.16144  0.74630   -10.64665 1.000 26.98965  ? 80  MET A CE    1 
ATOM   630  N N     . GLU A 1 105 ? -6.45017  2.21658   -15.17975 1.000 23.62905  ? 81  GLU A N     1 
ATOM   631  C CA    . GLU A 1 105 ? -7.52957  1.53477   -15.88866 1.000 21.98827  ? 81  GLU A CA    1 
ATOM   632  C C     . GLU A 1 105 ? -7.32943  1.63463   -17.39582 1.000 24.34565  ? 81  GLU A C     1 
ATOM   633  O O     . GLU A 1 105 ? -7.58392  0.66057   -18.13008 1.000 27.01570  ? 81  GLU A O     1 
ATOM   634  C CB    . GLU A 1 105 ? -8.87480  2.12937   -15.45566 1.000 27.26088  ? 81  GLU A CB    1 
ATOM   635  C CG    . GLU A 1 105 ? -10.10783 1.44853   -16.04825 1.000 30.25632  ? 81  GLU A CG    1 
ATOM   636  C CD    . GLU A 1 105 ? -11.36925 1.68726   -15.21964 1.000 31.35895  ? 81  GLU A CD    1 
ATOM   637  O OE1   . GLU A 1 105 ? -11.51410 2.79016   -14.64823 1.000 35.11886  ? 81  GLU A OE1   1 
ATOM   638  O OE2   . GLU A 1 105 ? -12.21033 0.76482   -15.14354 1.000 33.77007  ? 81  GLU A OE2   1 
ATOM   639  N N     . ALA A 1 106 ? -6.84285  2.79351   -17.87836 1.000 24.17093  ? 82  ALA A N     1 
ATOM   640  C CA    . ALA A 1 106 ? -6.48764  2.89208   -19.29448 1.000 24.82330  ? 82  ALA A CA    1 
ATOM   641  C C     . ALA A 1 106 ? -5.42784  1.86713   -19.68782 1.000 28.35993  ? 82  ALA A C     1 
ATOM   642  O O     . ALA A 1 106 ? -5.44465  1.35741   -20.81622 1.000 31.32386  ? 82  ALA A O     1 
ATOM   643  C CB    . ALA A 1 106 ? -6.01579  4.31692   -19.61960 1.000 25.01528  ? 82  ALA A CB    1 
ATOM   644  N N     . ARG A 1 107 ? -4.51031  1.54254   -18.77897 1.000 23.70176  ? 83  ARG A N     1 
ATOM   645  C CA    . ARG A 1 107 ? -3.46539  0.56068   -19.02376 1.000 25.90133  ? 83  ARG A CA    1 
ATOM   646  C C     . ARG A 1 107 ? -3.91142  -0.86259  -18.72822 1.000 26.15919  ? 83  ARG A C     1 
ATOM   647  O O     . ARG A 1 107 ? -3.09039  -1.77996  -18.82890 1.000 27.06465  ? 83  ARG A O     1 
ATOM   648  C CB    . ARG A 1 107 ? -2.22048  0.89781   -18.19471 1.000 27.72800  ? 83  ARG A CB    1 
ATOM   649  C CG    . ARG A 1 107 ? -1.50437  2.15154   -18.69725 1.000 28.29125  ? 83  ARG A CG    1 
ATOM   650  C CD    . ARG A 1 107 ? -0.37418  2.56471   -17.79260 1.000 32.78058  ? 83  ARG A CD    1 
ATOM   651  N NE    . ARG A 1 107 ? 0.69157   1.57563   -17.77465 1.000 41.24725  ? 83  ARG A NE    1 
ATOM   652  C CZ    . ARG A 1 107 ? 1.75006   1.64862   -16.97739 1.000 50.50934  ? 83  ARG A CZ    1 
ATOM   653  N NH1   . ARG A 1 107 ? 1.88713   2.68074   -16.14682 1.000 50.86874  ? 83  ARG A NH1   1 
ATOM   654  N NH2   . ARG A 1 107 ? 2.67444   0.70127   -17.01991 1.000 57.64036  ? 83  ARG A NH2   1 
ATOM   655  N N     . GLY A 1 108 ? -5.17974  -1.06626  -18.37690 1.000 26.17020  ? 84  GLY A N     1 
ATOM   656  C CA    . GLY A 1 108 ? -5.68029  -2.41793  -18.17204 1.000 27.66748  ? 84  GLY A CA    1 
ATOM   657  C C     . GLY A 1 108 ? -5.20657  -3.09184  -16.90702 1.000 29.81236  ? 84  GLY A C     1 
ATOM   658  O O     . GLY A 1 108 ? -5.29720  -4.32018  -16.80030 1.000 27.83122  ? 84  GLY A O     1 
ATOM   659  N N     . GLN A 1 109 ? -4.70215  -2.32291  -15.93557 1.000 23.77220  ? 85  GLN A N     1 
ATOM   660  C CA    . GLN A 1 109 ? -4.14361  -2.88894  -14.71354 1.000 22.67134  ? 85  GLN A CA    1 
ATOM   661  C C     . GLN A 1 109 ? -5.14310  -2.96637  -13.57467 1.000 22.15873  ? 85  GLN A C     1 
ATOM   662  O O     . GLN A 1 109 ? -4.93892  -3.74381  -12.63227 1.000 24.26502  ? 85  GLN A O     1 
ATOM   663  C CB    . GLN A 1 109 ? -2.95005  -2.05095  -14.24973 1.000 25.98514  ? 85  GLN A CB    1 
ATOM   664  C CG    . GLN A 1 109 ? -1.81581  -2.02695  -15.23131 1.000 33.41390  ? 85  GLN A CG    1 
ATOM   665  C CD    . GLN A 1 109 ? -0.82238  -0.93705  -14.90758 1.000 39.09888  ? 85  GLN A CD    1 
ATOM   666  O OE1   . GLN A 1 109 ? -1.17634  0.08242   -14.30679 1.000 43.45560  ? 85  GLN A OE1   1 
ATOM   667  N NE2   . GLN A 1 109 ? 0.42932   -1.14717  -15.28677 1.000 49.71174  ? 85  GLN A NE2   1 
ATOM   668  N N     . VAL A 1 110 ? -6.18414  -2.13848  -13.61423 1.000 22.16630  ? 86  VAL A N     1 
ATOM   669  C CA    . VAL A 1 110 ? -7.25061  -2.14221  -12.62788 1.000 23.90704  ? 86  VAL A CA    1 
ATOM   670  C C     . VAL A 1 110 ? -8.56266  -1.96380  -13.37245 1.000 24.75273  ? 86  VAL A C     1 
ATOM   671  O O     . VAL A 1 110 ? -8.59508  -1.60074  -14.55300 1.000 25.67882  ? 86  VAL A O     1 
ATOM   672  C CB    . VAL A 1 110 ? -7.09707  -1.02225  -11.57553 1.000 23.31602  ? 86  VAL A CB    1 
ATOM   673  C CG1   . VAL A 1 110 ? -5.76823  -1.16345  -10.86419 1.000 24.90316  ? 86  VAL A CG1   1 
ATOM   674  C CG2   . VAL A 1 110 ? -7.20999  0.34551   -12.25436 1.000 21.80277  ? 86  VAL A CG2   1 
ATOM   675  N N     . GLU A 1 111 ? -9.65100  -2.21355  -12.64723 1.000 26.11321  ? 87  GLU A N     1 
ATOM   676  C CA    . GLU A 1 111 ? -10.99188 -1.98619  -13.16444 1.000 28.49201  ? 87  GLU A CA    1 
ATOM   677  C C     . GLU A 1 111 ? -11.86938 -1.37681  -12.08545 1.000 26.81231  ? 87  GLU A C     1 
ATOM   678  O O     . GLU A 1 111 ? -11.90324 -1.86664  -10.94863 1.000 27.34336  ? 87  GLU A O     1 
ATOM   679  C CB    . GLU A 1 111 ? -11.63259 -3.28146  -13.67442 1.000 29.95970  ? 87  GLU A CB    1 
ATOM   680  C CG    . GLU A 1 111 ? -13.02004 -3.03158  -14.25231 1.000 34.80924  ? 87  GLU A CG    1 
ATOM   681  C CD    . GLU A 1 111 ? -13.77206 -4.30867  -14.60209 1.000 39.97839  ? 87  GLU A CD    1 
ATOM   682  O OE1   . GLU A 1 111 ? -13.45683 -5.37437  -14.03841 1.000 34.59000  ? 87  GLU A OE1   1 
ATOM   683  O OE2   . GLU A 1 111 ? -14.68494 -4.23545  -15.45216 1.000 46.12704  ? 87  GLU A OE2   1 
ATOM   684  N N     . ARG A 1 112 ? -12.58135 -0.31206  -12.45672 1.000 25.67892  ? 88  ARG A N     1 
ATOM   685  C CA    . ARG A 1 112 ? -13.60946 0.27174   -11.61363 1.000 22.04472  ? 88  ARG A CA    1 
ATOM   686  C C     . ARG A 1 112 ? -14.96308 -0.32606  -11.98618 1.000 28.72806  ? 88  ARG A C     1 
ATOM   687  O O     . ARG A 1 112 ? -15.22107 -0.63255  -13.15517 1.000 32.10215  ? 88  ARG A O     1 
ATOM   688  C CB    . ARG A 1 112 ? -13.62460 1.79461   -11.75565 1.000 28.54596  ? 88  ARG A CB    1 
ATOM   689  C CG    . ARG A 1 112 ? -12.50710 2.43474   -10.93089 1.000 28.73972  ? 88  ARG A CG    1 
ATOM   690  C CD    . ARG A 1 112 ? -12.39451 3.92772   -11.13685 1.000 31.94091  ? 88  ARG A CD    1 
ATOM   691  N NE    . ARG A 1 112 ? -11.91778 4.25419   -12.47502 1.000 34.43487  ? 88  ARG A NE    1 
ATOM   692  C CZ    . ARG A 1 112 ? -11.40351 5.43038   -12.79965 1.000 29.50172  ? 88  ARG A CZ    1 
ATOM   693  N NH1   . ARG A 1 112 ? -11.29741 6.37700   -11.87256 1.000 33.56650  ? 88  ARG A NH1   1 
ATOM   694  N NH2   . ARG A 1 112 ? -10.99825 5.65304   -14.03576 1.000 36.93412  ? 88  ARG A NH2   1 
ATOM   695  N N     . LEU A 1 113 ? -15.80729 -0.51743  -10.97846 1.000 31.04173  ? 89  LEU A N     1 
ATOM   696  C CA    . LEU A 1 113 ? -17.10553 -1.15941  -11.13235 1.000 33.92136  ? 89  LEU A CA    1 
ATOM   697  C C     . LEU A 1 113 ? -18.10790 -0.49611  -10.19984 1.000 39.14276  ? 89  LEU A C     1 
ATOM   698  O O     . LEU A 1 113 ? -17.72612 0.04967   -9.15920  1.000 37.92105  ? 89  LEU A O     1 
ATOM   699  C CB    . LEU A 1 113 ? -17.02094 -2.66388  -10.83099 1.000 36.82902  ? 89  LEU A CB    1 
ATOM   700  C CG    . LEU A 1 113 ? -16.59592 -3.06486  -9.41746  1.000 47.48912  ? 89  LEU A CG    1 
ATOM   701  C CD1   . LEU A 1 113 ? -17.37107 -4.29052  -8.93674  1.000 54.68916  ? 89  LEU A CD1   1 
ATOM   702  C CD2   . LEU A 1 113 ? -15.09053 -3.32518  -9.35830  1.000 49.65396  ? 89  LEU A CD2   1 
ATOM   703  N N     . PRO A 1 114 ? -19.38968 -0.50759  -10.54552 1.000 40.16640  ? 90  PRO A N     1 
ATOM   704  C CA    . PRO A 1 114 ? -20.37816 0.10016   -9.65221  1.000 34.27312  ? 90  PRO A CA    1 
ATOM   705  C C     . PRO A 1 114 ? -20.59521 -0.75978  -8.41963  1.000 36.58639  ? 90  PRO A C     1 
ATOM   706  O O     . PRO A 1 114 ? -20.44556 -1.98410  -8.45428  1.000 47.37683  ? 90  PRO A O     1 
ATOM   707  C CB    . PRO A 1 114 ? -21.64239 0.16687   -10.51380 1.000 50.01622  ? 90  PRO A CB    1 
ATOM   708  C CG    . PRO A 1 114 ? -21.49713 -0.98511  -11.45111 1.000 48.17747  ? 90  PRO A CG    1 
ATOM   709  C CD    . PRO A 1 114 ? -20.01387 -1.11860  -11.73282 1.000 46.86735  ? 90  PRO A CD    1 
ATOM   710  N N     . HIS A 1 115 ? -20.93387 -0.10619  -7.31230  1.000 43.52486  ? 91  HIS A N     1 
ATOM   711  C CA    . HIS A 1 115 ? -21.38362 -0.86267  -6.15495  1.000 55.34686  ? 91  HIS A CA    1 
ATOM   712  C C     . HIS A 1 115 ? -22.76155 -1.43554  -6.45153  1.000 70.22584  ? 91  HIS A C     1 
ATOM   713  O O     . HIS A 1 115 ? -23.58708 -0.80008  -7.11072  1.000 62.44006  ? 91  HIS A O     1 
ATOM   714  C CB    . HIS A 1 115 ? -21.42215 0.00641   -4.89891  1.000 65.10508  ? 91  HIS A CB    1 
ATOM   715  C CG    . HIS A 1 115 ? -21.80246 -0.74741  -3.66136  1.000 76.28281  ? 91  HIS A CG    1 
ATOM   716  N ND1   . HIS A 1 115 ? -23.11251 -0.99075  -3.31063  1.000 78.58624  ? 91  HIS A ND1   1 
ATOM   717  C CD2   . HIS A 1 115 ? -21.04331 -1.32796  -2.70181  1.000 85.98060  ? 91  HIS A CD2   1 
ATOM   718  C CE1   . HIS A 1 115 ? -23.14486 -1.68106  -2.18458  1.000 87.17288  ? 91  HIS A CE1   1 
ATOM   719  N NE2   . HIS A 1 115 ? -21.90233 -1.89817  -1.79348  1.000 85.60290  ? 91  HIS A NE2   1 
ATOM   720  N N     . GLU A 1 116 ? -23.00117 -2.65599  -5.98205  1.000 77.24650  ? 92  GLU A N     1 
ATOM   721  C CA    . GLU A 1 116 ? -24.22076 -3.35991  -6.35217  1.000 90.32683  ? 92  GLU A CA    1 
ATOM   722  C C     . GLU A 1 116 ? -25.45383 -2.82921  -5.63154  1.000 85.10924  ? 92  GLU A C     1 
ATOM   723  O O     . GLU A 1 116 ? -26.55990 -3.31291  -5.89721  1.000 88.81849  ? 92  GLU A O     1 
ATOM   724  C CB    . GLU A 1 116 ? -24.05026 -4.85295  -6.09152  1.000 93.03412  ? 92  GLU A CB    1 
ATOM   725  C CG    . GLU A 1 116 ? -23.06225 -5.54599  -7.03233  1.000 94.50721  ? 92  GLU A CG    1 
ATOM   726  C CD    . GLU A 1 116 ? -21.62558 -5.07066  -6.86029  1.000 96.12535  ? 92  GLU A CD    1 
ATOM   727  O OE1   . GLU A 1 116 ? -20.92786 -4.89087  -7.88395  1.000 91.38036  ? 92  GLU A OE1   1 
ATOM   728  O OE2   . GLU A 1 116 ? -21.19209 -4.88692  -5.70205  1.000 84.32406  ? 92  GLU A OE2   1 
ATOM   729  N N     . SER A 1 117 ? -25.29593 -1.83814  -4.75383  1.000 77.91092  ? 93  SER A N     1 
ATOM   730  C CA    . SER A 1 117 ? -26.41750 -1.22873  -4.05001  1.000 78.43793  ? 93  SER A CA    1 
ATOM   731  C C     . SER A 1 117 ? -26.37590 0.29059   -4.17729  1.000 79.24888  ? 93  SER A C     1 
ATOM   732  O O     . SER A 1 117 ? -27.24728 0.89613   -4.81068  1.000 81.78800  ? 93  SER A O     1 
ATOM   733  C CB    . SER A 1 117 ? -26.40480 -1.63985  -2.57568  1.000 78.18004  ? 93  SER A CB    1 
ATOM   734  O OG    . SER A 1 117 ? -27.29874 -0.84529  -1.81547  1.000 81.66328  ? 93  SER A OG    1 
ATOM   735  N N     . ASP A 1 118 ? -25.35639 0.90710   -3.58394  1.000 76.13935  ? 94  ASP A N     1 
ATOM   736  C CA    . ASP A 1 118 ? -25.22441 2.35976   -3.52462  1.000 78.06759  ? 94  ASP A CA    1 
ATOM   737  C C     . ASP A 1 118 ? -24.35775 2.85953   -4.67650  1.000 80.87544  ? 94  ASP A C     1 
ATOM   738  O O     . ASP A 1 118 ? -23.25532 2.34014   -4.89222  1.000 82.62969  ? 94  ASP A O     1 
ATOM   739  C CB    . ASP A 1 118 ? -24.60976 2.75654   -2.17922  1.000 77.11602  ? 94  ASP A CB    1 
ATOM   740  C CG    . ASP A 1 118 ? -24.75528 4.22983   -1.87239  1.000 81.19862  ? 94  ASP A CG    1 
ATOM   741  O OD1   . ASP A 1 118 ? -25.17810 4.55716   -0.74280  1.000 91.18619  ? 94  ASP A OD1   1 
ATOM   742  O OD2   . ASP A 1 118 ? -24.43128 5.06003   -2.74567  1.000 80.63024  ? 94  ASP A OD2   1 
ATOM   743  N N     . ARG A 1 119 ? -24.84662 3.85942   -5.42324  1.000 71.04627  ? 95  ARG A N     1 
ATOM   744  C CA    . ARG A 1 119 ? -24.04643 4.40426   -6.51236  1.000 78.54977  ? 95  ARG A CA    1 
ATOM   745  C C     . ARG A 1 119 ? -23.38090 5.72333   -6.14164  1.000 78.39034  ? 95  ARG A C     1 
ATOM   746  O O     . ARG A 1 119 ? -22.86880 6.41930   -7.02527  1.000 76.96595  ? 95  ARG A O     1 
ATOM   747  C CB    . ARG A 1 119 ? -24.85778 4.57441   -7.79552  1.000 82.95570  ? 95  ARG A CB    1 
ATOM   748  C CG    . ARG A 1 119 ? -26.04166 5.52323   -7.75064  1.000 87.34175  ? 95  ARG A CG    1 
ATOM   749  C CD    . ARG A 1 119 ? -25.56695 6.96834   -7.90773  1.000 89.87767  ? 95  ARG A CD    1 
ATOM   750  N NE    . ARG A 1 119 ? -26.62212 7.90538   -7.51532  1.000 94.58191  ? 95  ARG A NE    1 
ATOM   751  C CZ    . ARG A 1 119 ? -27.46422 8.48022   -8.37065  1.000 97.26980  ? 95  ARG A CZ    1 
ATOM   752  N NH1   . ARG A 1 119 ? -27.32064 8.29164   -9.67964  1.000 96.60598  ? 95  ARG A NH1   1 
ATOM   753  N NH2   . ARG A 1 119 ? -28.39154 9.31028   -7.92726  1.000 90.89159  ? 95  ARG A NH2   1 
ATOM   754  N N     . ARG A 1 120 ? -23.36662 6.08456   -4.85254  1.000 72.93386  ? 96  ARG A N     1 
ATOM   755  C CA    . ARG A 1 120 ? -22.32853 7.00589   -4.40157  1.000 81.67669  ? 96  ARG A CA    1 
ATOM   756  C C     . ARG A 1 120 ? -20.96185 6.35280   -4.50664  1.000 73.90957  ? 96  ARG A C     1 
ATOM   757  O O     . ARG A 1 120 ? -19.95104 7.04924   -4.65690  1.000 77.73562  ? 96  ARG A O     1 
ATOM   758  C CB    . ARG A 1 120 ? -22.54581 7.45413   -2.94774  1.000 82.61137  ? 96  ARG A CB    1 
ATOM   759  C CG    . ARG A 1 120 ? -21.45502 8.43031   -2.44529  1.000 90.76073  ? 96  ARG A CG    1 
ATOM   760  C CD    . ARG A 1 120 ? -20.19766 7.71315   -1.92188  1.000 94.29082  ? 96  ARG A CD    1 
ATOM   761  N NE    . ARG A 1 120 ? -19.01483 8.58008   -1.91374  1.000 108.96526 ? 96  ARG A NE    1 
ATOM   762  C CZ    . ARG A 1 120 ? -17.86401 8.27836   -1.31492  1.000 99.30541  ? 96  ARG A CZ    1 
ATOM   763  N NH1   . ARG A 1 120 ? -17.73404 7.12953   -0.66537  1.000 87.36592  ? 96  ARG A NH1   1 
ATOM   764  N NH2   . ARG A 1 120 ? -16.84025 9.12298   -1.36408  1.000 86.40137  ? 96  ARG A NH2   1 
ATOM   765  N N     . ILE A 1 121 ? -20.92846 5.02457   -4.46341  1.000 66.59768  ? 97  ILE A N     1 
ATOM   766  C CA    . ILE A 1 121 ? -19.72325 4.24597   -4.22498  1.000 58.57310  ? 97  ILE A CA    1 
ATOM   767  C C     . ILE A 1 121 ? -19.26705 3.61958   -5.53559  1.000 56.56569  ? 97  ILE A C     1 
ATOM   768  O O     . ILE A 1 121 ? -20.04935 2.95475   -6.22309  1.000 45.45679  ? 97  ILE A O     1 
ATOM   769  C CB    . ILE A 1 121 ? -19.97390 3.16344   -3.16095  1.000 60.64759  ? 97  ILE A CB    1 
ATOM   770  C CG1   . ILE A 1 121 ? -20.34491 3.81056   -1.82573  1.000 62.49786  ? 97  ILE A CG1   1 
ATOM   771  C CG2   . ILE A 1 121 ? -18.76101 2.25933   -3.01680  1.000 53.80946  ? 97  ILE A CG2   1 
ATOM   772  C CD1   . ILE A 1 121 ? -21.67177 3.33984   -1.27072  1.000 72.49612  ? 97  ILE A CD1   1 
ATOM   773  N N     . THR A 1 122 ? -18.00264 3.83397   -5.87417  1.000 41.69411  ? 98  THR A N     1 
ATOM   774  C CA    . THR A 1 122 ? -17.32904 3.10229   -6.93788  1.000 39.34774  ? 98  THR A CA    1 
ATOM   775  C C     . THR A 1 122 ? -16.38204 2.10243   -6.29411  1.000 33.60302  ? 98  THR A C     1 
ATOM   776  O O     . THR A 1 122 ? -15.67885 2.44112   -5.33629  1.000 33.42261  ? 98  THR A O     1 
ATOM   777  C CB    . THR A 1 122 ? -16.56335 4.05064   -7.86424  1.000 40.79604  ? 98  THR A CB    1 
ATOM   778  O OG1   . THR A 1 122 ? -17.48030 4.98516   -8.44627  1.000 44.87353  ? 98  THR A OG1   1 
ATOM   779  C CG2   . THR A 1 122 ? -15.83638 3.28544   -8.96411  1.000 34.97875  ? 98  THR A CG2   1 
ATOM   780  N N     . LEU A 1 123 ? -16.39008 0.87183   -6.79259  1.000 30.32461  ? 99  LEU A N     1 
ATOM   781  C CA    . LEU A 1 123 ? -15.47848 -0.17450  -6.36083  1.000 28.81937  ? 99  LEU A CA    1 
ATOM   782  C C     . LEU A 1 123 ? -14.34467 -0.30902  -7.36550  1.000 25.21396  ? 99  LEU A C     1 
ATOM   783  O O     . LEU A 1 123 ? -14.45388 0.10553   -8.51918  1.000 27.00176  ? 99  LEU A O     1 
ATOM   784  C CB    . LEU A 1 123 ? -16.20918 -1.51347  -6.22671  1.000 32.55631  ? 99  LEU A CB    1 
ATOM   785  C CG    . LEU A 1 123 ? -17.45875 -1.55025  -5.34639  1.000 39.10131  ? 99  LEU A CG    1 
ATOM   786  C CD1   . LEU A 1 123 ? -17.99552 -2.97852  -5.27704  1.000 43.56471  ? 99  LEU A CD1   1 
ATOM   787  C CD2   . LEU A 1 123 ? -17.16953 -1.02238  -3.95603  1.000 38.14930  ? 99  LEU A CD2   1 
ATOM   788  N N     . VAL A 1 124 ? -13.24807 -0.91693  -6.92310  1.000 29.09185  ? 100 VAL A N     1 
ATOM   789  C CA    . VAL A 1 124 ? -12.07564 -1.07712  -7.77208  1.000 22.99226  ? 100 VAL A CA    1 
ATOM   790  C C     . VAL A 1 124 ? -11.40821 -2.40236  -7.43479  1.000 21.68221  ? 100 VAL A C     1 
ATOM   791  O O     . VAL A 1 124 ? -11.38927 -2.82672  -6.27261  1.000 24.99982  ? 100 VAL A O     1 
ATOM   792  C CB    . VAL A 1 124 ? -11.09995 0.11541   -7.61814  1.000 28.88749  ? 100 VAL A CB    1 
ATOM   793  C CG1   . VAL A 1 124 ? -10.65719 0.25955   -6.18441  1.000 28.57446  ? 100 VAL A CG1   1 
ATOM   794  C CG2   . VAL A 1 124 ? -9.89361  -0.01045  -8.57576  1.000 24.34735  ? 100 VAL A CG2   1 
ATOM   795  N N     A ARG A 1 125 ? -10.87741 -3.05836  -8.46460  0.443 23.28159  ? 101 ARG A N     1 
ATOM   796  N N     B ARG A 1 125 ? -10.86537 -3.05002  -8.46278  0.557 23.28929  ? 101 ARG A N     1 
ATOM   797  C CA    A ARG A 1 125 ? -10.17848 -4.32888  -8.34226  0.443 23.84947  ? 101 ARG A CA    1 
ATOM   798  C CA    B ARG A 1 125 ? -10.17951 -4.32631  -8.34209  0.557 23.84261  ? 101 ARG A CA    1 
ATOM   799  C C     A ARG A 1 125 ? -8.93555  -4.29891  -9.21551  0.443 21.67101  ? 101 ARG A C     1 
ATOM   800  C C     B ARG A 1 125 ? -8.94699  -4.31831  -9.23153  0.557 21.65187  ? 101 ARG A C     1 
ATOM   801  O O     A ARG A 1 125 ? -8.83727  -3.51142  -10.16147 0.443 24.88948  ? 101 ARG A O     1 
ATOM   802  O O     B ARG A 1 125 ? -8.85900  -3.55319  -10.19592 0.557 24.93588  ? 101 ARG A O     1 
ATOM   803  C CB    A ARG A 1 125 ? -11.05479 -5.50867  -8.78689  0.443 23.85077  ? 101 ARG A CB    1 
ATOM   804  C CB    B ARG A 1 125 ? -11.09497 -5.49214  -8.74808  0.557 23.87733  ? 101 ARG A CB    1 
ATOM   805  C CG    A ARG A 1 125 ? -11.19303 -5.55012  -10.29941 0.443 23.86712  ? 101 ARG A CG    1 
ATOM   806  C CG    B ARG A 1 125 ? -11.68473 -5.32349  -10.14453 0.557 23.87171  ? 101 ARG A CG    1 
ATOM   807  C CD    A ARG A 1 125 ? -12.01096 -6.72558  -10.80799 0.443 26.46385  ? 101 ARG A CD    1 
ATOM   808  C CD    B ARG A 1 125 ? -12.50754 -6.54886  -10.54615 0.557 23.47847  ? 101 ARG A CD    1 
ATOM   809  N NE    A ARG A 1 125 ? -12.15082 -6.60646  -12.25466 0.443 23.64189  ? 101 ARG A NE    1 
ATOM   810  N NE    B ARG A 1 125 ? -11.65835 -7.72074  -10.74973 0.557 26.80103  ? 101 ARG A NE    1 
ATOM   811  C CZ    A ARG A 1 125 ? -11.46073 -7.31479  -13.14442 0.443 25.47498  ? 101 ARG A CZ    1 
ATOM   812  C CZ    B ARG A 1 125 ? -11.15167 -8.09763  -11.92071 0.557 17.62348  ? 101 ARG A CZ    1 
ATOM   813  N NH1   A ARG A 1 125 ? -10.59259 -8.23710  -12.74595 0.443 20.27394  ? 101 ARG A NH1   1 
ATOM   814  N NH1   B ARG A 1 125 ? -11.39774 -7.39814  -13.02289 0.557 25.53940  ? 101 ARG A NH1   1 
ATOM   815  N NH2   A ARG A 1 125 ? -11.65172 -7.10627  -14.43823 0.443 29.57042  ? 101 ARG A NH2   1 
ATOM   816  N NH2   B ARG A 1 125 ? -10.38390 -9.17243  -11.98991 0.557 24.66393  ? 101 ARG A NH2   1 
ATOM   817  N N     . ILE A 1 126 ? -7.99613  -5.19118  -8.91077  1.000 19.56827  ? 102 ILE A N     1 
ATOM   818  C CA    . ILE A 1 126 ? -6.84903  -5.40856  -9.78191  1.000 19.66009  ? 102 ILE A CA    1 
ATOM   819  C C     . ILE A 1 126 ? -7.26344  -6.39958  -10.85796 1.000 25.29511  ? 102 ILE A C     1 
ATOM   820  O O     . ILE A 1 126 ? -8.05829  -7.30612  -10.59705 1.000 27.59406  ? 102 ILE A O     1 
ATOM   821  C CB    . ILE A 1 126 ? -5.63625  -5.92293  -8.98187  1.000 25.72811  ? 102 ILE A CB    1 
ATOM   822  C CG1   . ILE A 1 126 ? -4.34447  -5.81903  -9.80443  1.000 24.93351  ? 102 ILE A CG1   1 
ATOM   823  C CG2   . ILE A 1 126 ? -5.85303  -7.34983  -8.49678  1.000 28.80798  ? 102 ILE A CG2   1 
ATOM   824  C CD1   . ILE A 1 126 ? -3.06114  -6.11228  -9.00115  1.000 27.62977  ? 102 ILE A CD1   1 
ATOM   825  N N     . THR A 1 127 ? -6.74709  -6.22810  -12.06608 1.000 23.55495  ? 103 THR A N     1 
ATOM   826  C CA    . THR A 1 127 ? -6.99524  -7.20072  -13.12879 1.000 25.01401  ? 103 THR A CA    1 
ATOM   827  C C     . THR A 1 127 ? -5.92140  -8.28273  -13.13936 1.000 26.05414  ? 103 THR A C     1 
ATOM   828  O O     . THR A 1 127 ? -4.88666  -8.18550  -12.48878 1.000 24.09737  ? 103 THR A O     1 
ATOM   829  C CB    . THR A 1 127 ? -7.01077  -6.52708  -14.49463 1.000 23.06203  ? 103 THR A CB    1 
ATOM   830  O OG1   . THR A 1 127 ? -5.68504  -6.03286  -14.76859 1.000 24.77690  ? 103 THR A OG1   1 
ATOM   831  C CG2   . THR A 1 127 ? -8.04336  -5.40949  -14.54705 1.000 25.08336  ? 103 THR A CG2   1 
ATOM   832  N N     . ARG A 1 128 ? -6.14642  -9.32890  -13.93812 1.000 24.39696  ? 104 ARG A N     1 
ATOM   833  C CA    . ARG A 1 128 ? -5.08997  -10.32167 -14.08517 1.000 23.20575  ? 104 ARG A CA    1 
ATOM   834  C C     . ARG A 1 128 ? -3.81610  -9.69260  -14.63147 1.000 24.00626  ? 104 ARG A C     1 
ATOM   835  O O     . ARG A 1 128 ? -2.70654  -10.05782 -14.22162 1.000 25.06505  ? 104 ARG A O     1 
ATOM   836  C CB    . ARG A 1 128 ? -5.55619  -11.46050 -15.00532 1.000 24.90774  ? 104 ARG A CB    1 
ATOM   837  C CG    . ARG A 1 128 ? -4.46875  -12.48129 -15.27296 1.000 27.72112  ? 104 ARG A CG    1 
ATOM   838  C CD    . ARG A 1 128 ? -4.89335  -13.48864 -16.34449 1.000 33.22973  ? 104 ARG A CD    1 
ATOM   839  N NE    . ARG A 1 128 ? -3.91908  -14.56403 -16.52362 1.000 36.64821  ? 104 ARG A NE    1 
ATOM   840  C CZ    . ARG A 1 128 ? -2.90896  -14.51060 -17.38470 1.000 32.32393  ? 104 ARG A CZ    1 
ATOM   841  N NH1   . ARG A 1 128 ? -2.73978  -13.43209 -18.13672 1.000 36.99612  ? 104 ARG A NH1   1 
ATOM   842  N NH2   . ARG A 1 128 ? -2.06315  -15.52615 -17.49165 1.000 39.04649  ? 104 ARG A NH2   1 
ATOM   843  N N     . LYS A 1 129 ? -3.95181  -8.75788  -15.57606 1.000 24.41886  ? 105 LYS A N     1 
ATOM   844  C CA    . LYS A 1 129 ? -2.77700  -8.08369  -16.12100 1.000 23.96119  ? 105 LYS A CA    1 
ATOM   845  C C     . LYS A 1 129 ? -2.01904  -7.34343  -15.02038 1.000 27.02556  ? 105 LYS A C     1 
ATOM   846  O O     . LYS A 1 129 ? -0.78824  -7.41895  -14.94593 1.000 24.57740  ? 105 LYS A O     1 
ATOM   847  C CB    . LYS A 1 129 ? -3.19664  -7.11871  -17.23091 1.000 26.90551  ? 105 LYS A CB    1 
ATOM   848  C CG    . LYS A 1 129 ? -2.04353  -6.41506  -17.92744 1.000 30.24972  ? 105 LYS A CG    1 
ATOM   849  C CD    . LYS A 1 129 ? -2.55719  -5.39996  -18.94676 1.000 29.66988  ? 105 LYS A CD    1 
ATOM   850  C CE    . LYS A 1 129 ? -1.42014  -4.60686  -19.55126 1.000 40.95922  ? 105 LYS A CE    1 
ATOM   851  N NZ    . LYS A 1 129 ? -1.89508  -3.74743  -20.67116 1.000 40.39193  ? 105 LYS A NZ    1 
ATOM   852  N N     . GLY A 1 130 ? -2.74538  -6.64910  -14.14278 1.000 26.68463  ? 106 GLY A N     1 
ATOM   853  C CA    . GLY A 1 130 ? -2.08930  -5.95529  -13.03684 1.000 22.81740  ? 106 GLY A CA    1 
ATOM   854  C C     . GLY A 1 130 ? -1.40627  -6.90612  -12.06830 1.000 26.31138  ? 106 GLY A C     1 
ATOM   855  O O     . GLY A 1 130 ? -0.27942  -6.66191  -11.61920 1.000 26.00777  ? 106 GLY A O     1 
ATOM   856  N N     . LEU A 1 131 ? -2.07543  -8.00789  -11.73414 1.000 24.22732  ? 107 LEU A N     1 
ATOM   857  C CA    . LEU A 1 131 ? -1.48208  -8.99530  -10.83906 1.000 25.14555  ? 107 LEU A CA    1 
ATOM   858  C C     . LEU A 1 131 ? -0.19821  -9.56909  -11.42998 1.000 26.98396  ? 107 LEU A C     1 
ATOM   859  O O     . LEU A 1 131 ? 0.82781   -9.68214  -10.74282 1.000 24.91544  ? 107 LEU A O     1 
ATOM   860  C CB    . LEU A 1 131 ? -2.50465  -10.09750 -10.55341 1.000 29.95171  ? 107 LEU A CB    1 
ATOM   861  C CG    . LEU A 1 131 ? -2.26109  -11.00844 -9.35360  1.000 43.54371  ? 107 LEU A CG    1 
ATOM   862  C CD1   . LEU A 1 131 ? -2.26429  -10.21967 -8.05200  1.000 35.18294  ? 107 LEU A CD1   1 
ATOM   863  C CD2   . LEU A 1 131 ? -3.31673  -12.11325 -9.32506  1.000 36.76530  ? 107 LEU A CD2   1 
ATOM   864  N N     . LYS A 1 132 ? -0.23032  -9.95038  -12.71190 1.000 25.97266  ? 108 LYS A N     1 
ATOM   865  C CA    . LYS A 1 132 ? 0.98446   -10.48122 -13.31252 1.000 29.09263  ? 108 LYS A CA    1 
ATOM   866  C C     . LYS A 1 132 ? 2.07169   -9.41988  -13.35945 1.000 32.78476  ? 108 LYS A C     1 
ATOM   867  O O     . LYS A 1 132 ? 3.25692   -9.74235  -13.22482 1.000 30.70524  ? 108 LYS A O     1 
ATOM   868  C CB    . LYS A 1 132 ? 0.69587   -11.03027 -14.71702 1.000 35.11952  ? 108 LYS A CB    1 
ATOM   869  C CG    . LYS A 1 132 ? -0.03398  -12.37356 -14.70995 1.000 38.80315  ? 108 LYS A CG    1 
ATOM   870  C CD    . LYS A 1 132 ? 0.94464   -13.53180 -14.86860 1.000 53.62693  ? 108 LYS A CD    1 
ATOM   871  C CE    . LYS A 1 132 ? 0.22536   -14.87527 -14.90489 1.000 68.21876  ? 108 LYS A CE    1 
ATOM   872  N NZ    . LYS A 1 132 ? 1.12470   -16.00404 -14.53461 1.000 72.79759  ? 108 LYS A NZ    1 
ATOM   873  N N     . ALA A 1 133 ? 1.68917   -8.14792  -13.52236 1.000 28.55246  ? 109 ALA A N     1 
ATOM   874  C CA    . ALA A 1 133 ? 2.68546   -7.08317  -13.55841 1.000 29.24203  ? 109 ALA A CA    1 
ATOM   875  C C     . ALA A 1 133 ? 3.38279   -6.91808  -12.21684 1.000 28.00833  ? 109 ALA A C     1 
ATOM   876  O O     . ALA A 1 133 ? 4.56658   -6.55103  -12.17596 1.000 28.66734  ? 109 ALA A O     1 
ATOM   877  C CB    . ALA A 1 133 ? 2.03605   -5.75789  -13.95827 1.000 27.19572  ? 109 ALA A CB    1 
ATOM   878  N N     . VAL A 1 134 ? 2.66700   -7.15437  -11.11751 1.000 26.12499  ? 110 VAL A N     1 
ATOM   879  C CA    . VAL A 1 134 ? 3.20930   -6.83394  -9.79201  1.000 26.69227  ? 110 VAL A CA    1 
ATOM   880  C C     . VAL A 1 134 ? 3.69116   -8.05061  -8.99258  1.000 30.87707  ? 110 VAL A C     1 
ATOM   881  O O     . VAL A 1 134 ? 4.30691   -7.86177  -7.93637  1.000 29.58065  ? 110 VAL A O     1 
ATOM   882  C CB    . VAL A 1 134 ? 2.17854   -6.03229  -8.95798  1.000 25.91605  ? 110 VAL A CB    1 
ATOM   883  C CG1   . VAL A 1 134 ? 1.09468   -6.93191  -8.36170  1.000 22.77645  ? 110 VAL A CG1   1 
ATOM   884  C CG2   . VAL A 1 134 ? 2.86652   -5.21800  -7.85306  1.000 27.20873  ? 110 VAL A CG2   1 
ATOM   885  N N     . GLU A 1 135 ? 3.42094   -9.28566  -9.43266  1.000 26.79476  ? 111 GLU A N     1 
ATOM   886  C CA    . GLU A 1 135 ? 3.67243   -10.41140 -8.52151  1.000 25.90834  ? 111 GLU A CA    1 
ATOM   887  C C     . GLU A 1 135 ? 5.16138   -10.58196 -8.18536  1.000 28.21623  ? 111 GLU A C     1 
ATOM   888  O O     . GLU A 1 135 ? 5.51412   -10.91430 -7.03589  1.000 30.16499  ? 111 GLU A O     1 
ATOM   889  C CB    . GLU A 1 135 ? 3.08231   -11.70143 -9.09675  1.000 36.83828  ? 111 GLU A CB    1 
ATOM   890  C CG    . GLU A 1 135 ? 3.66508   -12.14839 -10.39626 1.000 44.10625  ? 111 GLU A CG    1 
ATOM   891  C CD    . GLU A 1 135 ? 2.87409   -13.29494 -11.00450 1.000 58.52533  ? 111 GLU A CD    1 
ATOM   892  O OE1   . GLU A 1 135 ? 3.21742   -13.71423 -12.12621 1.000 51.86799  ? 111 GLU A OE1   1 
ATOM   893  O OE2   . GLU A 1 135 ? 1.90329   -13.76592 -10.36617 1.000 51.10524  ? 111 GLU A OE2   1 
ATOM   894  N N     . HIS A 1 136 ? 6.05739   -10.36242 -9.15378  1.000 26.42794  ? 112 HIS A N     1 
ATOM   895  C CA    . HIS A 1 136 ? 7.48195   -10.47453 -8.83849  1.000 32.69673  ? 112 HIS A CA    1 
ATOM   896  C C     . HIS A 1 136 ? 7.89777   -9.39945  -7.83781  1.000 28.16170  ? 112 HIS A C     1 
ATOM   897  O O     . HIS A 1 136 ? 8.61454   -9.66895  -6.85880  1.000 27.69203  ? 112 HIS A O     1 
ATOM   898  C CB    . HIS A 1 136 ? 8.32508   -10.38121 -10.10909 1.000 34.83971  ? 112 HIS A CB    1 
ATOM   899  C CG    . HIS A 1 136 ? 9.79985   -10.43719 -9.85362  1.000 33.08056  ? 112 HIS A CG    1 
ATOM   900  N ND1   . HIS A 1 136 ? 10.38757  -11.43290 -9.10130  1.000 44.31517  ? 112 HIS A ND1   1 
ATOM   901  C CD2   . HIS A 1 136 ? 10.80245  -9.60813  -10.22769 1.000 47.07910  ? 112 HIS A CD2   1 
ATOM   902  C CE1   . HIS A 1 136 ? 11.68983  -11.22115 -9.03388  1.000 40.32154  ? 112 HIS A CE1   1 
ATOM   903  N NE2   . HIS A 1 136 ? 11.96760  -10.11942 -9.70708  1.000 46.79300  ? 112 HIS A NE2   1 
ATOM   904  N N     . LEU A 1 137 ? 7.45947   -8.16704  -8.07563  1.000 26.24625  ? 113 LEU A N     1 
ATOM   905  C CA    . LEU A 1 137 ? 7.74767   -7.09935  -7.12557  1.000 23.05807  ? 113 LEU A CA    1 
ATOM   906  C C     . LEU A 1 137 ? 7.22095   -7.44003  -5.73645  1.000 23.91450  ? 113 LEU A C     1 
ATOM   907  O O     . LEU A 1 137 ? 7.84795   -7.10507  -4.72292  1.000 26.33968  ? 113 LEU A O     1 
ATOM   908  C CB    . LEU A 1 137 ? 7.14562   -5.78916  -7.63530  1.000 24.98001  ? 113 LEU A CB    1 
ATOM   909  C CG    . LEU A 1 137 ? 7.59673   -4.49427  -6.96583  1.000 27.50714  ? 113 LEU A CG    1 
ATOM   910  C CD1   . LEU A 1 137 ? 9.13417   -4.37019  -6.93001  1.000 26.26042  ? 113 LEU A CD1   1 
ATOM   911  C CD2   . LEU A 1 137 ? 6.97579   -3.31554  -7.70565  1.000 23.74649  ? 113 LEU A CD2   1 
ATOM   912  N N     . MET A 1 138 ? 6.05406   -8.08800  -5.65774  1.000 25.52383  ? 114 MET A N     1 
ATOM   913  C CA    . MET A 1 138 ? 5.51041   -8.45384  -4.35206  1.000 22.67295  ? 114 MET A CA    1 
ATOM   914  C C     . MET A 1 138 ? 6.39451   -9.47906  -3.64985  1.000 23.56970  ? 114 MET A C     1 
ATOM   915  O O     . MET A 1 138 ? 6.57845   -9.41835  -2.42391  1.000 26.69108  ? 114 MET A O     1 
ATOM   916  C CB    . MET A 1 138 ? 4.08003   -8.97939  -4.50258  1.000 27.60091  ? 114 MET A CB    1 
ATOM   917  C CG    . MET A 1 138 ? 3.05947   -7.86895  -4.74488  1.000 30.90397  ? 114 MET A CG    1 
ATOM   918  S SD    . MET A 1 138 ? 1.39239   -8.54369  -4.92147  1.000 36.80594  ? 114 MET A SD    1 
ATOM   919  C CE    . MET A 1 138 ? 1.18393   -9.27217  -3.31201  1.000 35.41009  ? 114 MET A CE    1 
ATOM   920  N N     A GLU A 1 139 ? 6.95601   -10.43031 -4.40176  0.532 26.43650  ? 115 GLU A N     1 
ATOM   921  N N     B GLU A 1 139 ? 6.94177   -10.43564 -4.40716  0.468 26.48048  ? 115 GLU A N     1 
ATOM   922  C CA    A GLU A 1 139 ? 7.90414   -11.35097 -3.77646  0.532 26.38049  ? 115 GLU A CA    1 
ATOM   923  C CA    B GLU A 1 139 ? 7.91844   -11.35726 -3.82713  0.468 26.49318  ? 115 GLU A CA    1 
ATOM   924  C C     A GLU A 1 139 ? 9.12582   -10.60000 -3.24511  0.532 27.08539  ? 115 GLU A C     1 
ATOM   925  C C     B GLU A 1 139 ? 9.11060   -10.59448 -3.25151  0.468 27.11332  ? 115 GLU A C     1 
ATOM   926  O O     A GLU A 1 139 ? 9.62111   -10.88861 -2.14219  0.532 27.69750  ? 115 GLU A O     1 
ATOM   927  O O     B GLU A 1 139 ? 9.57547   -10.87266 -2.13310  0.468 27.73447  ? 115 GLU A O     1 
ATOM   928  C CB    A GLU A 1 139 ? 8.32529   -12.43895 -4.76564  0.532 32.95689  ? 115 GLU A CB    1 
ATOM   929  C CB    B GLU A 1 139 ? 8.38506   -12.36078 -4.88530  0.468 32.56231  ? 115 GLU A CB    1 
ATOM   930  C CG    A GLU A 1 139 ? 9.03491   -13.61641 -4.10457  0.532 37.82581  ? 115 GLU A CG    1 
ATOM   931  C CG    B GLU A 1 139 ? 7.32170   -13.35595 -5.31184  0.468 32.14535  ? 115 GLU A CG    1 
ATOM   932  C CD    A GLU A 1 139 ? 8.34109   -14.08263 -2.83106  0.532 42.10932  ? 115 GLU A CD    1 
ATOM   933  C CD    B GLU A 1 139 ? 7.61543   -13.98756 -6.66672  0.468 45.71783  ? 115 GLU A CD    1 
ATOM   934  O OE1   A GLU A 1 139 ? 7.13303   -14.40480 -2.88491  0.532 41.30205  ? 115 GLU A OE1   1 
ATOM   935  O OE1   B GLU A 1 139 ? 8.76171   -13.87436 -7.15067  0.468 45.55421  ? 115 GLU A OE1   1 
ATOM   936  O OE2   A GLU A 1 139 ? 9.00689   -14.12002 -1.77362  0.532 48.15834  ? 115 GLU A OE2   1 
ATOM   937  O OE2   B GLU A 1 139 ? 6.69483   -14.59715 -7.25119  0.468 49.72038  ? 115 GLU A OE2   1 
ATOM   938  N N     . LEU A 1 140 ? 9.62570   -9.63231  -4.01887  1.000 23.50013  ? 116 LEU A N     1 
ATOM   939  C CA    . LEU A 1 140 ? 10.77329  -8.85076  -3.55872  1.000 23.67484  ? 116 LEU A CA    1 
ATOM   940  C C     . LEU A 1 140 ? 10.40581  -8.04665  -2.31928  1.000 24.87855  ? 116 LEU A C     1 
ATOM   941  O O     . LEU A 1 140 ? 11.22528  -7.87570  -1.41157  1.000 23.95031  ? 116 LEU A O     1 
ATOM   942  C CB    . LEU A 1 140 ? 11.27382  -7.92408  -4.66498  1.000 23.18109  ? 116 LEU A CB    1 
ATOM   943  C CG    . LEU A 1 140 ? 11.87092  -8.60831  -5.90693  1.000 24.59436  ? 116 LEU A CG    1 
ATOM   944  C CD1   . LEU A 1 140 ? 12.12770  -7.60820  -7.02131  1.000 28.63921  ? 116 LEU A CD1   1 
ATOM   945  C CD2   . LEU A 1 140 ? 13.14325  -9.38265  -5.55817  1.000 30.64313  ? 116 LEU A CD2   1 
ATOM   946  N N     . ALA A 1 141 ? 9.16724   -7.55621  -2.26024  1.000 23.04855  ? 117 ALA A N     1 
ATOM   947  C CA    . ALA A 1 141 ? 8.70360   -6.83041  -1.08025  1.000 22.86234  ? 117 ALA A CA    1 
ATOM   948  C C     . ALA A 1 141 ? 8.66296   -7.72945  0.14922   1.000 25.64786  ? 117 ALA A C     1 
ATOM   949  O O     . ALA A 1 141 ? 9.00408   -7.29568  1.25482   1.000 23.65354  ? 117 ALA A O     1 
ATOM   950  C CB    . ALA A 1 141 ? 7.31684   -6.23746  -1.34021  1.000 24.19189  ? 117 ALA A CB    1 
ATOM   951  N N     . ARG A 1 142 ? 8.21099   -8.97491  -0.01555  1.000 22.19711  ? 118 ARG A N     1 
ATOM   952  C CA    . ARG A 1 142 ? 8.20881   -9.89241  1.12027   1.000 25.19989  ? 118 ARG A CA    1 
ATOM   953  C C     . ARG A 1 142 ? 9.63045   -10.16406 1.59095   1.000 27.08700  ? 118 ARG A C     1 
ATOM   954  O O     . ARG A 1 142 ? 9.89253   -10.23814 2.80247   1.000 28.54400  ? 118 ARG A O     1 
ATOM   955  C CB    . ARG A 1 142 ? 7.49541   -11.19602 0.74483   1.000 28.24936  ? 118 ARG A CB    1 
ATOM   956  C CG    . ARG A 1 142 ? 5.98615   -11.09786 0.86919   1.000 33.47000  ? 118 ARG A CG    1 
ATOM   957  C CD    . ARG A 1 142 ? 5.29569   -12.42315 0.57578   1.000 52.05672  ? 118 ARG A CD    1 
ATOM   958  N NE    . ARG A 1 142 ? 5.41009   -12.76919 -0.83335  1.000 55.44945  ? 118 ARG A NE    1 
ATOM   959  C CZ    . ARG A 1 142 ? 4.41359   -12.69593 -1.70976  1.000 43.47376  ? 118 ARG A CZ    1 
ATOM   960  N NH1   . ARG A 1 142 ? 3.20425   -12.30816 -1.32551  1.000 52.84067  ? 118 ARG A NH1   1 
ATOM   961  N NH2   . ARG A 1 142 ? 4.63058   -13.02594 -2.97330  1.000 45.03653  ? 118 ARG A NH2   1 
ATOM   962  N N     . GLU A 1 143 ? 10.56503  -10.30430 0.64698   1.000 23.95289  ? 119 GLU A N     1 
ATOM   963  C CA    . GLU A 1 143 ? 11.96034  -10.50082 1.04934   1.000 27.68043  ? 119 GLU A CA    1 
ATOM   964  C C     . GLU A 1 143 ? 12.51149  -9.27246  1.77892   1.000 30.86527  ? 119 GLU A C     1 
ATOM   965  O O     . GLU A 1 143 ? 13.23351  -9.39832  2.77993   1.000 28.90156  ? 119 GLU A O     1 
ATOM   966  C CB    . GLU A 1 143 ? 12.82140  -10.82738 -0.16278  1.000 30.58614  ? 119 GLU A CB    1 
ATOM   967  C CG    . GLU A 1 143 ? 14.31779  -10.73249 0.09852   1.000 42.50944  ? 119 GLU A CG    1 
ATOM   968  C CD    . GLU A 1 143 ? 14.78040  -11.62030 1.24792   1.000 65.91266  ? 119 GLU A CD    1 
ATOM   969  O OE1   . GLU A 1 143 ? 14.09529  -12.62294 1.54945   1.000 64.15690  ? 119 GLU A OE1   1 
ATOM   970  O OE2   . GLU A 1 143 ? 15.83534  -11.31512 1.84741   1.000 65.94695  ? 119 GLU A OE2   1 
ATOM   971  N N     . HIS A 1 144 ? 12.18752  -8.07647  1.28701   1.000 25.44650  ? 120 HIS A N     1 
ATOM   972  C CA    . HIS A 1 144 ? 12.63320  -6.84769  1.94066   1.000 25.80315  ? 120 HIS A CA    1 
ATOM   973  C C     . HIS A 1 144 ? 12.10596  -6.76730  3.36638   1.000 24.86577  ? 120 HIS A C     1 
ATOM   974  O O     . HIS A 1 144 ? 12.84315  -6.41862  4.29699   1.000 26.05621  ? 120 HIS A O     1 
ATOM   975  C CB    . HIS A 1 144 ? 12.17692  -5.63958  1.11339   1.000 23.33009  ? 120 HIS A CB    1 
ATOM   976  C CG    . HIS A 1 144 ? 12.39973  -4.31611  1.78265   1.000 27.06272  ? 120 HIS A CG    1 
ATOM   977  N ND1   . HIS A 1 144 ? 11.36801  -3.47507  2.13303   1.000 26.99893  ? 120 HIS A ND1   1 
ATOM   978  C CD2   . HIS A 1 144 ? 13.54023  -3.69237  2.16148   1.000 31.71019  ? 120 HIS A CD2   1 
ATOM   979  C CE1   . HIS A 1 144 ? 11.86118  -2.38824  2.70629   1.000 25.45417  ? 120 HIS A CE1   1 
ATOM   980  N NE2   . HIS A 1 144 ? 13.17853  -2.49622  2.73048   1.000 29.94092  ? 120 HIS A NE2   1 
ATOM   981  N N     . GLU A 1 145 ? 10.81747  -7.06680  3.55320   1.000 24.28360  ? 121 GLU A N     1 
ATOM   982  C CA    . GLU A 1 145 ? 10.23907  -7.05259  4.89318   1.000 22.59113  ? 121 GLU A CA    1 
ATOM   983  C C     . GLU A 1 145 ? 10.91476  -8.08122  5.79237   1.000 26.91736  ? 121 GLU A C     1 
ATOM   984  O O     . GLU A 1 145 ? 11.16107  -7.82195  6.98218   1.000 24.90729  ? 121 GLU A O     1 
ATOM   985  C CB    . GLU A 1 145 ? 8.73890   -7.33125  4.81146   1.000 26.49580  ? 121 GLU A CB    1 
ATOM   986  C CG    . GLU A 1 145 ? 7.99288   -7.21326  6.12189   1.000 31.26570  ? 121 GLU A CG    1 
ATOM   987  C CD    . GLU A 1 145 ? 6.59177   -7.78208  6.02615   1.000 33.70810  ? 121 GLU A CD    1 
ATOM   988  O OE1   . GLU A 1 145 ? 6.34049   -8.59068  5.10166   1.000 44.83423  ? 121 GLU A OE1   1 
ATOM   989  O OE2   . GLU A 1 145 ? 5.74203   -7.42295  6.85463   1.000 33.41326  ? 121 GLU A OE2   1 
ATOM   990  N N     . ARG A 1 146 ? 11.19530  -9.26620  5.24763   1.000 26.83899  ? 122 ARG A N     1 
ATOM   991  C CA    . ARG A 1 146 ? 11.89025  -10.28262 6.03383   1.000 27.63203  ? 122 ARG A CA    1 
ATOM   992  C C     . ARG A 1 146 ? 13.24146  -9.76853  6.50933   1.000 25.86133  ? 122 ARG A C     1 
ATOM   993  O O     . ARG A 1 146 ? 13.62076  -9.97777  7.66853   1.000 32.96327  ? 122 ARG A O     1 
ATOM   994  C CB    . ARG A 1 146 ? 12.05306  -11.56183 5.20765   1.000 28.57519  ? 122 ARG A CB    1 
ATOM   995  C CG    . ARG A 1 146 ? 12.25899  -12.82229 6.02475   1.000 44.78433  ? 122 ARG A CG    1 
ATOM   996  C CD    . ARG A 1 146 ? 13.00317  -13.86886 5.20621   1.000 38.17362  ? 122 ARG A CD    1 
ATOM   997  N NE    . ARG A 1 146 ? 14.28327  -13.34956 4.73306   1.000 53.55410  ? 122 ARG A NE    1 
ATOM   998  C CZ    . ARG A 1 146 ? 15.30334  -13.03926 5.52930   1.000 64.21462  ? 122 ARG A CZ    1 
ATOM   999  N NH1   . ARG A 1 146 ? 15.19806  -13.20302 6.84419   1.000 62.85760  ? 122 ARG A NH1   1 
ATOM   1000 N NH2   . ARG A 1 146 ? 16.42994  -12.56380 5.01281   1.000 55.27719  ? 122 ARG A NH2   1 
ATOM   1001 N N     . ARG A 1 147 ? 13.97639  -9.08402  5.63304   1.000 26.56344  ? 123 ARG A N     1 
ATOM   1002 C CA    . ARG A 1 147 ? 15.26245  -8.51190  6.03787   1.000 26.93805  ? 123 ARG A CA    1 
ATOM   1003 C C     . ARG A 1 147 ? 15.08979  -7.42576  7.09703   1.000 33.80347  ? 123 ARG A C     1 
ATOM   1004 O O     . ARG A 1 147 ? 15.88101  -7.34673  8.04533   1.000 31.08295  ? 123 ARG A O     1 
ATOM   1005 C CB    . ARG A 1 147 ? 16.00593  -7.95491  4.82622   1.000 31.16798  ? 123 ARG A CB    1 
ATOM   1006 C CG    . ARG A 1 147 ? 16.81792  -8.99004  4.07073   1.000 45.83062  ? 123 ARG A CG    1 
ATOM   1007 C CD    . ARG A 1 147 ? 17.62882  -8.33431  2.97292   1.000 48.64661  ? 123 ARG A CD    1 
ATOM   1008 N NE    . ARG A 1 147 ? 16.75999  -7.70995  1.98213   1.000 63.93674  ? 123 ARG A NE    1 
ATOM   1009 C CZ    . ARG A 1 147 ? 16.46448  -8.24733  0.80449   1.000 60.44705  ? 123 ARG A CZ    1 
ATOM   1010 N NH1   . ARG A 1 147 ? 16.97996  -9.42209  0.46361   1.000 63.89107  ? 123 ARG A NH1   1 
ATOM   1011 N NH2   . ARG A 1 147 ? 15.65861  -7.60532  -0.03244  1.000 52.63400  ? 123 ARG A NH2   1 
ATOM   1012 N N     . VAL A 1 148 ? 14.06639  -6.57615  6.95304   1.000 24.99265  ? 124 VAL A N     1 
ATOM   1013 C CA    . VAL A 1 148 ? 13.85650  -5.49532  7.91244   1.000 24.13016  ? 124 VAL A CA    1 
ATOM   1014 C C     . VAL A 1 148 ? 13.55463  -6.05720  9.29399   1.000 31.27997  ? 124 VAL A C     1 
ATOM   1015 O O     . VAL A 1 148 ? 13.97224  -5.49507  10.31722  1.000 30.14512  ? 124 VAL A O     1 
ATOM   1016 C CB    . VAL A 1 148 ? 12.72445  -4.55815  7.43474   1.000 25.25997  ? 124 VAL A CB    1 
ATOM   1017 C CG1   . VAL A 1 148 ? 12.26215  -3.63318  8.58831   1.000 24.92166  ? 124 VAL A CG1   1 
ATOM   1018 C CG2   . VAL A 1 148 ? 13.16000  -3.75315  6.21236   1.000 26.03387  ? 124 VAL A CG2   1 
ATOM   1019 N N     . LEU A 1 149 ? 12.80754  -7.15769  9.34910   1.000 27.48550  ? 125 LEU A N     1 
ATOM   1020 C CA    . LEU A 1 149 ? 12.34834  -7.68010  10.62520  1.000 27.17359  ? 125 LEU A CA    1 
ATOM   1021 C C     . LEU A 1 149 ? 13.28113  -8.72335  11.22533  1.000 28.11887  ? 125 LEU A C     1 
ATOM   1022 O O     . LEU A 1 149 ? 13.18416  -8.99019  12.43059  1.000 28.69186  ? 125 LEU A O     1 
ATOM   1023 C CB    . LEU A 1 149 ? 10.94269  -8.27359  10.47476  1.000 26.39025  ? 125 LEU A CB    1 
ATOM   1024 C CG    . LEU A 1 149 ? 9.82324   -7.25791  10.23727  1.000 27.79587  ? 125 LEU A CG    1 
ATOM   1025 C CD1   . LEU A 1 149 ? 8.55762   -7.96976  9.77616   1.000 31.73136  ? 125 LEU A CD1   1 
ATOM   1026 C CD2   . LEU A 1 149 ? 9.58406   -6.43740  11.49995  1.000 30.15469  ? 125 LEU A CD2   1 
ATOM   1027 N N     . GLU A 1 150 ? 14.18834  -9.30030  10.43874  1.000 28.21367  ? 126 GLU A N     1 
ATOM   1028 C CA    . GLU A 1 150 ? 14.98454  -10.40455 10.96935  1.000 32.20912  ? 126 GLU A CA    1 
ATOM   1029 C C     . GLU A 1 150 ? 15.79451  -10.02830 12.21278  1.000 36.78685  ? 126 GLU A C     1 
ATOM   1030 O O     . GLU A 1 150 ? 15.87162  -10.86433 13.13479  1.000 32.80036  ? 126 GLU A O     1 
ATOM   1031 C CB    . GLU A 1 150 ? 15.89506  -10.95798 9.86771   1.000 40.95759  ? 126 GLU A CB    1 
ATOM   1032 C CG    . GLU A 1 150 ? 16.51422  -12.30521 10.22017  1.000 44.24969  ? 126 GLU A CG    1 
ATOM   1033 C CD    . GLU A 1 150 ? 17.78862  -12.17654 11.03227  1.000 73.50413  ? 126 GLU A CD    1 
ATOM   1034 O OE1   . GLU A 1 150 ? 18.32110  -11.05034 11.14052  1.000 76.63632  ? 126 GLU A OE1   1 
ATOM   1035 O OE2   . GLU A 1 150 ? 18.25009  -13.20224 11.57834  1.000 76.64146  ? 126 GLU A OE2   1 
ATOM   1036 N N     . PRO A 1 151 ? 16.39330  -8.83950  12.32312  1.000 28.45960  ? 127 PRO A N     1 
ATOM   1037 C CA    . PRO A 1 151 ? 17.16759  -8.52121  13.54024  1.000 30.41570  ? 127 PRO A CA    1 
ATOM   1038 C C     . PRO A 1 151 ? 16.32192  -8.47114  14.79290  1.000 33.08696  ? 127 PRO A C     1 
ATOM   1039 O O     . PRO A 1 151 ? 16.86160  -8.60444  15.90216  1.000 34.74948  ? 127 PRO A O     1 
ATOM   1040 C CB    . PRO A 1 151 ? 17.78025  -7.14345  13.23364  1.000 38.69724  ? 127 PRO A CB    1 
ATOM   1041 C CG    . PRO A 1 151 ? 17.67785  -6.98534  11.76826  1.000 38.53146  ? 127 PRO A CG    1 
ATOM   1042 C CD    . PRO A 1 151 ? 16.46889  -7.74967  11.34037  1.000 29.77672  ? 127 PRO A CD    1 
ATOM   1043 N N     . PHE A 1 152 ? 15.01183  -8.30370  14.66203  1.000 27.72236  ? 128 PHE A N     1 
ATOM   1044 C CA    . PHE A 1 152 ? 14.14782  -8.16562  15.82392  1.000 31.86083  ? 128 PHE A CA    1 
ATOM   1045 C C     . PHE A 1 152 ? 13.58996  -9.49029  16.31327  1.000 36.95172  ? 128 PHE A C     1 
ATOM   1046 O O     . PHE A 1 152 ? 13.14710  -9.56988  17.46523  1.000 41.91785  ? 128 PHE A O     1 
ATOM   1047 C CB    . PHE A 1 152 ? 13.01552  -7.18717  15.50633  1.000 30.88759  ? 128 PHE A CB    1 
ATOM   1048 C CG    . PHE A 1 152 ? 13.51345  -5.79793  15.24360  1.000 30.04110  ? 128 PHE A CG    1 
ATOM   1049 C CD1   . PHE A 1 152 ? 13.74336  -4.92940  16.29299  1.000 27.03646  ? 128 PHE A CD1   1 
ATOM   1050 C CD2   . PHE A 1 152 ? 13.81080  -5.38036  13.96054  1.000 29.24000  ? 128 PHE A CD2   1 
ATOM   1051 C CE1   . PHE A 1 152 ? 14.23812  -3.65989  16.06881  1.000 28.17988  ? 128 PHE A CE1   1 
ATOM   1052 C CE2   . PHE A 1 152 ? 14.30355  -4.09938  13.72621  1.000 28.43986  ? 128 PHE A CE2   1 
ATOM   1053 C CZ    . PHE A 1 152 ? 14.51798  -3.23775  14.78272  1.000 27.00872  ? 128 PHE A CZ    1 
ATOM   1054 N N     . GLY A 1 153 ? 13.62327  -10.52414 15.48770  1.000 36.13393  ? 129 GLY A N     1 
ATOM   1055 C CA    . GLY A 1 153 ? 13.09399  -11.80879 15.87174  1.000 37.46500  ? 129 GLY A CA    1 
ATOM   1056 C C     . GLY A 1 153 ? 11.59328  -11.89983 15.66657  1.000 44.54654  ? 129 GLY A C     1 
ATOM   1057 O O     . GLY A 1 153 ? 10.87792  -10.90102 15.57654  1.000 36.37948  ? 129 GLY A O     1 
ATOM   1058 N N     . LEU A 1 154 ? 11.12147  -13.14730 15.59580  1.000 38.96283  ? 130 LEU A N     1 
ATOM   1059 C CA    . LEU A 1 154 ? 9.71696   -13.41743 15.30579  1.000 34.13833  ? 130 LEU A CA    1 
ATOM   1060 C C     . LEU A 1 154 ? 8.79169   -12.78692 16.34066  1.000 39.82234  ? 130 LEU A C     1 
ATOM   1061 O O     . LEU A 1 154 ? 7.74276   -12.22576 15.99099  1.000 39.97464  ? 130 LEU A O     1 
ATOM   1062 C CB    . LEU A 1 154 ? 9.49126   -14.93050 15.23752  1.000 36.47549  ? 130 LEU A CB    1 
ATOM   1063 C CG    . LEU A 1 154 ? 8.03038   -15.36590 15.19014  1.000 49.01628  ? 130 LEU A CG    1 
ATOM   1064 C CD1   . LEU A 1 154 ? 7.50119   -15.33327 13.76665  1.000 47.75466  ? 130 LEU A CD1   1 
ATOM   1065 C CD2   . LEU A 1 154 ? 7.85375   -16.74392 15.82064  1.000 58.87361  ? 130 LEU A CD2   1 
ATOM   1066 N N     . ARG A 1 155 ? 9.15834   -12.87356 17.62183  1.000 36.48002  ? 131 ARG A N     1 
ATOM   1067 C CA    . ARG A 1 155 ? 8.29206   -12.38060 18.68615  1.000 36.62845  ? 131 ARG A CA    1 
ATOM   1068 C C     . ARG A 1 155 ? 8.12901   -10.86150 18.61005  1.000 34.20339  ? 131 ARG A C     1 
ATOM   1069 O O     . ARG A 1 155 ? 7.00857   -10.33732 18.61848  1.000 37.25956  ? 131 ARG A O     1 
ATOM   1070 C CB    . ARG A 1 155 ? 8.85876   -12.80148 20.04304  1.000 46.69379  ? 131 ARG A CB    1 
ATOM   1071 C CG    . ARG A 1 155 ? 8.00953   -12.39860 21.23607  1.000 63.60288  ? 131 ARG A CG    1 
ATOM   1072 C CD    . ARG A 1 155 ? 8.84168   -12.32632 22.51483  1.000 72.10717  ? 131 ARG A CD    1 
ATOM   1073 N NE    . ARG A 1 155 ? 8.96163   -10.94978 22.98447  1.000 83.93930  ? 131 ARG A NE    1 
ATOM   1074 C CZ    . ARG A 1 155 ? 10.11405  -10.29501 23.09150  1.000 87.15777  ? 131 ARG A CZ    1 
ATOM   1075 N NH1   . ARG A 1 155 ? 10.12732  -9.03856  23.52189  1.000 73.73685  ? 131 ARG A NH1   1 
ATOM   1076 N NH2   . ARG A 1 155 ? 11.25349  -10.89225 22.75883  1.000 85.28929  ? 131 ARG A NH2   1 
ATOM   1077 N N     . ARG A 1 156 ? 9.24617   -10.13355 18.56179  1.000 33.98378  ? 132 ARG A N     1 
ATOM   1078 C CA    . ARG A 1 156 ? 9.16169   -8.67743  18.48348  1.000 29.31336  ? 132 ARG A CA    1 
ATOM   1079 C C     . ARG A 1 156 ? 8.51381   -8.22602  17.17439  1.000 34.87450  ? 132 ARG A C     1 
ATOM   1080 O O     . ARG A 1 156 ? 7.77250   -7.23026  17.15766  1.000 32.63524  ? 132 ARG A O     1 
ATOM   1081 C CB    . ARG A 1 156 ? 10.55321  -8.05955  18.65928  1.000 34.39193  ? 132 ARG A CB    1 
ATOM   1082 C CG    . ARG A 1 156 ? 11.12202  -8.21517  20.07215  1.000 43.32449  ? 132 ARG A CG    1 
ATOM   1083 C CD    . ARG A 1 156 ? 12.43673  -7.46964  20.23937  1.000 42.25396  ? 132 ARG A CD    1 
ATOM   1084 N NE    . ARG A 1 156 ? 12.22266  -6.02787  20.20386  1.000 37.44661  ? 132 ARG A NE    1 
ATOM   1085 C CZ    . ARG A 1 156 ? 13.18429  -5.12167  20.07378  1.000 41.24602  ? 132 ARG A CZ    1 
ATOM   1086 N NH1   . ARG A 1 156 ? 14.45285  -5.49566  19.97251  1.000 38.63177  ? 132 ARG A NH1   1 
ATOM   1087 N NH2   . ARG A 1 156 ? 12.87179  -3.83172  20.05035  1.000 38.58260  ? 132 ARG A NH2   1 
ATOM   1088 N N     . ALA A 1 157 ? 8.73580   -8.96238  16.08061  1.000 29.77189  ? 133 ALA A N     1 
ATOM   1089 C CA    . ALA A 1 157 ? 8.11908   -8.59273  14.80593  1.000 28.30931  ? 133 ALA A CA    1 
ATOM   1090 C C     . ALA A 1 157 ? 6.60250   -8.73781  14.85660  1.000 32.03802  ? 133 ALA A C     1 
ATOM   1091 O O     . ALA A 1 157 ? 5.85770   -7.85108  14.40879  1.000 29.91254  ? 133 ALA A O     1 
ATOM   1092 C CB    . ALA A 1 157 ? 8.70163   -9.44390  13.67962  1.000 28.42381  ? 133 ALA A CB    1 
ATOM   1093 N N     . GLU A 1 158 ? 6.11800   -9.86673  15.37997  1.000 30.79657  ? 134 GLU A N     1 
ATOM   1094 C CA    . GLU A 1 158 ? 4.67641   -10.06403 15.43971  1.000 34.75012  ? 134 GLU A CA    1 
ATOM   1095 C C     . GLU A 1 158 ? 4.03477   -9.08756  16.41448  1.000 31.09748  ? 134 GLU A C     1 
ATOM   1096 O O     . GLU A 1 158 ? 2.91757   -8.60953  16.17553  1.000 28.88088  ? 134 GLU A O     1 
ATOM   1097 C CB    . GLU A 1 158 ? 4.35405   -11.51151 15.82293  1.000 31.06884  ? 134 GLU A CB    1 
ATOM   1098 C CG    . GLU A 1 158 ? 4.61987   -12.52799 14.70880  1.000 45.90789  ? 134 GLU A CG    1 
ATOM   1099 C CD    . GLU A 1 158 ? 4.08186   -12.07897 13.35705  1.000 66.94835  ? 134 GLU A CD    1 
ATOM   1100 O OE1   . GLU A 1 158 ? 4.87136   -12.01840 12.38806  1.000 65.05029  ? 134 GLU A OE1   1 
ATOM   1101 O OE2   . GLU A 1 158 ? 2.87043   -11.78316 13.26353  1.000 68.14659  ? 134 GLU A OE2   1 
ATOM   1102 N N     . GLU A 1 159 ? 4.72635   -8.77284  17.51731  1.000 27.77385  ? 135 GLU A N     1 
ATOM   1103 C CA    . GLU A 1 159 ? 4.21004   -7.76719  18.43708  1.000 29.35945  ? 135 GLU A CA    1 
ATOM   1104 C C     . GLU A 1 159 ? 4.05506   -6.42274  17.74248  1.000 31.96916  ? 135 GLU A C     1 
ATOM   1105 O O     . GLU A 1 159 ? 3.02391   -5.74944  17.88721  1.000 30.82828  ? 135 GLU A O     1 
ATOM   1106 C CB    . GLU A 1 159 ? 5.13067   -7.62851  19.64599  1.000 32.38799  ? 135 GLU A CB    1 
ATOM   1107 C CG    . GLU A 1 159 ? 4.77311   -6.46823  20.57403  1.000 41.93593  ? 135 GLU A CG    1 
ATOM   1108 C CD    . GLU A 1 159 ? 3.36389   -6.57695  21.14176  1.000 64.33642  ? 135 GLU A CD    1 
ATOM   1109 O OE1   . GLU A 1 159 ? 2.74933   -7.65744  21.01021  1.000 78.29386  ? 135 GLU A OE1   1 
ATOM   1110 O OE2   . GLU A 1 159 ? 2.87196   -5.58604  21.72805  1.000 55.82301  ? 135 GLU A OE2   1 
ATOM   1111 N N     . LEU A 1 160 ? 5.07218   -6.01730  16.98543  1.000 27.50439  ? 136 LEU A N     1 
ATOM   1112 C CA    . LEU A 1 160 ? 4.99566   -4.74215  16.27537  1.000 24.17122  ? 136 LEU A CA    1 
ATOM   1113 C C     . LEU A 1 160 ? 3.80734   -4.72049  15.31472  1.000 24.43098  ? 136 LEU A C     1 
ATOM   1114 O O     . LEU A 1 160 ? 3.00376   -3.77501  15.32357  1.000 24.93574  ? 136 LEU A O     1 
ATOM   1115 C CB    . LEU A 1 160 ? 6.31280   -4.48853  15.53757  1.000 28.95115  ? 136 LEU A CB    1 
ATOM   1116 C CG    . LEU A 1 160 ? 6.33722   -3.30571  14.56977  1.000 23.58543  ? 136 LEU A CG    1 
ATOM   1117 C CD1   . LEU A 1 160 ? 6.20702   -2.02117  15.36278  1.000 26.57785  ? 136 LEU A CD1   1 
ATOM   1118 C CD2   . LEU A 1 160 ? 7.63231   -3.31991  13.77081  1.000 25.08140  ? 136 LEU A CD2   1 
ATOM   1119 N N     . LYS A 1 161 ? 3.66039   -5.77819  14.50079  1.000 26.48924  ? 137 LYS A N     1 
ATOM   1120 C CA    . LYS A 1 161 ? 2.56944   -5.81985  13.52388  1.000 22.66708  ? 137 LYS A CA    1 
ATOM   1121 C C     . LYS A 1 161 ? 1.19996   -5.82933  14.19556  1.000 26.48390  ? 137 LYS A C     1 
ATOM   1122 O O     . LYS A 1 161 ? 0.26782   -5.16193  13.73136  1.000 23.95500  ? 137 LYS A O     1 
ATOM   1123 C CB    . LYS A 1 161 ? 2.70465   -7.04718  12.62100  1.000 25.26202  ? 137 LYS A CB    1 
ATOM   1124 C CG    . LYS A 1 161 ? 3.83935   -6.96808  11.64503  1.000 30.14257  ? 137 LYS A CG    1 
ATOM   1125 C CD    . LYS A 1 161 ? 3.68780   -8.09323  10.62538  1.000 33.24958  ? 137 LYS A CD    1 
ATOM   1126 C CE    . LYS A 1 161 ? 4.74176   -8.02798  9.56158   1.000 36.38729  ? 137 LYS A CE    1 
ATOM   1127 N NZ    . LYS A 1 161 ? 4.56237   -9.19503  8.63643   1.000 30.20137  ? 137 LYS A NZ    1 
ATOM   1128 N N     . GLN A 1 162 ? 1.05368   -6.58808  15.28845  1.000 25.94961  ? 138 GLN A N     1 
ATOM   1129 C CA    . GLN A 1 162 ? -0.21531  -6.61466  16.00133  1.000 29.30358  ? 138 GLN A CA    1 
ATOM   1130 C C     . GLN A 1 162 ? -0.55501  -5.24244  16.56270  1.000 24.52748  ? 138 GLN A C     1 
ATOM   1131 O O     . GLN A 1 162 ? -1.70266  -4.78901  16.47608  1.000 27.96930  ? 138 GLN A O     1 
ATOM   1132 C CB    . GLN A 1 162 ? -0.16696  -7.65068  17.12762  1.000 41.51276  ? 138 GLN A CB    1 
ATOM   1133 C CG    . GLN A 1 162 ? -0.98584  -8.89667  16.84649  1.000 54.21403  ? 138 GLN A CG    1 
ATOM   1134 C CD    . GLN A 1 162 ? -2.43641  -8.57422  16.52678  1.000 65.67796  ? 138 GLN A CD    1 
ATOM   1135 O OE1   . GLN A 1 162 ? -2.84269  -8.56886  15.36308  1.000 64.02146  ? 138 GLN A OE1   1 
ATOM   1136 N NE2   . GLN A 1 162 ? -3.22027  -8.28369  17.56031  1.000 67.50877  ? 138 GLN A NE2   1 
ATOM   1137 N N     . THR A 1 163 ? 0.43213   -4.56786  17.15595  1.000 25.44638  ? 139 THR A N     1 
ATOM   1138 C CA    . THR A 1 163 ? 0.15889   -3.24875  17.71722  1.000 26.83970  ? 139 THR A CA    1 
ATOM   1139 C C     . THR A 1 163 ? -0.25126  -2.27170  16.61584  1.000 21.65723  ? 139 THR A C     1 
ATOM   1140 O O     . THR A 1 163 ? -1.21952  -1.51662  16.76255  1.000 21.99558  ? 139 THR A O     1 
ATOM   1141 C CB    . THR A 1 163 ? 1.38238   -2.75053  18.49311  1.000 25.22829  ? 139 THR A CB    1 
ATOM   1142 O OG1   . THR A 1 163 ? 1.62930   -3.62863  19.61253  1.000 26.61698  ? 139 THR A OG1   1 
ATOM   1143 C CG2   . THR A 1 163 ? 1.14277   -1.34727  19.01211  1.000 25.87018  ? 139 THR A CG2   1 
ATOM   1144 N N     . LEU A 1 164 ? 0.48150   -2.26708  15.50224  1.000 22.47877  ? 140 LEU A N     1 
ATOM   1145 C CA    . LEU A 1 164 ? 0.12231   -1.35672  14.41220  1.000 20.29563  ? 140 LEU A CA    1 
ATOM   1146 C C     . LEU A 1 164 ? -1.27804  -1.65347  13.88038  1.000 21.25224  ? 140 LEU A C     1 
ATOM   1147 O O     . LEU A 1 164 ? -2.06419  -0.73451  13.62032  1.000 21.84936  ? 140 LEU A O     1 
ATOM   1148 C CB    . LEU A 1 164 ? 1.14601   -1.45126  13.28583  1.000 21.01181  ? 140 LEU A CB    1 
ATOM   1149 C CG    . LEU A 1 164 ? 2.55653   -0.96389  13.64272  1.000 22.48819  ? 140 LEU A CG    1 
ATOM   1150 C CD1   . LEU A 1 164 ? 3.54827   -1.25934  12.49448  1.000 21.81322  ? 140 LEU A CD1   1 
ATOM   1151 C CD2   . LEU A 1 164 ? 2.52749   0.53820   13.95499  1.000 23.55713  ? 140 LEU A CD2   1 
ATOM   1152 N N     . ARG A 1 165 ? -1.60338  -2.93582  13.70227  1.000 22.82817  ? 141 ARG A N     1 
ATOM   1153 C CA    . ARG A 1 165 ? -2.93140  -3.29388  13.22250  1.000 21.63916  ? 141 ARG A CA    1 
ATOM   1154 C C     . ARG A 1 165 ? -4.01154  -2.79432  14.18334  1.000 21.77214  ? 141 ARG A C     1 
ATOM   1155 O O     . ARG A 1 165 ? -5.02392  -2.22225  13.75631  1.000 24.45483  ? 141 ARG A O     1 
ATOM   1156 C CB    . ARG A 1 165 ? -3.01612  -4.80939  13.02529  1.000 24.65207  ? 141 ARG A CB    1 
ATOM   1157 C CG    . ARG A 1 165 ? -4.41280  -5.32733  12.74240  1.000 35.46224  ? 141 ARG A CG    1 
ATOM   1158 C CD    . ARG A 1 165 ? -5.10338  -4.49867  11.68100  1.000 37.60899  ? 141 ARG A CD    1 
ATOM   1159 N NE    . ARG A 1 165 ? -4.46788  -4.64837  10.37726  1.000 37.27133  ? 141 ARG A NE    1 
ATOM   1160 C CZ    . ARG A 1 165 ? -4.73154  -3.87497  9.33091   1.000 36.55492  ? 141 ARG A CZ    1 
ATOM   1161 N NH1   . ARG A 1 165 ? -5.61343  -2.88394  9.43655   1.000 35.99490  ? 141 ARG A NH1   1 
ATOM   1162 N NH2   . ARG A 1 165 ? -4.10419  -4.08349  8.18391   1.000 35.79069  ? 141 ARG A NH2   1 
ATOM   1163 N N     . GLN A 1 166 ? -3.80869  -2.99170  15.49469  1.000 22.97374  ? 142 GLN A N     1 
ATOM   1164 C CA    . GLN A 1 166 ? -4.80074  -2.53319  16.46496  1.000 25.58136  ? 142 GLN A CA    1 
ATOM   1165 C C     . GLN A 1 166 ? -4.94012  -1.01449  16.42821  1.000 23.54295  ? 142 GLN A C     1 
ATOM   1166 O O     . GLN A 1 166 ? -6.05223  -0.47507  16.51942  1.000 26.53953  ? 142 GLN A O     1 
ATOM   1167 C CB    . GLN A 1 166 ? -4.42444  -3.00800  17.87445  1.000 24.46375  ? 142 GLN A CB    1 
ATOM   1168 C CG    . GLN A 1 166 ? -4.65469  -4.49541  18.08279  1.000 31.94024  ? 142 GLN A CG    1 
ATOM   1169 C CD    . GLN A 1 166 ? -3.97215  -5.05424  19.33138  1.000 37.23988  ? 142 GLN A CD    1 
ATOM   1170 O OE1   . GLN A 1 166 ? -3.92831  -6.27479  19.51879  1.000 61.77586  ? 142 GLN A OE1   1 
ATOM   1171 N NE2   . GLN A 1 166 ? -3.43978  -4.18436  20.17040  1.000 46.91297  ? 142 GLN A NE2   1 
ATOM   1172 N N     A MET A 1 167 ? -3.81772  -0.30281  16.29307  0.550 23.28315  ? 143 MET A N     1 
ATOM   1173 N N     B MET A 1 167 ? -3.81756  -0.30605  16.29286  0.450 23.30834  ? 143 MET A N     1 
ATOM   1174 C CA    A MET A 1 167 ? -3.87797  1.15373   16.22182  0.550 24.72180  ? 143 MET A CA    1 
ATOM   1175 C CA    B MET A 1 167 ? -3.86730  1.14994   16.22214  0.450 24.73486  ? 143 MET A CA    1 
ATOM   1176 C C     A MET A 1 167 ? -4.67331  1.60669   15.00346  0.550 22.70836  ? 143 MET A C     1 
ATOM   1177 C C     B MET A 1 167 ? -4.66441  1.60948   15.00494  0.450 22.72602  ? 143 MET A C     1 
ATOM   1178 O O     A MET A 1 167 ? -5.52672  2.50095   15.09328  0.550 24.11053  ? 143 MET A O     1 
ATOM   1179 O O     B MET A 1 167 ? -5.51904  2.50296   15.09995  0.450 24.13602  ? 143 MET A O     1 
ATOM   1180 C CB    A MET A 1 167 ? -2.46058  1.73434   16.18687  0.550 23.45845  ? 143 MET A CB    1 
ATOM   1181 C CB    B MET A 1 167 ? -2.44031  1.70822   16.19038  0.450 23.46216  ? 143 MET A CB    1 
ATOM   1182 C CG    A MET A 1 167 ? -1.76992  1.72696   17.52643  0.550 24.02119  ? 143 MET A CG    1 
ATOM   1183 C CG    B MET A 1 167 ? -2.33314  3.18597   16.48415  0.450 22.29313  ? 143 MET A CG    1 
ATOM   1184 S SD    A MET A 1 167 ? -0.12294  2.46713   17.44576  0.550 28.67230  ? 143 MET A SD    1 
ATOM   1185 S SD    B MET A 1 167 ? -0.63298  3.67518   16.82787  0.450 27.42236  ? 143 MET A SD    1 
ATOM   1186 C CE    A MET A 1 167 ? 0.23129   2.66753   19.18916  0.550 35.19526  ? 143 MET A CE    1 
ATOM   1187 C CE    B MET A 1 167 ? -0.42256  2.99825   18.47231  0.450 27.29944  ? 143 MET A CE    1 
ATOM   1188 N N     . ILE A 1 168 ? -4.40070  0.99970   13.84634  1.000 24.56091  ? 144 ILE A N     1 
ATOM   1189 C CA    . ILE A 1 168 ? -5.14579  1.35247   12.64196  1.000 21.47066  ? 144 ILE A CA    1 
ATOM   1190 C C     . ILE A 1 168 ? -6.63529  1.13301   12.87333  1.000 23.27261  ? 144 ILE A C     1 
ATOM   1191 O O     . ILE A 1 168 ? -7.46397  2.01793   12.62319  1.000 23.69021  ? 144 ILE A O     1 
ATOM   1192 C CB    . ILE A 1 168 ? -4.64320  0.54516   11.43570  1.000 22.21218  ? 144 ILE A CB    1 
ATOM   1193 C CG1   . ILE A 1 168 ? -3.22676  1.00301   11.04343  1.000 23.77002  ? 144 ILE A CG1   1 
ATOM   1194 C CG2   . ILE A 1 168 ? -5.62632  0.67777   10.26859  1.000 24.77057  ? 144 ILE A CG2   1 
ATOM   1195 C CD1   . ILE A 1 168 ? -2.47387  -0.01456  10.21144  1.000 24.09708  ? 144 ILE A CD1   1 
ATOM   1196 N N     . ASP A 1 169 ? -6.99426  -0.04714  13.38587  1.000 27.72199  ? 145 ASP A N     1 
ATOM   1197 C CA    . ASP A 1 169 ? -8.41652  -0.35090  13.52104  1.000 26.93873  ? 145 ASP A CA    1 
ATOM   1198 C C     . ASP A 1 169 ? -9.09358  0.55981   14.53897  1.000 26.98321  ? 145 ASP A C     1 
ATOM   1199 O O     . ASP A 1 169 ? -10.28953 0.84356   14.41143  1.000 32.89250  ? 145 ASP A O     1 
ATOM   1200 C CB    . ASP A 1 169 ? -8.61236  -1.82574  13.87748  1.000 29.14690  ? 145 ASP A CB    1 
ATOM   1201 C CG    . ASP A 1 169 ? -8.26469  -2.75920  12.72094  1.000 40.10751  ? 145 ASP A CG    1 
ATOM   1202 O OD1   . ASP A 1 169 ? -8.01959  -2.26887  11.59566  1.000 42.20756  ? 145 ASP A OD1   1 
ATOM   1203 O OD2   . ASP A 1 169 ? -8.23126  -3.99260  12.93122  1.000 41.58863  ? 145 ASP A OD2   1 
ATOM   1204 N N     . LEU A 1 170 ? -8.35794  1.05056   15.53401  1.000 25.60571  ? 146 LEU A N     1 
ATOM   1205 C CA    . LEU A 1 170 ? -8.95205  2.00822   16.45527  1.000 29.90513  ? 146 LEU A CA    1 
ATOM   1206 C C     . LEU A 1 170 ? -9.10514  3.38919   15.83760  1.000 35.70760  ? 146 LEU A C     1 
ATOM   1207 O O     . LEU A 1 170 ? -10.03242 4.11927   16.20862  1.000 36.39706  ? 146 LEU A O     1 
ATOM   1208 C CB    . LEU A 1 170 ? -8.11944  2.12803   17.72919  1.000 29.88988  ? 146 LEU A CB    1 
ATOM   1209 C CG    . LEU A 1 170 ? -8.15792  0.92335   18.66209  1.000 35.02803  ? 146 LEU A CG    1 
ATOM   1210 C CD1   . LEU A 1 170 ? -7.18434  1.14039   19.78609  1.000 33.63925  ? 146 LEU A CD1   1 
ATOM   1211 C CD2   . LEU A 1 170 ? -9.57396  0.73562   19.19721  1.000 38.67326  ? 146 LEU A CD2   1 
ATOM   1212 N N     . HIS A 1 171 ? -8.21534  3.77932   14.91345  1.000 28.21726  ? 147 HIS A N     1 
ATOM   1213 C CA    . HIS A 1 171 ? -8.20959  5.16974   14.47109  1.000 29.29219  ? 147 HIS A CA    1 
ATOM   1214 C C     . HIS A 1 171 ? -8.81954  5.40831   13.09393  1.000 33.14434  ? 147 HIS A C     1 
ATOM   1215 O O     . HIS A 1 171 ? -9.04141  6.57108   12.73165  1.000 35.79588  ? 147 HIS A O     1 
ATOM   1216 C CB    . HIS A 1 171 ? -6.77355  5.72603   14.50148  1.000 25.13361  ? 147 HIS A CB    1 
ATOM   1217 C CG    . HIS A 1 171 ? -6.27723  6.01062   15.88495  1.000 28.74010  ? 147 HIS A CG    1 
ATOM   1218 N ND1   . HIS A 1 171 ? -5.61220  5.07343   16.64412  1.000 35.88723  ? 147 HIS A ND1   1 
ATOM   1219 C CD2   . HIS A 1 171 ? -6.37622  7.11946   16.65928  1.000 26.38163  ? 147 HIS A CD2   1 
ATOM   1220 C CE1   . HIS A 1 171 ? -5.31372  5.59511   17.82030  1.000 29.86061  ? 147 HIS A CE1   1 
ATOM   1221 N NE2   . HIS A 1 171 ? -5.76559  6.83599   17.85388  1.000 37.11370  ? 147 HIS A NE2   1 
ATOM   1222 N N     . VAL A 1 172 ? -9.12471  4.36421   12.33398  1.000 29.22431  ? 148 VAL A N     1 
ATOM   1223 C CA    . VAL A 1 172 ? -9.56640  4.54869   10.95431  1.000 32.51676  ? 148 VAL A CA    1 
ATOM   1224 C C     . VAL A 1 172 ? -10.99329 5.08913   10.90616  1.000 43.55332  ? 148 VAL A C     1 
ATOM   1225 O O     . VAL A 1 172 ? -11.80704 4.78763   11.77705  1.000 44.73115  ? 148 VAL A O     1 
ATOM   1226 C CB    . VAL A 1 172 ? -9.44909  3.23898   10.15958  1.000 34.66760  ? 148 VAL A CB    1 
ATOM   1227 C CG1   . VAL A 1 172 ? -10.45427 2.22894   10.66699  1.000 41.37392  ? 148 VAL A CG1   1 
ATOM   1228 C CG2   . VAL A 1 172 ? -9.62513  3.49879   8.67151   1.000 40.30886  ? 148 VAL A CG2   1 
HETATM 1229 C "C1'" . SAL B 2 .   ? 4.29495   0.69200   1.21105   1.000 34.93334  ? 201 SAL A "C1'" 1 
HETATM 1230 O "O1'" . SAL B 2 .   ? 5.06845   -0.03239  0.52548   1.000 30.31886  ? 201 SAL A "O1'" 1 
HETATM 1231 O "O2'" . SAL B 2 .   ? 4.73662   1.59065   1.96737   1.000 29.97684  ? 201 SAL A "O2'" 1 
HETATM 1232 C C1    . SAL B 2 .   ? 2.79630   0.49914   1.07790   1.000 22.69551  ? 201 SAL A C1    1 
HETATM 1233 C C2    . SAL B 2 .   ? 1.92040   1.34605   1.72755   1.000 26.15740  ? 201 SAL A C2    1 
HETATM 1234 C C3    . SAL B 2 .   ? 0.55754   1.16854   1.59392   1.000 25.48877  ? 201 SAL A C3    1 
HETATM 1235 C C4    . SAL B 2 .   ? 0.09589   0.13804   0.80295   1.000 23.24380  ? 201 SAL A C4    1 
HETATM 1236 C C5    . SAL B 2 .   ? 0.96736   -0.71311  0.15694   1.000 24.42605  ? 201 SAL A C5    1 
HETATM 1237 C C6    . SAL B 2 .   ? 2.33830   -0.54459  0.28402   1.000 22.16624  ? 201 SAL A C6    1 
HETATM 1238 O O2    . SAL B 2 .   ? 2.39743   2.38501   2.52588   1.000 29.00155  ? 201 SAL A O2    1 
HETATM 1239 H H3    . SAL B 2 .   ? -0.03771  1.73350   2.02927   1.000 30.62385  ? 201 SAL A H3    1 
HETATM 1240 H H4    . SAL B 2 .   ? -0.81949  0.01478   0.70334   1.000 27.92988  ? 201 SAL A H4    1 
HETATM 1241 H H5    . SAL B 2 .   ? 0.63407   -1.40411  -0.36696  1.000 29.34857  ? 201 SAL A H5    1 
HETATM 1242 H H6    . SAL B 2 .   ? 2.93234   -1.11274  -0.14883  1.000 26.63681  ? 201 SAL A H6    1 
HETATM 1243 H HO2   . SAL B 2 .   ? 2.12179   3.12653   2.21645   1.000 34.83918  ? 201 SAL A HO2   1 
HETATM 1244 S S     . SO4 C 3 .   ? -9.97187  -9.71608  -15.53628 0.491 21.73931  ? 202 SO4 A S     1 
HETATM 1245 O O1    . SO4 C 3 .   ? -10.42279 -11.09924 -15.59211 0.491 24.96650  ? 202 SO4 A O1    1 
HETATM 1246 O O2    . SO4 C 3 .   ? -9.21605  -9.54529  -14.30548 0.491 26.11475  ? 202 SO4 A O2    1 
HETATM 1247 O O3    . SO4 C 3 .   ? -9.13749  -9.44466  -16.71337 0.491 21.35540  ? 202 SO4 A O3    1 
HETATM 1248 O O4    . SO4 C 3 .   ? -11.12634 -8.82580  -15.55533 0.491 24.42577  ? 202 SO4 A O4    1 
HETATM 1249 S S     . SO4 D 3 .   ? 11.81131  8.14735   -2.11303  1.000 58.71140  ? 203 SO4 A S     1 
HETATM 1250 O O1    . SO4 D 3 .   ? 11.86972  8.33625   -0.66351  1.000 61.21875  ? 203 SO4 A O1    1 
HETATM 1251 O O2    . SO4 D 3 .   ? 10.70106  7.26141   -2.44364  1.000 52.78159  ? 203 SO4 A O2    1 
HETATM 1252 O O3    . SO4 D 3 .   ? 13.05414  7.55529   -2.59849  1.000 60.52069  ? 203 SO4 A O3    1 
HETATM 1253 O O4    . SO4 D 3 .   ? 11.61054  9.44363   -2.75535  1.000 66.48116  ? 203 SO4 A O4    1 
HETATM 1254 S S     . SO4 E 3 .   ? -1.48761  12.50635  -12.45201 1.000 35.34022  ? 204 SO4 A S     1 
HETATM 1255 O O1    . SO4 E 3 .   ? -1.81343  11.36897  -11.60052 1.000 46.56995  ? 204 SO4 A O1    1 
HETATM 1256 O O2    . SO4 E 3 .   ? -0.04200  12.73371  -12.50318 1.000 42.62744  ? 204 SO4 A O2    1 
HETATM 1257 O O3    . SO4 E 3 .   ? -1.92881  12.19896  -13.80825 1.000 38.48834  ? 204 SO4 A O3    1 
HETATM 1258 O O4    . SO4 E 3 .   ? -2.18372  13.69963  -11.97705 1.000 37.62548  ? 204 SO4 A O4    1 
HETATM 1259 O O     . HOH F 4 .   ? 15.31803  2.92812   -8.98937  1.000 37.05709  ? 301 HOH A O     1 
HETATM 1260 O O     . HOH F 4 .   ? 8.54573   6.84291   26.32970  1.000 54.20392  ? 302 HOH A O     1 
HETATM 1261 O O     . HOH F 4 .   ? -7.98373  0.22870   6.88725   1.000 48.15628  ? 303 HOH A O     1 
HETATM 1262 O O     . HOH F 4 .   ? 6.24229   -14.33137 -9.38828  1.000 57.72160  ? 304 HOH A O     1 
HETATM 1263 O O     . HOH F 4 .   ? -9.80238  13.57542  -9.16882  1.000 48.35256  ? 305 HOH A O     1 
HETATM 1264 O O     . HOH F 4 .   ? 0.55340   13.83539  19.58578  1.000 32.64985  ? 306 HOH A O     1 
HETATM 1265 O O     . HOH F 4 .   ? 8.50375   13.31978  24.01190  1.000 40.69127  ? 307 HOH A O     1 
HETATM 1266 O O     . HOH F 4 .   ? 14.74596  5.34739   -7.66761  1.000 32.77556  ? 308 HOH A O     1 
HETATM 1267 O O     . HOH F 4 .   ? -13.21683 -8.83767  -16.63939 1.000 27.32791  ? 309 HOH A O     1 
HETATM 1268 O O     . HOH F 4 .   ? 15.70820  4.82038   3.40142   1.000 39.37629  ? 310 HOH A O     1 
HETATM 1269 O O     . HOH F 4 .   ? 5.59232   2.98846   -0.31999  1.000 36.64516  ? 311 HOH A O     1 
HETATM 1270 O O     . HOH F 4 .   ? 0.99989   -3.19315  -16.32011 1.000 54.69720  ? 312 HOH A O     1 
HETATM 1271 O O     . HOH F 4 .   ? 4.21082   -12.30480 -13.75467 1.000 49.69242  ? 313 HOH A O     1 
HETATM 1272 O O     . HOH F 4 .   ? 20.26521  -10.03743 12.04799  1.000 49.96672  ? 314 HOH A O     1 
HETATM 1273 O O     . HOH F 4 .   ? 2.29450   13.29848  -12.82860 1.000 30.08935  ? 315 HOH A O     1 
HETATM 1274 O O     . HOH F 4 .   ? 2.31234   7.88327   -9.74080  1.000 39.33002  ? 316 HOH A O     1 
HETATM 1275 O O     . HOH F 4 .   ? 15.39874  12.52324  17.02107  1.000 41.77817  ? 317 HOH A O     1 
HETATM 1276 O O     . HOH F 4 .   ? 4.78952   7.11800   5.80763   1.000 36.79503  ? 318 HOH A O     1 
HETATM 1277 O O     . HOH F 4 .   ? -2.33290  10.54633  -9.28806  1.000 31.90391  ? 319 HOH A O     1 
HETATM 1278 O O     . HOH F 4 .   ? -9.17378  5.86139   -17.94557 1.000 44.85608  ? 320 HOH A O     1 
HETATM 1279 O O     . HOH F 4 .   ? 9.39475   6.70329   1.91538   1.000 50.27077  ? 321 HOH A O     1 
HETATM 1280 O O     . HOH F 4 .   ? 16.92756  0.21439   -1.70942  1.000 51.14831  ? 322 HOH A O     1 
HETATM 1281 O O     . HOH F 4 .   ? 7.49659   -0.88563  0.83884   1.000 36.47518  ? 323 HOH A O     1 
HETATM 1282 O O     . HOH F 4 .   ? -10.83045 11.59097  -12.41505 1.000 54.02427  ? 324 HOH A O     1 
HETATM 1283 O O     . HOH F 4 .   ? 17.27265  3.28897   4.71638   1.000 40.74663  ? 325 HOH A O     1 
HETATM 1284 O O     . HOH F 4 .   ? 6.06282   2.52961   5.72924   1.000 23.94298  ? 326 HOH A O     1 
HETATM 1285 O O     . HOH F 4 .   ? 15.67582  -3.49279  10.46303  1.000 33.67161  ? 327 HOH A O     1 
HETATM 1286 O O     . HOH F 4 .   ? -9.44630  -2.50572  -16.88588 1.000 42.48429  ? 328 HOH A O     1 
HETATM 1287 O O     . HOH F 4 .   ? -0.36191  2.59219   -14.12317 1.000 42.11930  ? 329 HOH A O     1 
HETATM 1288 O O     . HOH F 4 .   ? 3.83340   -12.67796 -5.47199  1.000 36.01340  ? 330 HOH A O     1 
HETATM 1289 O O     . HOH F 4 .   ? -9.41310  7.27546   7.88123   1.000 54.19972  ? 331 HOH A O     1 
HETATM 1290 O O     . HOH F 4 .   ? 6.03892   -5.70594  -14.23623 1.000 49.85409  ? 332 HOH A O     1 
HETATM 1291 O O     . HOH F 4 .   ? -9.18061  -0.98874  9.55322   1.000 48.10655  ? 333 HOH A O     1 
HETATM 1292 O O     . HOH F 4 .   ? -3.23068  -6.82220  -0.72041  1.000 30.41997  ? 334 HOH A O     1 
HETATM 1293 O O     . HOH F 4 .   ? 4.62357   3.50189   -14.53970 1.000 40.66394  ? 335 HOH A O     1 
HETATM 1294 O O     . HOH F 4 .   ? 17.15314  -3.08712  4.59902   1.000 52.93656  ? 336 HOH A O     1 
HETATM 1295 O O     . HOH F 4 .   ? 19.48021  -9.33678  9.39114   0.50  51.47641  ? 337 HOH A O     1 
HETATM 1296 O O     . HOH F 4 .   ? -1.52822  13.44766  -3.36977  1.000 42.76993  ? 338 HOH A O     1 
HETATM 1297 O O     . HOH F 4 .   ? 6.75870   -7.40235  -10.78361 1.000 28.56116  ? 339 HOH A O     1 
HETATM 1298 O O     . HOH F 4 .   ? -14.95635 -7.57852  -14.66012 1.000 34.49744  ? 340 HOH A O     1 
HETATM 1299 O O     . HOH F 4 .   ? -16.77089 -5.86711  -3.25399  1.000 49.90012  ? 341 HOH A O     1 
HETATM 1300 O O     . HOH F 4 .   ? 11.60880  -11.49154 18.92390  1.000 39.81682  ? 342 HOH A O     1 
HETATM 1301 O O     . HOH F 4 .   ? -6.60041  -6.04450  -18.50244 1.000 33.59574  ? 343 HOH A O     1 
HETATM 1302 O O     . HOH F 4 .   ? 19.28466  -9.68851  16.63793  1.000 42.02843  ? 344 HOH A O     1 
HETATM 1303 O O     . HOH F 4 .   ? 12.83390  11.18370  16.59048  1.000 33.18142  ? 345 HOH A O     1 
HETATM 1304 O O     . HOH F 4 .   ? -9.85592  -8.15955  -19.05168 1.000 41.17996  ? 346 HOH A O     1 
HETATM 1305 O O     . HOH F 4 .   ? 1.04268   -7.81508  -16.98191 1.000 36.85799  ? 347 HOH A O     1 
HETATM 1306 O O     . HOH F 4 .   ? 5.77843   -10.00662 -12.06546 1.000 34.97163  ? 348 HOH A O     1 
HETATM 1307 O O     . HOH F 4 .   ? 1.04940   7.15325   -2.49870  1.000 39.99830  ? 349 HOH A O     1 
HETATM 1308 O O     . HOH F 4 .   ? 8.61295   -5.00803  -14.00423 1.000 38.68879  ? 350 HOH A O     1 
HETATM 1309 O O     . HOH F 4 .   ? -11.87700 -0.85525  -17.40547 1.000 44.12566  ? 351 HOH A O     1 
HETATM 1310 O O     . HOH F 4 .   ? -6.00308  -10.58868 -6.89088  1.000 38.89903  ? 352 HOH A O     1 
HETATM 1311 O O     . HOH F 4 .   ? 18.26969  15.05923  15.13073  1.000 47.80579  ? 353 HOH A O     1 
HETATM 1312 O O     . HOH F 4 .   ? 6.47988   9.09680   6.84159   1.000 23.92404  ? 354 HOH A O     1 
HETATM 1313 O O     . HOH F 4 .   ? -16.45113 5.42452   -4.15571  1.000 49.92965  ? 355 HOH A O     1 
HETATM 1314 O O     . HOH F 4 .   ? 4.18212   -3.15376  21.21773  1.000 31.86647  ? 356 HOH A O     1 
HETATM 1315 O O     . HOH F 4 .   ? -12.61313 3.58529   17.23898  1.000 39.02706  ? 357 HOH A O     1 
HETATM 1316 O O     . HOH F 4 .   ? -8.58221  -6.53232  -6.37443  1.000 26.18627  ? 358 HOH A O     1 
HETATM 1317 O O     . HOH F 4 .   ? -0.03653  9.23554   -8.13808  1.000 41.48732  ? 359 HOH A O     1 
HETATM 1318 O O     . HOH F 4 .   ? -10.53160 7.63850   2.37152   1.000 38.54214  ? 360 HOH A O     1 
HETATM 1319 O O     . HOH F 4 .   ? 13.69870  6.78481   21.12949  1.000 40.51160  ? 361 HOH A O     1 
HETATM 1320 O O     . HOH F 4 .   ? 15.54132  10.37172  15.11034  1.000 33.58640  ? 362 HOH A O     1 
HETATM 1321 O O     . HOH F 4 .   ? -5.14989  15.64515  -4.70299  1.000 39.75530  ? 363 HOH A O     1 
HETATM 1322 O O     . HOH F 4 .   ? -3.71955  -8.55280  21.26975  1.000 46.76806  ? 364 HOH A O     1 
HETATM 1323 O O     . HOH F 4 .   ? 7.72665   -11.09326 4.51456   1.000 38.53793  ? 365 HOH A O     1 
HETATM 1324 O O     . HOH F 4 .   ? -15.57083 5.46281   -1.61775  1.000 37.41412  ? 366 HOH A O     1 
HETATM 1325 O O     . HOH F 4 .   ? -10.65016 2.17811   5.23938   1.000 46.91840  ? 367 HOH A O     1 
HETATM 1326 O O     . HOH F 4 .   ? 15.54438  -0.77744  -14.55725 1.000 50.78526  ? 368 HOH A O     1 
HETATM 1327 O O     . HOH F 4 .   ? -0.50608  16.03954  -11.38620 1.000 54.69335  ? 369 HOH A O     1 
HETATM 1328 O O     . HOH F 4 .   ? -8.24782  -2.38633  17.18178  1.000 39.41869  ? 370 HOH A O     1 
HETATM 1329 O O     . HOH F 4 .   ? -1.64628  11.87302  -1.68696  1.000 39.35780  ? 371 HOH A O     1 
HETATM 1330 O O     . HOH F 4 .   ? 11.56692  -14.11768 18.94048  1.000 47.29973  ? 372 HOH A O     1 
HETATM 1331 O O     . HOH F 4 .   ? 12.64137  5.37309   22.38305  1.000 49.76552  ? 373 HOH A O     1 
HETATM 1332 O O     . HOH F 4 .   ? -16.95973 7.54767   -4.85243  1.000 62.70096  ? 374 HOH A O     1 
HETATM 1333 O O     . HOH F 4 .   ? -9.27804  -12.37128 -13.06778 0.50  45.03825  ? 375 HOH A O     1 
HETATM 1334 O O     . HOH F 4 .   ? -3.01758  14.08561  -9.03805  1.000 48.67639  ? 376 HOH A O     1 
HETATM 1335 O O     . HOH F 4 .   ? 12.13650  -11.99390 9.47483   1.000 44.88576  ? 377 HOH A O     1 
HETATM 1336 O O     . HOH F 4 .   ? 5.86450   6.41631   3.88050   1.000 49.35474  ? 378 HOH A O     1 
HETATM 1337 O O     . HOH F 4 .   ? -5.46817  15.37052  -7.72373  1.000 50.61156  ? 379 HOH A O     1 
HETATM 1338 O O     . HOH F 4 .   ? -11.21948 -5.32709  -16.97043 1.000 49.15763  ? 380 HOH A O     1 
HETATM 1339 O O     . HOH F 4 .   ? -16.06025 -3.11890  0.00789   1.000 53.96932  ? 381 HOH A O     1 
HETATM 1340 O O     . HOH F 4 .   ? 16.00502  7.49179   3.18607   1.000 51.45195  ? 382 HOH A O     1 
HETATM 1341 O O     . HOH F 4 .   ? 3.06742   7.31806   3.51087   1.000 37.91839  ? 383 HOH A O     1 
HETATM 1342 O O     . HOH F 4 .   ? 16.61937  4.39178   0.36948   1.000 52.40019  ? 384 HOH A O     1 
HETATM 1343 O O     . HOH F 4 .   ? 12.68729  -15.29646 17.64196  1.000 54.86549  ? 385 HOH A O     1 
HETATM 1344 O O     . HOH F 4 .   ? -18.05907 -6.71181  -5.44890  1.000 57.18782  ? 386 HOH A O     1 
HETATM 1345 O O     . HOH F 4 .   ? 5.89908   -3.11219  19.03581  0.50  30.29876  ? 387 HOH A O     1 
HETATM 1346 O O     . HOH F 4 .   ? 7.14441   7.01560   2.47184   1.000 46.73390  ? 388 HOH A O     1 
HETATM 1347 O O     . HOH F 4 .   ? -18.82479 -4.12454  -1.76587  1.000 59.80848  ? 389 HOH A O     1 
HETATM 1348 O O     . HOH F 4 .   ? 8.49576   -11.10895 7.19702   1.000 46.26383  ? 390 HOH A O     1 
HETATM 1349 O O     . HOH F 4 .   ? 20.55506  -8.66868  14.54464  1.000 44.76757  ? 391 HOH A O     1 
HETATM 1350 O O     . HOH F 4 .   ? -17.38946 -7.12495  -15.24782 1.000 47.18586  ? 392 HOH A O     1 
HETATM 1351 O O     . HOH F 4 .   ? -14.20427 4.78151   3.41683   1.000 55.28825  ? 393 HOH A O     1 
HETATM 1352 O O     . HOH F 4 .   ? 8.84612   -7.12979  -12.37063 1.000 47.58508  ? 394 HOH A O     1 
HETATM 1353 O O     . HOH F 4 .   ? 1.74037   -5.37278  -17.61832 1.000 48.54531  ? 395 HOH A O     1 
HETATM 1354 O O     . HOH F 4 .   ? 7.49665   -13.59835 -11.46667 1.000 62.22387  ? 396 HOH A O     1 
HETATM 1355 O O     . HOH F 4 .   ? -9.27821  -4.72862  -18.29207 1.000 49.20047  ? 397 HOH A O     1 
HETATM 1356 O O     . HOH F 4 .   ? 0.12607   -10.14119 -18.59574 1.000 51.77421  ? 398 HOH A O     1 
# 
loop_
_pdbx_poly_seq_scheme.asym_id 
_pdbx_poly_seq_scheme.entity_id 
_pdbx_poly_seq_scheme.seq_id 
_pdbx_poly_seq_scheme.mon_id 
_pdbx_poly_seq_scheme.ndb_seq_num 
_pdbx_poly_seq_scheme.pdb_seq_num 
_pdbx_poly_seq_scheme.auth_seq_num 
_pdbx_poly_seq_scheme.pdb_mon_id 
_pdbx_poly_seq_scheme.auth_mon_id 
_pdbx_poly_seq_scheme.pdb_strand_id 
_pdbx_poly_seq_scheme.pdb_ins_code 
_pdbx_poly_seq_scheme.hetero 
A 1 1   MET 1   -23 ?   ?   ?   A . n 
A 1 2   HIS 2   -22 ?   ?   ?   A . n 
A 1 3   HIS 3   -21 ?   ?   ?   A . n 
A 1 4   HIS 4   -20 ?   ?   ?   A . n 
A 1 5   HIS 5   -19 ?   ?   ?   A . n 
A 1 6   HIS 6   -18 ?   ?   ?   A . n 
A 1 7   HIS 7   -17 ?   ?   ?   A . n 
A 1 8   SER 8   -16 ?   ?   ?   A . n 
A 1 9   SER 9   -15 ?   ?   ?   A . n 
A 1 10  GLY 10  -14 ?   ?   ?   A . n 
A 1 11  VAL 11  -13 ?   ?   ?   A . n 
A 1 12  ASP 12  -12 ?   ?   ?   A . n 
A 1 13  LEU 13  -11 ?   ?   ?   A . n 
A 1 14  GLY 14  -10 ?   ?   ?   A . n 
A 1 15  THR 15  -9  ?   ?   ?   A . n 
A 1 16  GLU 16  -8  ?   ?   ?   A . n 
A 1 17  ASN 17  -7  ?   ?   ?   A . n 
A 1 18  LEU 18  -6  ?   ?   ?   A . n 
A 1 19  TYR 19  -5  ?   ?   ?   A . n 
A 1 20  PHE 20  -4  ?   ?   ?   A . n 
A 1 21  GLN 21  -3  ?   ?   ?   A . n 
A 1 22  SER 22  -2  ?   ?   ?   A . n 
A 1 23  ASN 23  -1  ?   ?   ?   A . n 
A 1 24  ALA 24  0   ?   ?   ?   A . n 
A 1 25  MET 25  1   ?   ?   ?   A . n 
A 1 26  ALA 26  2   ?   ?   ?   A . n 
A 1 27  GLU 27  3   ?   ?   ?   A . n 
A 1 28  GLN 28  4   ?   ?   ?   A . n 
A 1 29  PRO 29  5   ?   ?   ?   A . n 
A 1 30  PRO 30  6   ?   ?   ?   A . n 
A 1 31  GLU 31  7   ?   ?   ?   A . n 
A 1 32  THR 32  8   ?   ?   ?   A . n 
A 1 33  HIS 33  9   ?   ?   ?   A . n 
A 1 34  ARG 34  10  10  ARG ARG A . n 
A 1 35  PHE 35  11  11  PHE PHE A . n 
A 1 36  VAL 36  12  12  VAL VAL A . n 
A 1 37  ASP 37  13  13  ASP ASP A . n 
A 1 38  ASP 38  14  14  ASP ASP A . n 
A 1 39  TYR 39  15  15  TYR TYR A . n 
A 1 40  LEU 40  16  16  LEU LEU A . n 
A 1 41  PRO 41  17  17  PRO PRO A . n 
A 1 42  ALA 42  18  18  ALA ALA A . n 
A 1 43  LEU 43  19  19  LEU LEU A . n 
A 1 44  LEU 44  20  20  LEU LEU A . n 
A 1 45  ALA 45  21  21  ALA ALA A . n 
A 1 46  GLN 46  22  22  GLN GLN A . n 
A 1 47  ALA 47  23  23  ALA ALA A . n 
A 1 48  SER 48  24  24  SER SER A . n 
A 1 49  GLN 49  25  25  GLN GLN A . n 
A 1 50  LEU 50  26  26  LEU LEU A . n 
A 1 51  ILE 51  27  27  ILE ILE A . n 
A 1 52  SER 52  28  28  SER SER A . n 
A 1 53  SER 53  29  29  SER SER A . n 
A 1 54  GLU 54  30  30  GLU GLU A . n 
A 1 55  PHE 55  31  31  PHE PHE A . n 
A 1 56  HIS 56  32  32  HIS HIS A . n 
A 1 57  GLU 57  33  33  GLU GLU A . n 
A 1 58  VAL 58  34  34  VAL VAL A . n 
A 1 59  ALA 59  35  35  ALA ALA A . n 
A 1 60  ARG 60  36  36  ARG ARG A . n 
A 1 61  GLN 61  37  37  GLN GLN A . n 
A 1 62  HIS 62  38  38  HIS HIS A . n 
A 1 63  GLY 63  39  39  GLY GLY A . n 
A 1 64  PHE 64  40  40  PHE PHE A . n 
A 1 65  SER 65  41  41  SER SER A . n 
A 1 66  VAL 66  42  42  VAL VAL A . n 
A 1 67  SER 67  43  43  SER SER A . n 
A 1 68  GLU 68  44  44  GLU GLU A . n 
A 1 69  TRP 69  45  45  TRP TRP A . n 
A 1 70  ARG 70  46  46  ARG ARG A . n 
A 1 71  VAL 71  47  47  VAL VAL A . n 
A 1 72  MET 72  48  48  MET MET A . n 
A 1 73  ALA 73  49  49  ALA ALA A . n 
A 1 74  SER 74  50  50  SER SER A . n 
A 1 75  LEU 75  51  51  LEU LEU A . n 
A 1 76  ALA 76  52  52  ALA ALA A . n 
A 1 77  GLY 77  53  53  GLY GLY A . n 
A 1 78  SER 78  54  54  SER SER A . n 
A 1 79  GLU 79  55  55  GLU GLU A . n 
A 1 80  PRO 80  56  56  PRO PRO A . n 
A 1 81  ILE 81  57  57  ILE ILE A . n 
A 1 82  SER 82  58  58  SER SER A . n 
A 1 83  ILE 83  59  59  ILE ILE A . n 
A 1 84  GLY 84  60  60  GLY GLY A . n 
A 1 85  GLN 85  61  61  GLN GLN A . n 
A 1 86  LEU 86  62  62  LEU LEU A . n 
A 1 87  ALA 87  63  63  ALA ALA A . n 
A 1 88  GLN 88  64  64  GLN GLN A . n 
A 1 89  VAL 89  65  65  VAL VAL A . n 
A 1 90  THR 90  66  66  THR THR A . n 
A 1 91  VAL 91  67  67  VAL VAL A . n 
A 1 92  THR 92  68  68  THR THR A . n 
A 1 93  LYS 93  69  69  LYS LYS A . n 
A 1 94  GLN 94  70  70  GLN GLN A . n 
A 1 95  PRO 95  71  71  PRO PRO A . n 
A 1 96  THR 96  72  72  THR THR A . n 
A 1 97  VAL 97  73  73  VAL VAL A . n 
A 1 98  THR 98  74  74  THR THR A . n 
A 1 99  ARG 99  75  75  ARG ARG A . n 
A 1 100 LEU 100 76  76  LEU LEU A . n 
A 1 101 LEU 101 77  77  LEU LEU A . n 
A 1 102 ASP 102 78  78  ASP ASP A . n 
A 1 103 ARG 103 79  79  ARG ARG A . n 
A 1 104 MET 104 80  80  MET MET A . n 
A 1 105 GLU 105 81  81  GLU GLU A . n 
A 1 106 ALA 106 82  82  ALA ALA A . n 
A 1 107 ARG 107 83  83  ARG ARG A . n 
A 1 108 GLY 108 84  84  GLY GLY A . n 
A 1 109 GLN 109 85  85  GLN GLN A . n 
A 1 110 VAL 110 86  86  VAL VAL A . n 
A 1 111 GLU 111 87  87  GLU GLU A . n 
A 1 112 ARG 112 88  88  ARG ARG A . n 
A 1 113 LEU 113 89  89  LEU LEU A . n 
A 1 114 PRO 114 90  90  PRO PRO A . n 
A 1 115 HIS 115 91  91  HIS HIS A . n 
A 1 116 GLU 116 92  92  GLU GLU A . n 
A 1 117 SER 117 93  93  SER SER A . n 
A 1 118 ASP 118 94  94  ASP ASP A . n 
A 1 119 ARG 119 95  95  ARG ARG A . n 
A 1 120 ARG 120 96  96  ARG ARG A . n 
A 1 121 ILE 121 97  97  ILE ILE A . n 
A 1 122 THR 122 98  98  THR THR A . n 
A 1 123 LEU 123 99  99  LEU LEU A . n 
A 1 124 VAL 124 100 100 VAL VAL A . n 
A 1 125 ARG 125 101 101 ARG ARG A . n 
A 1 126 ILE 126 102 102 ILE ILE A . n 
A 1 127 THR 127 103 103 THR THR A . n 
A 1 128 ARG 128 104 104 ARG ARG A . n 
A 1 129 LYS 129 105 105 LYS LYS A . n 
A 1 130 GLY 130 106 106 GLY GLY A . n 
A 1 131 LEU 131 107 107 LEU LEU A . n 
A 1 132 LYS 132 108 108 LYS LYS A . n 
A 1 133 ALA 133 109 109 ALA ALA A . n 
A 1 134 VAL 134 110 110 VAL VAL A . n 
A 1 135 GLU 135 111 111 GLU GLU A . n 
A 1 136 HIS 136 112 112 HIS HIS A . n 
A 1 137 LEU 137 113 113 LEU LEU A . n 
A 1 138 MET 138 114 114 MET MET A . n 
A 1 139 GLU 139 115 115 GLU GLU A . n 
A 1 140 LEU 140 116 116 LEU LEU A . n 
A 1 141 ALA 141 117 117 ALA ALA A . n 
A 1 142 ARG 142 118 118 ARG ARG A . n 
A 1 143 GLU 143 119 119 GLU GLU A . n 
A 1 144 HIS 144 120 120 HIS HIS A . n 
A 1 145 GLU 145 121 121 GLU GLU A . n 
A 1 146 ARG 146 122 122 ARG ARG A . n 
A 1 147 ARG 147 123 123 ARG ARG A . n 
A 1 148 VAL 148 124 124 VAL VAL A . n 
A 1 149 LEU 149 125 125 LEU LEU A . n 
A 1 150 GLU 150 126 126 GLU GLU A . n 
A 1 151 PRO 151 127 127 PRO PRO A . n 
A 1 152 PHE 152 128 128 PHE PHE A . n 
A 1 153 GLY 153 129 129 GLY GLY A . n 
A 1 154 LEU 154 130 130 LEU LEU A . n 
A 1 155 ARG 155 131 131 ARG ARG A . n 
A 1 156 ARG 156 132 132 ARG ARG A . n 
A 1 157 ALA 157 133 133 ALA ALA A . n 
A 1 158 GLU 158 134 134 GLU GLU A . n 
A 1 159 GLU 159 135 135 GLU GLU A . n 
A 1 160 LEU 160 136 136 LEU LEU A . n 
A 1 161 LYS 161 137 137 LYS LYS A . n 
A 1 162 GLN 162 138 138 GLN GLN A . n 
A 1 163 THR 163 139 139 THR THR A . n 
A 1 164 LEU 164 140 140 LEU LEU A . n 
A 1 165 ARG 165 141 141 ARG ARG A . n 
A 1 166 GLN 166 142 142 GLN GLN A . n 
A 1 167 MET 167 143 143 MET MET A . n 
A 1 168 ILE 168 144 144 ILE ILE A . n 
A 1 169 ASP 169 145 145 ASP ASP A . n 
A 1 170 LEU 170 146 146 LEU LEU A . n 
A 1 171 HIS 171 147 147 HIS HIS A . n 
A 1 172 VAL 172 148 148 VAL VAL A . n 
A 1 173 HIS 173 149 ?   ?   ?   A . n 
A 1 174 VAL 174 150 ?   ?   ?   A . n 
A 1 175 PRO 175 151 ?   ?   ?   A . n 
A 1 176 VAL 176 152 ?   ?   ?   A . n 
A 1 177 GLU 177 153 ?   ?   ?   A . n 
A 1 178 GLU 178 154 ?   ?   ?   A . n 
A 1 179 PRO 179 155 ?   ?   ?   A . n 
A 1 180 GLU 180 156 ?   ?   ?   A . n 
A 1 181 GLU 181 157 ?   ?   ?   A . n 
A 1 182 ASP 182 158 ?   ?   ?   A . n 
# 
loop_
_pdbx_nonpoly_scheme.asym_id 
_pdbx_nonpoly_scheme.entity_id 
_pdbx_nonpoly_scheme.mon_id 
_pdbx_nonpoly_scheme.ndb_seq_num 
_pdbx_nonpoly_scheme.pdb_seq_num 
_pdbx_nonpoly_scheme.auth_seq_num 
_pdbx_nonpoly_scheme.pdb_mon_id 
_pdbx_nonpoly_scheme.auth_mon_id 
_pdbx_nonpoly_scheme.pdb_strand_id 
_pdbx_nonpoly_scheme.pdb_ins_code 
B 2 SAL 1  201 1   SAL SAA A . 
C 3 SO4 1  202 1   SO4 SO4 A . 
D 3 SO4 1  203 2   SO4 SO4 A . 
E 3 SO4 1  204 3   SO4 SO4 A . 
F 4 HOH 1  301 28  HOH HOH A . 
F 4 HOH 2  302 85  HOH HOH A . 
F 4 HOH 3  303 26  HOH HOH A . 
F 4 HOH 4  304 76  HOH HOH A . 
F 4 HOH 5  305 100 HOH HOH A . 
F 4 HOH 6  306 9   HOH HOH A . 
F 4 HOH 7  307 34  HOH HOH A . 
F 4 HOH 8  308 11  HOH HOH A . 
F 4 HOH 9  309 5   HOH HOH A . 
F 4 HOH 10 310 44  HOH HOH A . 
F 4 HOH 11 311 12  HOH HOH A . 
F 4 HOH 12 312 94  HOH HOH A . 
F 4 HOH 13 313 48  HOH HOH A . 
F 4 HOH 14 314 45  HOH HOH A . 
F 4 HOH 15 315 7   HOH HOH A . 
F 4 HOH 16 316 21  HOH HOH A . 
F 4 HOH 17 317 37  HOH HOH A . 
F 4 HOH 18 318 36  HOH HOH A . 
F 4 HOH 19 319 61  HOH HOH A . 
F 4 HOH 20 320 46  HOH HOH A . 
F 4 HOH 21 321 89  HOH HOH A . 
F 4 HOH 22 322 78  HOH HOH A . 
F 4 HOH 23 323 10  HOH HOH A . 
F 4 HOH 24 324 41  HOH HOH A . 
F 4 HOH 25 325 19  HOH HOH A . 
F 4 HOH 26 326 1   HOH HOH A . 
F 4 HOH 27 327 27  HOH HOH A . 
F 4 HOH 28 328 49  HOH HOH A . 
F 4 HOH 29 329 29  HOH HOH A . 
F 4 HOH 30 330 20  HOH HOH A . 
F 4 HOH 31 331 98  HOH HOH A . 
F 4 HOH 32 332 39  HOH HOH A . 
F 4 HOH 33 333 72  HOH HOH A . 
F 4 HOH 34 334 3   HOH HOH A . 
F 4 HOH 35 335 31  HOH HOH A . 
F 4 HOH 36 336 59  HOH HOH A . 
F 4 HOH 37 337 70  HOH HOH A . 
F 4 HOH 38 338 56  HOH HOH A . 
F 4 HOH 39 339 6   HOH HOH A . 
F 4 HOH 40 340 13  HOH HOH A . 
F 4 HOH 41 341 71  HOH HOH A . 
F 4 HOH 42 342 32  HOH HOH A . 
F 4 HOH 43 343 30  HOH HOH A . 
F 4 HOH 44 344 69  HOH HOH A . 
F 4 HOH 45 345 8   HOH HOH A . 
F 4 HOH 46 346 65  HOH HOH A . 
F 4 HOH 47 347 63  HOH HOH A . 
F 4 HOH 48 348 23  HOH HOH A . 
F 4 HOH 49 349 55  HOH HOH A . 
F 4 HOH 50 350 40  HOH HOH A . 
F 4 HOH 51 351 43  HOH HOH A . 
F 4 HOH 52 352 24  HOH HOH A . 
F 4 HOH 53 353 86  HOH HOH A . 
F 4 HOH 54 354 4   HOH HOH A . 
F 4 HOH 55 355 66  HOH HOH A . 
F 4 HOH 56 356 18  HOH HOH A . 
F 4 HOH 57 357 17  HOH HOH A . 
F 4 HOH 58 358 2   HOH HOH A . 
F 4 HOH 59 359 60  HOH HOH A . 
F 4 HOH 60 360 47  HOH HOH A . 
F 4 HOH 61 361 25  HOH HOH A . 
F 4 HOH 62 362 16  HOH HOH A . 
F 4 HOH 63 363 35  HOH HOH A . 
F 4 HOH 64 364 38  HOH HOH A . 
F 4 HOH 65 365 22  HOH HOH A . 
F 4 HOH 66 366 14  HOH HOH A . 
F 4 HOH 67 367 84  HOH HOH A . 
F 4 HOH 68 368 87  HOH HOH A . 
F 4 HOH 69 369 95  HOH HOH A . 
F 4 HOH 70 370 57  HOH HOH A . 
F 4 HOH 71 371 50  HOH HOH A . 
F 4 HOH 72 372 81  HOH HOH A . 
F 4 HOH 73 373 53  HOH HOH A . 
F 4 HOH 74 374 77  HOH HOH A . 
F 4 HOH 75 375 67  HOH HOH A . 
F 4 HOH 76 376 68  HOH HOH A . 
F 4 HOH 77 377 42  HOH HOH A . 
F 4 HOH 78 378 73  HOH HOH A . 
F 4 HOH 79 379 91  HOH HOH A . 
F 4 HOH 80 380 96  HOH HOH A . 
F 4 HOH 81 381 58  HOH HOH A . 
F 4 HOH 82 382 88  HOH HOH A . 
F 4 HOH 83 383 33  HOH HOH A . 
F 4 HOH 84 384 90  HOH HOH A . 
F 4 HOH 85 385 80  HOH HOH A . 
F 4 HOH 86 386 82  HOH HOH A . 
F 4 HOH 87 387 15  HOH HOH A . 
F 4 HOH 88 388 92  HOH HOH A . 
F 4 HOH 89 389 79  HOH HOH A . 
F 4 HOH 90 390 75  HOH HOH A . 
F 4 HOH 91 391 52  HOH HOH A . 
F 4 HOH 92 392 54  HOH HOH A . 
F 4 HOH 93 393 97  HOH HOH A . 
F 4 HOH 94 394 51  HOH HOH A . 
F 4 HOH 95 395 99  HOH HOH A . 
F 4 HOH 96 396 93  HOH HOH A . 
F 4 HOH 97 397 74  HOH HOH A . 
F 4 HOH 98 398 62  HOH HOH A . 
# 
_pdbx_struct_assembly.id                   1 
_pdbx_struct_assembly.details              author_defined_assembly 
_pdbx_struct_assembly.method_details       ? 
_pdbx_struct_assembly.oligomeric_details   dimeric 
_pdbx_struct_assembly.oligomeric_count     2 
# 
loop_
_pdbx_struct_assembly_gen.assembly_id 
_pdbx_struct_assembly_gen.oper_expression 
_pdbx_struct_assembly_gen.asym_id_list 
1 1 A,B,C,D,E,F 
1 2 A,B,C,D,E,F 
# 
loop_
_pdbx_struct_oper_list.id 
_pdbx_struct_oper_list.type 
_pdbx_struct_oper_list.name 
_pdbx_struct_oper_list.symmetry_operation 
_pdbx_struct_oper_list.matrix[1][1] 
_pdbx_struct_oper_list.matrix[1][2] 
_pdbx_struct_oper_list.matrix[1][3] 
_pdbx_struct_oper_list.vector[1] 
_pdbx_struct_oper_list.matrix[2][1] 
_pdbx_struct_oper_list.matrix[2][2] 
_pdbx_struct_oper_list.matrix[2][3] 
_pdbx_struct_oper_list.vector[2] 
_pdbx_struct_oper_list.matrix[3][1] 
_pdbx_struct_oper_list.matrix[3][2] 
_pdbx_struct_oper_list.matrix[3][3] 
_pdbx_struct_oper_list.vector[3] 
1 'identity operation'         1_555 x,y,z     1.0000000000  0.0000000000  0.0000000000 0.0000000000 0.0000000000  1.0000000000  0.0000000000  0.0000000000  0.0000000000 0.0000000000  1.0000000000 0.0000000000  
2 'crystal symmetry operation' 2_565 -x,-y+1,z -0.9825749259 -0.1259812873 0.1366573462 8.7019153189 -0.1259812873 -0.0891697421 -0.9880169393 16.1611715132 0.1366573462 -0.9880169393 0.0717446679 13.7890404323 
# 
loop_
_pdbx_struct_special_symmetry.id 
_pdbx_struct_special_symmetry.PDB_model_num 
_pdbx_struct_special_symmetry.auth_asym_id 
_pdbx_struct_special_symmetry.auth_comp_id 
_pdbx_struct_special_symmetry.auth_seq_id 
_pdbx_struct_special_symmetry.PDB_ins_code 
_pdbx_struct_special_symmetry.label_asym_id 
_pdbx_struct_special_symmetry.label_comp_id 
_pdbx_struct_special_symmetry.label_seq_id 
1 1 A HOH 337 ? F HOH . 
2 1 A HOH 375 ? F HOH . 
3 1 A HOH 387 ? F HOH . 
# 
loop_
_pdbx_audit_revision_history.ordinal 
_pdbx_audit_revision_history.data_content_type 
_pdbx_audit_revision_history.major_revision 
_pdbx_audit_revision_history.minor_revision 
_pdbx_audit_revision_history.revision_date 
1 'Structure model' 1 0 2021-12-01 
2 'Structure model' 1 1 2022-11-23 
3 'Structure model' 1 2 2023-10-25 
# 
_pdbx_audit_revision_details.ordinal             1 
_pdbx_audit_revision_details.revision_ordinal    1 
_pdbx_audit_revision_details.data_content_type   'Structure model' 
_pdbx_audit_revision_details.provider            repository 
_pdbx_audit_revision_details.type                'Initial release' 
_pdbx_audit_revision_details.description         ? 
_pdbx_audit_revision_details.details             ? 
# 
loop_
_pdbx_audit_revision_group.ordinal 
_pdbx_audit_revision_group.revision_ordinal 
_pdbx_audit_revision_group.data_content_type 
_pdbx_audit_revision_group.group 
1 2 'Structure model' 'Database references'    
2 3 'Structure model' 'Data collection'        
3 3 'Structure model' 'Refinement description' 
# 
loop_
_pdbx_audit_revision_category.ordinal 
_pdbx_audit_revision_category.revision_ordinal 
_pdbx_audit_revision_category.data_content_type 
_pdbx_audit_revision_category.category 
1 2 'Structure model' citation                      
2 2 'Structure model' citation_author               
3 3 'Structure model' chem_comp_atom                
4 3 'Structure model' chem_comp_bond                
5 3 'Structure model' pdbx_initial_refinement_model 
# 
loop_
_pdbx_audit_revision_item.ordinal 
_pdbx_audit_revision_item.revision_ordinal 
_pdbx_audit_revision_item.data_content_type 
_pdbx_audit_revision_item.item 
1  2 'Structure model' '_citation.country'                 
2  2 'Structure model' '_citation.journal_abbrev'          
3  2 'Structure model' '_citation.journal_id_CSD'          
4  2 'Structure model' '_citation.journal_id_ISSN'         
5  2 'Structure model' '_citation.journal_volume'          
6  2 'Structure model' '_citation.page_first'              
7  2 'Structure model' '_citation.page_last'               
8  2 'Structure model' '_citation.pdbx_database_id_DOI'    
9  2 'Structure model' '_citation.pdbx_database_id_PubMed' 
10 2 'Structure model' '_citation.title'                   
11 2 'Structure model' '_citation.year'                    
# 
loop_
_space_group_symop.id 
_space_group_symop.operation_xyz 
1  x,y,z           
2  x,-y,-z         
3  -x,y,-z         
4  -x,-y,z         
5  x,y+1/2,z+1/2   
6  x,-y+1/2,-z+1/2 
7  -x,y+1/2,-z+1/2 
8  -x,-y+1/2,z+1/2 
9  x+1/2,y,z+1/2   
10 x+1/2,-y,-z+1/2 
11 -x+1/2,y,-z+1/2 
12 -x+1/2,-y,z+1/2 
13 x+1/2,y+1/2,z   
14 x+1/2,-y+1/2,-z 
15 -x+1/2,y+1/2,-z 
16 -x+1/2,-y+1/2,z 
# 
loop_
_software.citation_id 
_software.classification 
_software.compiler_name 
_software.compiler_version 
_software.contact_author 
_software.contact_author_email 
_software.date 
_software.description 
_software.dependencies 
_software.hardware 
_software.language 
_software.location 
_software.mods 
_software.name 
_software.os 
_software.os_version 
_software.type 
_software.version 
_software.pdbx_ordinal 
? refinement       ? ? ? ? ? ? ? ? ? ? ? PHENIX  ? ? ? 1.17.1_3660 1 
? 'data reduction' ? ? ? ? ? ? ? ? ? ? ? XDS     ? ? ? .           2 
? 'data scaling'   ? ? ? ? ? ? ? ? ? ? ? Aimless ? ? ? .           3 
? phasing          ? ? ? ? ? ? ? ? ? ? ? PHENIX  ? ? ? .           4 
# 
_pdbx_entry_details.entry_id                 7KJL 
_pdbx_entry_details.has_ligand_of_interest   N 
_pdbx_entry_details.compound_details         ? 
_pdbx_entry_details.source_details           ? 
_pdbx_entry_details.nonpolymer_details       ? 
_pdbx_entry_details.sequence_details         ? 
# 
loop_
_pdbx_validate_close_contact.id 
_pdbx_validate_close_contact.PDB_model_num 
_pdbx_validate_close_contact.auth_atom_id_1 
_pdbx_validate_close_contact.auth_asym_id_1 
_pdbx_validate_close_contact.auth_comp_id_1 
_pdbx_validate_close_contact.auth_seq_id_1 
_pdbx_validate_close_contact.PDB_ins_code_1 
_pdbx_validate_close_contact.label_alt_id_1 
_pdbx_validate_close_contact.auth_atom_id_2 
_pdbx_validate_close_contact.auth_asym_id_2 
_pdbx_validate_close_contact.auth_comp_id_2 
_pdbx_validate_close_contact.auth_seq_id_2 
_pdbx_validate_close_contact.PDB_ins_code_2 
_pdbx_validate_close_contact.label_alt_id_2 
_pdbx_validate_close_contact.dist 
1 1 OE2 A GLU 33  ? A O A HOH 301 ? ? 1.98 
2 1 O   A HOH 378 ? ? O A HOH 388 ? ? 2.00 
3 1 OD2 A ASP 14  ? A O A HOH 302 ? ? 2.04 
4 1 O   A HOH 372 ? ? O A HOH 385 ? ? 2.08 
5 1 OE1 A GLN 64  ? A O A HOH 303 ? ? 2.16 
6 1 O   A HOH 361 ? ? O A HOH 373 ? ? 2.16 
# 
loop_
_pdbx_validate_symm_contact.id 
_pdbx_validate_symm_contact.PDB_model_num 
_pdbx_validate_symm_contact.auth_atom_id_1 
_pdbx_validate_symm_contact.auth_asym_id_1 
_pdbx_validate_symm_contact.auth_comp_id_1 
_pdbx_validate_symm_contact.auth_seq_id_1 
_pdbx_validate_symm_contact.PDB_ins_code_1 
_pdbx_validate_symm_contact.label_alt_id_1 
_pdbx_validate_symm_contact.site_symmetry_1 
_pdbx_validate_symm_contact.auth_atom_id_2 
_pdbx_validate_symm_contact.auth_asym_id_2 
_pdbx_validate_symm_contact.auth_comp_id_2 
_pdbx_validate_symm_contact.auth_seq_id_2 
_pdbx_validate_symm_contact.PDB_ins_code_2 
_pdbx_validate_symm_contact.label_alt_id_2 
_pdbx_validate_symm_contact.site_symmetry_2 
_pdbx_validate_symm_contact.dist 
1 1 O A HOH 346 ? ? 1_555 O A HOH 346 ? ? 14_555 1.93 
2 1 O A HOH 346 ? ? 1_555 O A HOH 380 ? ? 14_555 2.00 
# 
_pdbx_validate_torsion.id              1 
_pdbx_validate_torsion.PDB_model_num   1 
_pdbx_validate_torsion.auth_comp_id    SER 
_pdbx_validate_torsion.auth_asym_id    A 
_pdbx_validate_torsion.auth_seq_id     93 
_pdbx_validate_torsion.PDB_ins_code    ? 
_pdbx_validate_torsion.label_alt_id    ? 
_pdbx_validate_torsion.phi             -129.17 
_pdbx_validate_torsion.psi             -66.14 
# 
loop_
_pdbx_unobs_or_zero_occ_residues.id 
_pdbx_unobs_or_zero_occ_residues.PDB_model_num 
_pdbx_unobs_or_zero_occ_residues.polymer_flag 
_pdbx_unobs_or_zero_occ_residues.occupancy_flag 
_pdbx_unobs_or_zero_occ_residues.auth_asym_id 
_pdbx_unobs_or_zero_occ_residues.auth_comp_id 
_pdbx_unobs_or_zero_occ_residues.auth_seq_id 
_pdbx_unobs_or_zero_occ_residues.PDB_ins_code 
_pdbx_unobs_or_zero_occ_residues.label_asym_id 
_pdbx_unobs_or_zero_occ_residues.label_comp_id 
_pdbx_unobs_or_zero_occ_residues.label_seq_id 
1  1 Y 1 A MET -23 ? A MET 1   
2  1 Y 1 A HIS -22 ? A HIS 2   
3  1 Y 1 A HIS -21 ? A HIS 3   
4  1 Y 1 A HIS -20 ? A HIS 4   
5  1 Y 1 A HIS -19 ? A HIS 5   
6  1 Y 1 A HIS -18 ? A HIS 6   
7  1 Y 1 A HIS -17 ? A HIS 7   
8  1 Y 1 A SER -16 ? A SER 8   
9  1 Y 1 A SER -15 ? A SER 9   
10 1 Y 1 A GLY -14 ? A GLY 10  
11 1 Y 1 A VAL -13 ? A VAL 11  
12 1 Y 1 A ASP -12 ? A ASP 12  
13 1 Y 1 A LEU -11 ? A LEU 13  
14 1 Y 1 A GLY -10 ? A GLY 14  
15 1 Y 1 A THR -9  ? A THR 15  
16 1 Y 1 A GLU -8  ? A GLU 16  
17 1 Y 1 A ASN -7  ? A ASN 17  
18 1 Y 1 A LEU -6  ? A LEU 18  
19 1 Y 1 A TYR -5  ? A TYR 19  
20 1 Y 1 A PHE -4  ? A PHE 20  
21 1 Y 1 A GLN -3  ? A GLN 21  
22 1 Y 1 A SER -2  ? A SER 22  
23 1 Y 1 A ASN -1  ? A ASN 23  
24 1 Y 1 A ALA 0   ? A ALA 24  
25 1 Y 1 A MET 1   ? A MET 25  
26 1 Y 1 A ALA 2   ? A ALA 26  
27 1 Y 1 A GLU 3   ? A GLU 27  
28 1 Y 1 A GLN 4   ? A GLN 28  
29 1 Y 1 A PRO 5   ? A PRO 29  
30 1 Y 1 A PRO 6   ? A PRO 30  
31 1 Y 1 A GLU 7   ? A GLU 31  
32 1 Y 1 A THR 8   ? A THR 32  
33 1 Y 1 A HIS 9   ? A HIS 33  
34 1 Y 1 A HIS 149 ? A HIS 173 
35 1 Y 1 A VAL 150 ? A VAL 174 
36 1 Y 1 A PRO 151 ? A PRO 175 
37 1 Y 1 A VAL 152 ? A VAL 176 
38 1 Y 1 A GLU 153 ? A GLU 177 
39 1 Y 1 A GLU 154 ? A GLU 178 
40 1 Y 1 A PRO 155 ? A PRO 179 
41 1 Y 1 A GLU 156 ? A GLU 180 
42 1 Y 1 A GLU 157 ? A GLU 181 
43 1 Y 1 A ASP 158 ? A ASP 182 
# 
loop_
_chem_comp_atom.comp_id 
_chem_comp_atom.atom_id 
_chem_comp_atom.type_symbol 
_chem_comp_atom.pdbx_aromatic_flag 
_chem_comp_atom.pdbx_stereo_config 
_chem_comp_atom.pdbx_ordinal 
ALA N      N N N 1   
ALA CA     C N S 2   
ALA C      C N N 3   
ALA O      O N N 4   
ALA CB     C N N 5   
ALA OXT    O N N 6   
ALA H      H N N 7   
ALA H2     H N N 8   
ALA HA     H N N 9   
ALA HB1    H N N 10  
ALA HB2    H N N 11  
ALA HB3    H N N 12  
ALA HXT    H N N 13  
ARG N      N N N 14  
ARG CA     C N S 15  
ARG C      C N N 16  
ARG O      O N N 17  
ARG CB     C N N 18  
ARG CG     C N N 19  
ARG CD     C N N 20  
ARG NE     N N N 21  
ARG CZ     C N N 22  
ARG NH1    N N N 23  
ARG NH2    N N N 24  
ARG OXT    O N N 25  
ARG H      H N N 26  
ARG H2     H N N 27  
ARG HA     H N N 28  
ARG HB2    H N N 29  
ARG HB3    H N N 30  
ARG HG2    H N N 31  
ARG HG3    H N N 32  
ARG HD2    H N N 33  
ARG HD3    H N N 34  
ARG HE     H N N 35  
ARG HH11   H N N 36  
ARG HH12   H N N 37  
ARG HH21   H N N 38  
ARG HH22   H N N 39  
ARG HXT    H N N 40  
ASN N      N N N 41  
ASN CA     C N S 42  
ASN C      C N N 43  
ASN O      O N N 44  
ASN CB     C N N 45  
ASN CG     C N N 46  
ASN OD1    O N N 47  
ASN ND2    N N N 48  
ASN OXT    O N N 49  
ASN H      H N N 50  
ASN H2     H N N 51  
ASN HA     H N N 52  
ASN HB2    H N N 53  
ASN HB3    H N N 54  
ASN HD21   H N N 55  
ASN HD22   H N N 56  
ASN HXT    H N N 57  
ASP N      N N N 58  
ASP CA     C N S 59  
ASP C      C N N 60  
ASP O      O N N 61  
ASP CB     C N N 62  
ASP CG     C N N 63  
ASP OD1    O N N 64  
ASP OD2    O N N 65  
ASP OXT    O N N 66  
ASP H      H N N 67  
ASP H2     H N N 68  
ASP HA     H N N 69  
ASP HB2    H N N 70  
ASP HB3    H N N 71  
ASP HD2    H N N 72  
ASP HXT    H N N 73  
GLN N      N N N 74  
GLN CA     C N S 75  
GLN C      C N N 76  
GLN O      O N N 77  
GLN CB     C N N 78  
GLN CG     C N N 79  
GLN CD     C N N 80  
GLN OE1    O N N 81  
GLN NE2    N N N 82  
GLN OXT    O N N 83  
GLN H      H N N 84  
GLN H2     H N N 85  
GLN HA     H N N 86  
GLN HB2    H N N 87  
GLN HB3    H N N 88  
GLN HG2    H N N 89  
GLN HG3    H N N 90  
GLN HE21   H N N 91  
GLN HE22   H N N 92  
GLN HXT    H N N 93  
GLU N      N N N 94  
GLU CA     C N S 95  
GLU C      C N N 96  
GLU O      O N N 97  
GLU CB     C N N 98  
GLU CG     C N N 99  
GLU CD     C N N 100 
GLU OE1    O N N 101 
GLU OE2    O N N 102 
GLU OXT    O N N 103 
GLU H      H N N 104 
GLU H2     H N N 105 
GLU HA     H N N 106 
GLU HB2    H N N 107 
GLU HB3    H N N 108 
GLU HG2    H N N 109 
GLU HG3    H N N 110 
GLU HE2    H N N 111 
GLU HXT    H N N 112 
GLY N      N N N 113 
GLY CA     C N N 114 
GLY C      C N N 115 
GLY O      O N N 116 
GLY OXT    O N N 117 
GLY H      H N N 118 
GLY H2     H N N 119 
GLY HA2    H N N 120 
GLY HA3    H N N 121 
GLY HXT    H N N 122 
HIS N      N N N 123 
HIS CA     C N S 124 
HIS C      C N N 125 
HIS O      O N N 126 
HIS CB     C N N 127 
HIS CG     C Y N 128 
HIS ND1    N Y N 129 
HIS CD2    C Y N 130 
HIS CE1    C Y N 131 
HIS NE2    N Y N 132 
HIS OXT    O N N 133 
HIS H      H N N 134 
HIS H2     H N N 135 
HIS HA     H N N 136 
HIS HB2    H N N 137 
HIS HB3    H N N 138 
HIS HD1    H N N 139 
HIS HD2    H N N 140 
HIS HE1    H N N 141 
HIS HE2    H N N 142 
HIS HXT    H N N 143 
HOH O      O N N 144 
HOH H1     H N N 145 
HOH H2     H N N 146 
ILE N      N N N 147 
ILE CA     C N S 148 
ILE C      C N N 149 
ILE O      O N N 150 
ILE CB     C N S 151 
ILE CG1    C N N 152 
ILE CG2    C N N 153 
ILE CD1    C N N 154 
ILE OXT    O N N 155 
ILE H      H N N 156 
ILE H2     H N N 157 
ILE HA     H N N 158 
ILE HB     H N N 159 
ILE HG12   H N N 160 
ILE HG13   H N N 161 
ILE HG21   H N N 162 
ILE HG22   H N N 163 
ILE HG23   H N N 164 
ILE HD11   H N N 165 
ILE HD12   H N N 166 
ILE HD13   H N N 167 
ILE HXT    H N N 168 
LEU N      N N N 169 
LEU CA     C N S 170 
LEU C      C N N 171 
LEU O      O N N 172 
LEU CB     C N N 173 
LEU CG     C N N 174 
LEU CD1    C N N 175 
LEU CD2    C N N 176 
LEU OXT    O N N 177 
LEU H      H N N 178 
LEU H2     H N N 179 
LEU HA     H N N 180 
LEU HB2    H N N 181 
LEU HB3    H N N 182 
LEU HG     H N N 183 
LEU HD11   H N N 184 
LEU HD12   H N N 185 
LEU HD13   H N N 186 
LEU HD21   H N N 187 
LEU HD22   H N N 188 
LEU HD23   H N N 189 
LEU HXT    H N N 190 
LYS N      N N N 191 
LYS CA     C N S 192 
LYS C      C N N 193 
LYS O      O N N 194 
LYS CB     C N N 195 
LYS CG     C N N 196 
LYS CD     C N N 197 
LYS CE     C N N 198 
LYS NZ     N N N 199 
LYS OXT    O N N 200 
LYS H      H N N 201 
LYS H2     H N N 202 
LYS HA     H N N 203 
LYS HB2    H N N 204 
LYS HB3    H N N 205 
LYS HG2    H N N 206 
LYS HG3    H N N 207 
LYS HD2    H N N 208 
LYS HD3    H N N 209 
LYS HE2    H N N 210 
LYS HE3    H N N 211 
LYS HZ1    H N N 212 
LYS HZ2    H N N 213 
LYS HZ3    H N N 214 
LYS HXT    H N N 215 
MET N      N N N 216 
MET CA     C N S 217 
MET C      C N N 218 
MET O      O N N 219 
MET CB     C N N 220 
MET CG     C N N 221 
MET SD     S N N 222 
MET CE     C N N 223 
MET OXT    O N N 224 
MET H      H N N 225 
MET H2     H N N 226 
MET HA     H N N 227 
MET HB2    H N N 228 
MET HB3    H N N 229 
MET HG2    H N N 230 
MET HG3    H N N 231 
MET HE1    H N N 232 
MET HE2    H N N 233 
MET HE3    H N N 234 
MET HXT    H N N 235 
PHE N      N N N 236 
PHE CA     C N S 237 
PHE C      C N N 238 
PHE O      O N N 239 
PHE CB     C N N 240 
PHE CG     C Y N 241 
PHE CD1    C Y N 242 
PHE CD2    C Y N 243 
PHE CE1    C Y N 244 
PHE CE2    C Y N 245 
PHE CZ     C Y N 246 
PHE OXT    O N N 247 
PHE H      H N N 248 
PHE H2     H N N 249 
PHE HA     H N N 250 
PHE HB2    H N N 251 
PHE HB3    H N N 252 
PHE HD1    H N N 253 
PHE HD2    H N N 254 
PHE HE1    H N N 255 
PHE HE2    H N N 256 
PHE HZ     H N N 257 
PHE HXT    H N N 258 
PRO N      N N N 259 
PRO CA     C N S 260 
PRO C      C N N 261 
PRO O      O N N 262 
PRO CB     C N N 263 
PRO CG     C N N 264 
PRO CD     C N N 265 
PRO OXT    O N N 266 
PRO H      H N N 267 
PRO HA     H N N 268 
PRO HB2    H N N 269 
PRO HB3    H N N 270 
PRO HG2    H N N 271 
PRO HG3    H N N 272 
PRO HD2    H N N 273 
PRO HD3    H N N 274 
PRO HXT    H N N 275 
SAL "C1'"  C N N 276 
SAL "O1'"  O N N 277 
SAL "O2'"  O N N 278 
SAL C1     C Y N 279 
SAL C2     C Y N 280 
SAL C3     C Y N 281 
SAL C4     C Y N 282 
SAL C5     C Y N 283 
SAL C6     C Y N 284 
SAL O2     O N N 285 
SAL "HO2'" H N N 286 
SAL H3     H N N 287 
SAL H4     H N N 288 
SAL H5     H N N 289 
SAL H6     H N N 290 
SAL HO2    H N N 291 
SER N      N N N 292 
SER CA     C N S 293 
SER C      C N N 294 
SER O      O N N 295 
SER CB     C N N 296 
SER OG     O N N 297 
SER OXT    O N N 298 
SER H      H N N 299 
SER H2     H N N 300 
SER HA     H N N 301 
SER HB2    H N N 302 
SER HB3    H N N 303 
SER HG     H N N 304 
SER HXT    H N N 305 
SO4 S      S N N 306 
SO4 O1     O N N 307 
SO4 O2     O N N 308 
SO4 O3     O N N 309 
SO4 O4     O N N 310 
THR N      N N N 311 
THR CA     C N S 312 
THR C      C N N 313 
THR O      O N N 314 
THR CB     C N R 315 
THR OG1    O N N 316 
THR CG2    C N N 317 
THR OXT    O N N 318 
THR H      H N N 319 
THR H2     H N N 320 
THR HA     H N N 321 
THR HB     H N N 322 
THR HG1    H N N 323 
THR HG21   H N N 324 
THR HG22   H N N 325 
THR HG23   H N N 326 
THR HXT    H N N 327 
TRP N      N N N 328 
TRP CA     C N S 329 
TRP C      C N N 330 
TRP O      O N N 331 
TRP CB     C N N 332 
TRP CG     C Y N 333 
TRP CD1    C Y N 334 
TRP CD2    C Y N 335 
TRP NE1    N Y N 336 
TRP CE2    C Y N 337 
TRP CE3    C Y N 338 
TRP CZ2    C Y N 339 
TRP CZ3    C Y N 340 
TRP CH2    C Y N 341 
TRP OXT    O N N 342 
TRP H      H N N 343 
TRP H2     H N N 344 
TRP HA     H N N 345 
TRP HB2    H N N 346 
TRP HB3    H N N 347 
TRP HD1    H N N 348 
TRP HE1    H N N 349 
TRP HE3    H N N 350 
TRP HZ2    H N N 351 
TRP HZ3    H N N 352 
TRP HH2    H N N 353 
TRP HXT    H N N 354 
TYR N      N N N 355 
TYR CA     C N S 356 
TYR C      C N N 357 
TYR O      O N N 358 
TYR CB     C N N 359 
TYR CG     C Y N 360 
TYR CD1    C Y N 361 
TYR CD2    C Y N 362 
TYR CE1    C Y N 363 
TYR CE2    C Y N 364 
TYR CZ     C Y N 365 
TYR OH     O N N 366 
TYR OXT    O N N 367 
TYR H      H N N 368 
TYR H2     H N N 369 
TYR HA     H N N 370 
TYR HB2    H N N 371 
TYR HB3    H N N 372 
TYR HD1    H N N 373 
TYR HD2    H N N 374 
TYR HE1    H N N 375 
TYR HE2    H N N 376 
TYR HH     H N N 377 
TYR HXT    H N N 378 
VAL N      N N N 379 
VAL CA     C N S 380 
VAL C      C N N 381 
VAL O      O N N 382 
VAL CB     C N N 383 
VAL CG1    C N N 384 
VAL CG2    C N N 385 
VAL OXT    O N N 386 
VAL H      H N N 387 
VAL H2     H N N 388 
VAL HA     H N N 389 
VAL HB     H N N 390 
VAL HG11   H N N 391 
VAL HG12   H N N 392 
VAL HG13   H N N 393 
VAL HG21   H N N 394 
VAL HG22   H N N 395 
VAL HG23   H N N 396 
VAL HXT    H N N 397 
# 
loop_
_chem_comp_bond.comp_id 
_chem_comp_bond.atom_id_1 
_chem_comp_bond.atom_id_2 
_chem_comp_bond.value_order 
_chem_comp_bond.pdbx_aromatic_flag 
_chem_comp_bond.pdbx_stereo_config 
_chem_comp_bond.pdbx_ordinal 
ALA N     CA     sing N N 1   
ALA N     H      sing N N 2   
ALA N     H2     sing N N 3   
ALA CA    C      sing N N 4   
ALA CA    CB     sing N N 5   
ALA CA    HA     sing N N 6   
ALA C     O      doub N N 7   
ALA C     OXT    sing N N 8   
ALA CB    HB1    sing N N 9   
ALA CB    HB2    sing N N 10  
ALA CB    HB3    sing N N 11  
ALA OXT   HXT    sing N N 12  
ARG N     CA     sing N N 13  
ARG N     H      sing N N 14  
ARG N     H2     sing N N 15  
ARG CA    C      sing N N 16  
ARG CA    CB     sing N N 17  
ARG CA    HA     sing N N 18  
ARG C     O      doub N N 19  
ARG C     OXT    sing N N 20  
ARG CB    CG     sing N N 21  
ARG CB    HB2    sing N N 22  
ARG CB    HB3    sing N N 23  
ARG CG    CD     sing N N 24  
ARG CG    HG2    sing N N 25  
ARG CG    HG3    sing N N 26  
ARG CD    NE     sing N N 27  
ARG CD    HD2    sing N N 28  
ARG CD    HD3    sing N N 29  
ARG NE    CZ     sing N N 30  
ARG NE    HE     sing N N 31  
ARG CZ    NH1    sing N N 32  
ARG CZ    NH2    doub N N 33  
ARG NH1   HH11   sing N N 34  
ARG NH1   HH12   sing N N 35  
ARG NH2   HH21   sing N N 36  
ARG NH2   HH22   sing N N 37  
ARG OXT   HXT    sing N N 38  
ASN N     CA     sing N N 39  
ASN N     H      sing N N 40  
ASN N     H2     sing N N 41  
ASN CA    C      sing N N 42  
ASN CA    CB     sing N N 43  
ASN CA    HA     sing N N 44  
ASN C     O      doub N N 45  
ASN C     OXT    sing N N 46  
ASN CB    CG     sing N N 47  
ASN CB    HB2    sing N N 48  
ASN CB    HB3    sing N N 49  
ASN CG    OD1    doub N N 50  
ASN CG    ND2    sing N N 51  
ASN ND2   HD21   sing N N 52  
ASN ND2   HD22   sing N N 53  
ASN OXT   HXT    sing N N 54  
ASP N     CA     sing N N 55  
ASP N     H      sing N N 56  
ASP N     H2     sing N N 57  
ASP CA    C      sing N N 58  
ASP CA    CB     sing N N 59  
ASP CA    HA     sing N N 60  
ASP C     O      doub N N 61  
ASP C     OXT    sing N N 62  
ASP CB    CG     sing N N 63  
ASP CB    HB2    sing N N 64  
ASP CB    HB3    sing N N 65  
ASP CG    OD1    doub N N 66  
ASP CG    OD2    sing N N 67  
ASP OD2   HD2    sing N N 68  
ASP OXT   HXT    sing N N 69  
GLN N     CA     sing N N 70  
GLN N     H      sing N N 71  
GLN N     H2     sing N N 72  
GLN CA    C      sing N N 73  
GLN CA    CB     sing N N 74  
GLN CA    HA     sing N N 75  
GLN C     O      doub N N 76  
GLN C     OXT    sing N N 77  
GLN CB    CG     sing N N 78  
GLN CB    HB2    sing N N 79  
GLN CB    HB3    sing N N 80  
GLN CG    CD     sing N N 81  
GLN CG    HG2    sing N N 82  
GLN CG    HG3    sing N N 83  
GLN CD    OE1    doub N N 84  
GLN CD    NE2    sing N N 85  
GLN NE2   HE21   sing N N 86  
GLN NE2   HE22   sing N N 87  
GLN OXT   HXT    sing N N 88  
GLU N     CA     sing N N 89  
GLU N     H      sing N N 90  
GLU N     H2     sing N N 91  
GLU CA    C      sing N N 92  
GLU CA    CB     sing N N 93  
GLU CA    HA     sing N N 94  
GLU C     O      doub N N 95  
GLU C     OXT    sing N N 96  
GLU CB    CG     sing N N 97  
GLU CB    HB2    sing N N 98  
GLU CB    HB3    sing N N 99  
GLU CG    CD     sing N N 100 
GLU CG    HG2    sing N N 101 
GLU CG    HG3    sing N N 102 
GLU CD    OE1    doub N N 103 
GLU CD    OE2    sing N N 104 
GLU OE2   HE2    sing N N 105 
GLU OXT   HXT    sing N N 106 
GLY N     CA     sing N N 107 
GLY N     H      sing N N 108 
GLY N     H2     sing N N 109 
GLY CA    C      sing N N 110 
GLY CA    HA2    sing N N 111 
GLY CA    HA3    sing N N 112 
GLY C     O      doub N N 113 
GLY C     OXT    sing N N 114 
GLY OXT   HXT    sing N N 115 
HIS N     CA     sing N N 116 
HIS N     H      sing N N 117 
HIS N     H2     sing N N 118 
HIS CA    C      sing N N 119 
HIS CA    CB     sing N N 120 
HIS CA    HA     sing N N 121 
HIS C     O      doub N N 122 
HIS C     OXT    sing N N 123 
HIS CB    CG     sing N N 124 
HIS CB    HB2    sing N N 125 
HIS CB    HB3    sing N N 126 
HIS CG    ND1    sing Y N 127 
HIS CG    CD2    doub Y N 128 
HIS ND1   CE1    doub Y N 129 
HIS ND1   HD1    sing N N 130 
HIS CD2   NE2    sing Y N 131 
HIS CD2   HD2    sing N N 132 
HIS CE1   NE2    sing Y N 133 
HIS CE1   HE1    sing N N 134 
HIS NE2   HE2    sing N N 135 
HIS OXT   HXT    sing N N 136 
HOH O     H1     sing N N 137 
HOH O     H2     sing N N 138 
ILE N     CA     sing N N 139 
ILE N     H      sing N N 140 
ILE N     H2     sing N N 141 
ILE CA    C      sing N N 142 
ILE CA    CB     sing N N 143 
ILE CA    HA     sing N N 144 
ILE C     O      doub N N 145 
ILE C     OXT    sing N N 146 
ILE CB    CG1    sing N N 147 
ILE CB    CG2    sing N N 148 
ILE CB    HB     sing N N 149 
ILE CG1   CD1    sing N N 150 
ILE CG1   HG12   sing N N 151 
ILE CG1   HG13   sing N N 152 
ILE CG2   HG21   sing N N 153 
ILE CG2   HG22   sing N N 154 
ILE CG2   HG23   sing N N 155 
ILE CD1   HD11   sing N N 156 
ILE CD1   HD12   sing N N 157 
ILE CD1   HD13   sing N N 158 
ILE OXT   HXT    sing N N 159 
LEU N     CA     sing N N 160 
LEU N     H      sing N N 161 
LEU N     H2     sing N N 162 
LEU CA    C      sing N N 163 
LEU CA    CB     sing N N 164 
LEU CA    HA     sing N N 165 
LEU C     O      doub N N 166 
LEU C     OXT    sing N N 167 
LEU CB    CG     sing N N 168 
LEU CB    HB2    sing N N 169 
LEU CB    HB3    sing N N 170 
LEU CG    CD1    sing N N 171 
LEU CG    CD2    sing N N 172 
LEU CG    HG     sing N N 173 
LEU CD1   HD11   sing N N 174 
LEU CD1   HD12   sing N N 175 
LEU CD1   HD13   sing N N 176 
LEU CD2   HD21   sing N N 177 
LEU CD2   HD22   sing N N 178 
LEU CD2   HD23   sing N N 179 
LEU OXT   HXT    sing N N 180 
LYS N     CA     sing N N 181 
LYS N     H      sing N N 182 
LYS N     H2     sing N N 183 
LYS CA    C      sing N N 184 
LYS CA    CB     sing N N 185 
LYS CA    HA     sing N N 186 
LYS C     O      doub N N 187 
LYS C     OXT    sing N N 188 
LYS CB    CG     sing N N 189 
LYS CB    HB2    sing N N 190 
LYS CB    HB3    sing N N 191 
LYS CG    CD     sing N N 192 
LYS CG    HG2    sing N N 193 
LYS CG    HG3    sing N N 194 
LYS CD    CE     sing N N 195 
LYS CD    HD2    sing N N 196 
LYS CD    HD3    sing N N 197 
LYS CE    NZ     sing N N 198 
LYS CE    HE2    sing N N 199 
LYS CE    HE3    sing N N 200 
LYS NZ    HZ1    sing N N 201 
LYS NZ    HZ2    sing N N 202 
LYS NZ    HZ3    sing N N 203 
LYS OXT   HXT    sing N N 204 
MET N     CA     sing N N 205 
MET N     H      sing N N 206 
MET N     H2     sing N N 207 
MET CA    C      sing N N 208 
MET CA    CB     sing N N 209 
MET CA    HA     sing N N 210 
MET C     O      doub N N 211 
MET C     OXT    sing N N 212 
MET CB    CG     sing N N 213 
MET CB    HB2    sing N N 214 
MET CB    HB3    sing N N 215 
MET CG    SD     sing N N 216 
MET CG    HG2    sing N N 217 
MET CG    HG3    sing N N 218 
MET SD    CE     sing N N 219 
MET CE    HE1    sing N N 220 
MET CE    HE2    sing N N 221 
MET CE    HE3    sing N N 222 
MET OXT   HXT    sing N N 223 
PHE N     CA     sing N N 224 
PHE N     H      sing N N 225 
PHE N     H2     sing N N 226 
PHE CA    C      sing N N 227 
PHE CA    CB     sing N N 228 
PHE CA    HA     sing N N 229 
PHE C     O      doub N N 230 
PHE C     OXT    sing N N 231 
PHE CB    CG     sing N N 232 
PHE CB    HB2    sing N N 233 
PHE CB    HB3    sing N N 234 
PHE CG    CD1    doub Y N 235 
PHE CG    CD2    sing Y N 236 
PHE CD1   CE1    sing Y N 237 
PHE CD1   HD1    sing N N 238 
PHE CD2   CE2    doub Y N 239 
PHE CD2   HD2    sing N N 240 
PHE CE1   CZ     doub Y N 241 
PHE CE1   HE1    sing N N 242 
PHE CE2   CZ     sing Y N 243 
PHE CE2   HE2    sing N N 244 
PHE CZ    HZ     sing N N 245 
PHE OXT   HXT    sing N N 246 
PRO N     CA     sing N N 247 
PRO N     CD     sing N N 248 
PRO N     H      sing N N 249 
PRO CA    C      sing N N 250 
PRO CA    CB     sing N N 251 
PRO CA    HA     sing N N 252 
PRO C     O      doub N N 253 
PRO C     OXT    sing N N 254 
PRO CB    CG     sing N N 255 
PRO CB    HB2    sing N N 256 
PRO CB    HB3    sing N N 257 
PRO CG    CD     sing N N 258 
PRO CG    HG2    sing N N 259 
PRO CG    HG3    sing N N 260 
PRO CD    HD2    sing N N 261 
PRO CD    HD3    sing N N 262 
PRO OXT   HXT    sing N N 263 
SAL "C1'" "O1'"  doub N N 264 
SAL "C1'" "O2'"  sing N N 265 
SAL "C1'" C1     sing N N 266 
SAL "O2'" "HO2'" sing N N 267 
SAL C1    C2     sing Y N 268 
SAL C1    C6     doub Y N 269 
SAL C2    C3     doub Y N 270 
SAL C2    O2     sing N N 271 
SAL C3    C4     sing Y N 272 
SAL C3    H3     sing N N 273 
SAL C4    C5     doub Y N 274 
SAL C4    H4     sing N N 275 
SAL C5    C6     sing Y N 276 
SAL C5    H5     sing N N 277 
SAL C6    H6     sing N N 278 
SAL O2    HO2    sing N N 279 
SER N     CA     sing N N 280 
SER N     H      sing N N 281 
SER N     H2     sing N N 282 
SER CA    C      sing N N 283 
SER CA    CB     sing N N 284 
SER CA    HA     sing N N 285 
SER C     O      doub N N 286 
SER C     OXT    sing N N 287 
SER CB    OG     sing N N 288 
SER CB    HB2    sing N N 289 
SER CB    HB3    sing N N 290 
SER OG    HG     sing N N 291 
SER OXT   HXT    sing N N 292 
SO4 S     O1     doub N N 293 
SO4 S     O2     doub N N 294 
SO4 S     O3     sing N N 295 
SO4 S     O4     sing N N 296 
THR N     CA     sing N N 297 
THR N     H      sing N N 298 
THR N     H2     sing N N 299 
THR CA    C      sing N N 300 
THR CA    CB     sing N N 301 
THR CA    HA     sing N N 302 
THR C     O      doub N N 303 
THR C     OXT    sing N N 304 
THR CB    OG1    sing N N 305 
THR CB    CG2    sing N N 306 
THR CB    HB     sing N N 307 
THR OG1   HG1    sing N N 308 
THR CG2   HG21   sing N N 309 
THR CG2   HG22   sing N N 310 
THR CG2   HG23   sing N N 311 
THR OXT   HXT    sing N N 312 
TRP N     CA     sing N N 313 
TRP N     H      sing N N 314 
TRP N     H2     sing N N 315 
TRP CA    C      sing N N 316 
TRP CA    CB     sing N N 317 
TRP CA    HA     sing N N 318 
TRP C     O      doub N N 319 
TRP C     OXT    sing N N 320 
TRP CB    CG     sing N N 321 
TRP CB    HB2    sing N N 322 
TRP CB    HB3    sing N N 323 
TRP CG    CD1    doub Y N 324 
TRP CG    CD2    sing Y N 325 
TRP CD1   NE1    sing Y N 326 
TRP CD1   HD1    sing N N 327 
TRP CD2   CE2    doub Y N 328 
TRP CD2   CE3    sing Y N 329 
TRP NE1   CE2    sing Y N 330 
TRP NE1   HE1    sing N N 331 
TRP CE2   CZ2    sing Y N 332 
TRP CE3   CZ3    doub Y N 333 
TRP CE3   HE3    sing N N 334 
TRP CZ2   CH2    doub Y N 335 
TRP CZ2   HZ2    sing N N 336 
TRP CZ3   CH2    sing Y N 337 
TRP CZ3   HZ3    sing N N 338 
TRP CH2   HH2    sing N N 339 
TRP OXT   HXT    sing N N 340 
TYR N     CA     sing N N 341 
TYR N     H      sing N N 342 
TYR N     H2     sing N N 343 
TYR CA    C      sing N N 344 
TYR CA    CB     sing N N 345 
TYR CA    HA     sing N N 346 
TYR C     O      doub N N 347 
TYR C     OXT    sing N N 348 
TYR CB    CG     sing N N 349 
TYR CB    HB2    sing N N 350 
TYR CB    HB3    sing N N 351 
TYR CG    CD1    doub Y N 352 
TYR CG    CD2    sing Y N 353 
TYR CD1   CE1    sing Y N 354 
TYR CD1   HD1    sing N N 355 
TYR CD2   CE2    doub Y N 356 
TYR CD2   HD2    sing N N 357 
TYR CE1   CZ     doub Y N 358 
TYR CE1   HE1    sing N N 359 
TYR CE2   CZ     sing Y N 360 
TYR CE2   HE2    sing N N 361 
TYR CZ    OH     sing N N 362 
TYR OH    HH     sing N N 363 
TYR OXT   HXT    sing N N 364 
VAL N     CA     sing N N 365 
VAL N     H      sing N N 366 
VAL N     H2     sing N N 367 
VAL CA    C      sing N N 368 
VAL CA    CB     sing N N 369 
VAL CA    HA     sing N N 370 
VAL C     O      doub N N 371 
VAL C     OXT    sing N N 372 
VAL CB    CG1    sing N N 373 
VAL CB    CG2    sing N N 374 
VAL CB    HB     sing N N 375 
VAL CG1   HG11   sing N N 376 
VAL CG1   HG12   sing N N 377 
VAL CG1   HG13   sing N N 378 
VAL CG2   HG21   sing N N 379 
VAL CG2   HG22   sing N N 380 
VAL CG2   HG23   sing N N 381 
VAL OXT   HXT    sing N N 382 
# 
_pdbx_audit_support.funding_organization   'National Science Foundation (NSF, United States)' 
_pdbx_audit_support.country                'United States' 
_pdbx_audit_support.grant_number           IOS-1917270 
_pdbx_audit_support.ordinal                1 
# 
loop_
_pdbx_entity_nonpoly.entity_id 
_pdbx_entity_nonpoly.name 
_pdbx_entity_nonpoly.comp_id 
2 '2-HYDROXYBENZOIC ACID' SAL 
3 'SULFATE ION'           SO4 
4 water                   HOH 
# 
_pdbx_initial_refinement_model.id               1 
_pdbx_initial_refinement_model.entity_id_list   ? 
_pdbx_initial_refinement_model.type             'experimental model' 
_pdbx_initial_refinement_model.source_name      PDB 
_pdbx_initial_refinement_model.accession_code   7KFO 
_pdbx_initial_refinement_model.details          ? 
# 
_pdbx_struct_assembly_auth_evidence.id                     1 
_pdbx_struct_assembly_auth_evidence.assembly_id            1 
_pdbx_struct_assembly_auth_evidence.experimental_support   'gel filtration' 
_pdbx_struct_assembly_auth_evidence.details                ? 
# 
_space_group.name_H-M_alt     'F 2 2 2' 
_space_group.name_Hall        'F 2 2' 
_space_group.IT_number        22 
_space_group.crystal_system   orthorhombic 
_space_group.id               1 
# 
